data_8YG6
#
_entry.id   8YG6
#
loop_
_entity.id
_entity.type
_entity.pdbx_description
1 polymer 'Major envelope glycoprotein'
2 branched 2-acetamido-2-deoxy-beta-D-glucopyranose-(1-4)-2-acetamido-2-deoxy-beta-D-glucopyranose-(1-4)-2-acetamido-2-deoxy-beta-D-glucopyranose
3 non-polymer 2-acetamido-2-deoxy-beta-D-glucopyranose
#
_entity_poly.entity_id   1
_entity_poly.type   'polypeptide(L)'
_entity_poly.pdbx_seq_one_letter_code
;HCNAQMKTGPYKIKNLDITPPKETLQKDVEITIVETDYNENVIIGYKGYYQAYAYNGGSLDPNTRVEETMKTLNVGKEDL
LMWSIRQQCEVGEELIDRWGSDSDDCFRDNEGRGQWVKGKELVKRQNNNHFAHHTCNKSWRCGISTSKMYSRLECQDDTD
ECQVYILDAEGNPINVTVDTVLHRDGVSMILKQKSTFTTRQIKAACLLIKDDKNNPESVTREHCLIDNDIYDLSKNTWNC
KFNRCIKRKVEHRVKKRPPTWRHNVRAKYTEGDTATKGDLMHIQEELMYENDLLKMNIELMHAHINKLNNMLHDLIVSVA
KVDERLIGNLMNNSVSSTFLSDDTFLLMPCTNPPAHTSNCYNNSIYKEGRWVANTDSSQCIDFSNYKELAIDDDVEFWIP
TIGNTTYHDSWKDASGWSFIAQQKSNLITTMENTKFGGVGTSLSDITSMAEGELAAKLTSFMFGH
;
_entity_poly.pdbx_strand_id   A,B,C
#
loop_
_chem_comp.id
_chem_comp.type
_chem_comp.name
_chem_comp.formula
NAG D-saccharide, beta linking 2-acetamido-2-deoxy-beta-D-glucopyranose 'C8 H15 N O6'
#
# COMPACT_ATOMS: atom_id res chain seq x y z
N HIS A 1 10.62 14.97 15.63
CA HIS A 1 9.93 15.82 14.66
C HIS A 1 10.87 16.28 13.57
N CYS A 2 10.50 16.04 12.31
CA CYS A 2 11.31 16.49 11.20
C CYS A 2 10.91 17.92 10.85
N ASN A 3 11.39 18.40 9.70
CA ASN A 3 11.08 19.74 9.24
C ASN A 3 10.69 19.69 7.76
N ALA A 4 9.88 20.65 7.35
CA ALA A 4 9.49 20.83 5.97
C ALA A 4 10.07 22.15 5.47
N GLN A 5 10.48 22.17 4.20
CA GLN A 5 11.21 23.31 3.68
C GLN A 5 10.67 23.69 2.31
N MET A 6 11.34 24.67 1.69
CA MET A 6 10.95 25.19 0.39
C MET A 6 11.68 24.52 -0.77
N LYS A 7 12.60 23.61 -0.48
CA LYS A 7 13.42 23.00 -1.53
C LYS A 7 12.72 21.79 -2.12
N THR A 8 12.59 21.76 -3.44
CA THR A 8 11.88 20.69 -4.15
C THR A 8 12.61 20.40 -5.45
N GLY A 9 11.99 19.57 -6.29
CA GLY A 9 12.52 19.26 -7.60
C GLY A 9 11.67 18.23 -8.33
N PRO A 10 11.37 18.48 -9.60
CA PRO A 10 10.54 17.53 -10.35
C PRO A 10 11.29 16.24 -10.65
N TYR A 11 10.55 15.13 -10.67
CA TYR A 11 11.16 13.82 -10.83
C TYR A 11 10.13 12.86 -11.42
N LYS A 12 10.65 11.73 -11.92
CA LYS A 12 9.81 10.64 -12.40
C LYS A 12 10.51 9.32 -12.08
N ILE A 13 9.72 8.28 -11.87
CA ILE A 13 10.22 6.99 -11.44
C ILE A 13 10.61 6.16 -12.66
N LYS A 14 11.81 5.59 -12.62
CA LYS A 14 12.31 4.72 -13.69
C LYS A 14 12.39 3.29 -13.19
N ASN A 15 11.96 2.35 -14.04
CA ASN A 15 11.91 0.94 -13.65
C ASN A 15 13.31 0.39 -13.45
N LEU A 16 13.43 -0.57 -12.53
CA LEU A 16 14.71 -1.24 -12.28
C LEU A 16 15.12 -2.06 -13.50
N ASP A 17 16.43 -2.14 -13.72
CA ASP A 17 16.97 -2.83 -14.89
C ASP A 17 17.18 -4.30 -14.57
N ILE A 18 16.71 -5.17 -15.46
CA ILE A 18 16.90 -6.61 -15.36
C ILE A 18 17.75 -7.05 -16.53
N THR A 19 18.95 -7.55 -16.25
CA THR A 19 19.86 -7.96 -17.30
C THR A 19 19.47 -9.34 -17.81
N PRO A 20 19.22 -9.51 -19.11
CA PRO A 20 18.86 -10.82 -19.63
C PRO A 20 20.05 -11.77 -19.55
N PRO A 21 19.80 -13.08 -19.46
CA PRO A 21 20.91 -14.03 -19.42
C PRO A 21 21.68 -14.05 -20.74
N LYS A 22 22.97 -14.33 -20.63
CA LYS A 22 23.83 -14.38 -21.81
C LYS A 22 23.65 -15.69 -22.57
N GLU A 23 24.08 -15.68 -23.83
CA GLU A 23 24.05 -16.85 -24.70
C GLU A 23 22.62 -17.38 -24.87
N THR A 24 21.78 -16.52 -25.42
CA THR A 24 20.39 -16.89 -25.68
C THR A 24 20.30 -17.87 -26.85
N LEU A 25 19.23 -18.66 -26.87
CA LEU A 25 19.00 -19.59 -27.96
C LEU A 25 18.79 -18.85 -29.27
N GLN A 26 18.89 -19.59 -30.37
CA GLN A 26 18.73 -19.04 -31.71
C GLN A 26 17.30 -19.22 -32.18
N LYS A 27 16.71 -18.13 -32.67
CA LYS A 27 15.33 -18.13 -33.14
C LYS A 27 15.32 -18.31 -34.65
N ASP A 28 14.78 -19.45 -35.10
CA ASP A 28 14.79 -19.77 -36.52
C ASP A 28 13.48 -20.38 -37.02
N VAL A 29 12.39 -20.27 -36.26
CA VAL A 29 11.10 -20.84 -36.64
C VAL A 29 10.10 -19.70 -36.79
N GLU A 30 9.39 -19.69 -37.91
CA GLU A 30 8.45 -18.62 -38.20
C GLU A 30 7.08 -18.95 -37.62
N ILE A 31 6.46 -17.97 -36.97
CA ILE A 31 5.16 -18.12 -36.35
C ILE A 31 4.24 -17.00 -36.85
N THR A 32 3.00 -17.37 -37.18
CA THR A 32 2.01 -16.42 -37.66
C THR A 32 1.19 -15.91 -36.48
N ILE A 33 1.08 -14.58 -36.37
CA ILE A 33 0.38 -13.93 -35.26
C ILE A 33 -0.64 -12.96 -35.84
N VAL A 34 -1.87 -13.04 -35.36
CA VAL A 34 -2.95 -12.16 -35.78
C VAL A 34 -3.57 -11.53 -34.55
N GLU A 35 -3.74 -10.21 -34.58
CA GLU A 35 -4.34 -9.49 -33.46
C GLU A 35 -5.05 -8.26 -33.99
N THR A 36 -6.00 -7.76 -33.20
CA THR A 36 -6.78 -6.59 -33.57
C THR A 36 -5.98 -5.32 -33.36
N ASP A 37 -6.23 -4.34 -34.22
CA ASP A 37 -5.55 -3.05 -34.13
C ASP A 37 -6.05 -2.25 -32.93
N TYR A 38 -5.16 -1.42 -32.40
CA TYR A 38 -5.50 -0.55 -31.28
C TYR A 38 -6.19 0.71 -31.80
N ASN A 39 -7.42 0.93 -31.36
CA ASN A 39 -8.19 2.08 -31.83
C ASN A 39 -9.31 2.36 -30.85
N GLU A 40 -9.34 3.58 -30.32
CA GLU A 40 -10.37 3.98 -29.36
C GLU A 40 -11.76 3.94 -29.98
N ASN A 41 -11.97 4.78 -30.99
CA ASN A 41 -13.20 4.92 -31.79
C ASN A 41 -14.48 4.76 -31.00
N VAL A 42 -14.51 5.29 -29.78
CA VAL A 42 -15.73 5.43 -28.98
C VAL A 42 -15.72 6.80 -28.35
N ILE A 43 -16.85 7.50 -28.41
CA ILE A 43 -16.95 8.88 -27.95
C ILE A 43 -17.92 8.94 -26.77
N ILE A 44 -17.52 9.66 -25.72
CA ILE A 44 -18.32 9.82 -24.51
C ILE A 44 -18.42 11.31 -24.18
N GLY A 45 -19.64 11.76 -23.88
CA GLY A 45 -19.84 13.15 -23.51
C GLY A 45 -21.03 13.30 -22.59
N TYR A 46 -21.01 14.40 -21.82
CA TYR A 46 -22.08 14.70 -20.89
C TYR A 46 -22.08 16.19 -20.60
N LYS A 47 -23.21 16.68 -20.07
CA LYS A 47 -23.39 18.09 -19.80
C LYS A 47 -24.53 18.26 -18.81
N GLY A 48 -24.37 19.20 -17.88
CA GLY A 48 -25.40 19.48 -16.91
C GLY A 48 -25.19 20.85 -16.29
N TYR A 49 -26.12 21.23 -15.42
CA TYR A 49 -26.04 22.52 -14.75
C TYR A 49 -26.75 22.43 -13.40
N TYR A 50 -26.46 23.41 -12.55
CA TYR A 50 -27.06 23.51 -11.22
C TYR A 50 -27.60 24.92 -11.03
N GLN A 51 -28.81 25.01 -10.51
CA GLN A 51 -29.49 26.29 -10.33
C GLN A 51 -30.06 26.39 -8.93
N ALA A 52 -30.00 27.58 -8.35
CA ALA A 52 -30.57 27.86 -7.05
C ALA A 52 -31.31 29.19 -7.09
N TYR A 53 -32.53 29.21 -6.54
CA TYR A 53 -33.34 30.41 -6.48
C TYR A 53 -33.74 30.63 -5.02
N ALA A 54 -33.59 31.87 -4.55
CA ALA A 54 -33.81 32.18 -3.15
C ALA A 54 -34.47 33.54 -3.00
N TYR A 55 -35.23 33.70 -1.91
CA TYR A 55 -35.87 35.01 -1.64
C TYR A 55 -36.26 35.09 -0.16
N ASN A 56 -35.31 35.51 0.69
CA ASN A 56 -35.61 35.68 2.13
C ASN A 56 -36.84 36.59 2.27
N GLY A 57 -36.93 37.61 1.42
CA GLY A 57 -38.04 38.57 1.59
C GLY A 57 -38.20 38.88 3.07
N GLY A 58 -37.10 39.21 3.75
CA GLY A 58 -37.13 39.49 5.19
C GLY A 58 -36.85 38.24 5.99
N SER A 59 -37.14 38.27 7.30
CA SER A 59 -36.95 37.08 8.17
C SER A 59 -38.25 36.78 8.90
N LEU A 60 -38.22 35.87 9.87
CA LEU A 60 -39.45 35.58 10.67
C LEU A 60 -40.64 35.56 9.72
N ASP A 61 -40.47 35.04 8.50
CA ASP A 61 -41.57 35.10 7.50
C ASP A 61 -41.61 33.80 6.69
N PRO A 62 -42.76 33.47 6.04
CA PRO A 62 -42.81 32.30 5.17
C PRO A 62 -42.31 32.72 3.78
N ASN A 63 -42.17 34.04 3.56
CA ASN A 63 -41.70 34.55 2.25
C ASN A 63 -40.20 34.28 2.03
N THR A 64 -39.57 33.53 2.95
CA THR A 64 -38.15 33.15 2.78
C THR A 64 -37.93 31.68 2.40
N ARG A 65 -37.06 31.41 1.42
CA ARG A 65 -36.75 30.00 1.05
C ARG A 65 -35.62 29.97 0.02
N VAL A 66 -34.88 28.87 -0.05
CA VAL A 66 -33.80 28.72 -1.07
C VAL A 66 -33.98 27.36 -1.74
N GLU A 67 -34.67 27.33 -2.88
CA GLU A 67 -34.93 26.08 -3.58
C GLU A 67 -33.92 25.94 -4.71
N GLU A 68 -33.43 24.72 -4.90
CA GLU A 68 -32.41 24.43 -5.91
C GLU A 68 -32.81 23.22 -6.72
N THR A 69 -32.43 23.23 -8.00
CA THR A 69 -32.70 22.13 -8.91
C THR A 69 -31.42 21.77 -9.66
N MET A 70 -31.26 20.48 -9.93
CA MET A 70 -30.15 19.96 -10.72
C MET A 70 -30.70 19.21 -11.91
N LYS A 71 -30.20 19.53 -13.10
CA LYS A 71 -30.71 18.97 -14.34
C LYS A 71 -29.57 18.39 -15.16
N THR A 72 -29.90 17.37 -15.95
CA THR A 72 -28.96 16.74 -16.87
C THR A 72 -29.54 16.78 -18.27
N LEU A 73 -28.70 17.11 -19.24
CA LEU A 73 -29.13 17.30 -20.61
C LEU A 73 -28.43 16.31 -21.54
N ASN A 74 -29.14 15.94 -22.61
CA ASN A 74 -28.59 15.07 -23.63
C ASN A 74 -27.74 15.88 -24.61
N VAL A 75 -26.92 15.17 -25.37
CA VAL A 75 -26.04 15.78 -26.37
C VAL A 75 -26.37 15.21 -27.73
N GLY A 76 -26.52 16.09 -28.72
CA GLY A 76 -26.87 15.67 -30.06
C GLY A 76 -25.69 15.09 -30.83
N LYS A 77 -25.99 14.55 -32.01
CA LYS A 77 -24.96 13.94 -32.84
C LYS A 77 -23.97 14.98 -33.33
N GLU A 78 -24.47 16.07 -33.93
CA GLU A 78 -23.59 17.10 -34.47
C GLU A 78 -22.77 17.75 -33.36
N ASP A 79 -23.40 18.03 -32.21
CA ASP A 79 -22.67 18.64 -31.10
C ASP A 79 -21.56 17.73 -30.62
N LEU A 80 -21.84 16.43 -30.45
CA LEU A 80 -20.83 15.51 -29.94
C LEU A 80 -19.69 15.32 -30.94
N LEU A 81 -20.03 15.22 -32.23
CA LEU A 81 -18.98 15.10 -33.24
C LEU A 81 -18.11 16.36 -33.30
N MET A 82 -18.73 17.54 -33.20
CA MET A 82 -17.97 18.78 -33.22
C MET A 82 -17.09 18.89 -31.99
N TRP A 83 -17.60 18.47 -30.83
CA TRP A 83 -16.77 18.41 -29.62
C TRP A 83 -15.58 17.50 -29.81
N SER A 84 -15.81 16.30 -30.37
CA SER A 84 -14.73 15.36 -30.59
C SER A 84 -13.67 15.94 -31.52
N ILE A 85 -14.12 16.66 -32.56
CA ILE A 85 -13.18 17.30 -33.47
C ILE A 85 -12.37 18.38 -32.75
N ARG A 86 -13.05 19.22 -31.96
CA ARG A 86 -12.37 20.32 -31.28
C ARG A 86 -11.82 19.95 -29.91
N GLN A 87 -12.25 18.83 -29.33
CA GLN A 87 -11.84 18.44 -27.99
C GLN A 87 -12.17 19.51 -26.96
N GLN A 88 -13.41 20.01 -27.03
CA GLN A 88 -13.86 21.08 -26.15
C GLN A 88 -15.38 20.97 -25.98
N CYS A 89 -15.88 21.65 -24.95
CA CYS A 89 -17.30 21.78 -24.72
C CYS A 89 -17.81 23.08 -25.32
N GLU A 90 -19.14 23.19 -25.39
CA GLU A 90 -19.82 24.42 -25.76
C GLU A 90 -20.87 24.66 -24.68
N VAL A 91 -20.55 25.54 -23.73
CA VAL A 91 -21.27 25.63 -22.48
C VAL A 91 -21.67 27.09 -22.24
N GLY A 92 -22.64 27.27 -21.34
CA GLY A 92 -23.23 28.57 -21.07
C GLY A 92 -22.40 29.44 -20.15
N GLU A 93 -23.09 30.43 -19.55
CA GLU A 93 -22.45 31.48 -18.77
C GLU A 93 -22.59 31.19 -17.29
N GLU A 94 -21.60 31.67 -16.52
CA GLU A 94 -21.57 31.52 -15.07
C GLU A 94 -22.16 32.75 -14.41
N LEU A 95 -23.07 32.54 -13.47
CA LEU A 95 -23.70 33.63 -12.71
C LEU A 95 -23.34 33.47 -11.24
N ILE A 96 -22.75 34.52 -10.66
CA ILE A 96 -22.33 34.53 -9.27
C ILE A 96 -22.89 35.76 -8.60
N ASP A 97 -23.78 35.56 -7.61
CA ASP A 97 -24.29 36.62 -6.74
C ASP A 97 -24.89 37.77 -7.56
N ARG A 98 -25.95 37.43 -8.28
CA ARG A 98 -26.68 38.40 -9.10
C ARG A 98 -27.86 38.93 -8.31
N TRP A 99 -27.84 40.23 -8.03
CA TRP A 99 -28.96 40.89 -7.39
C TRP A 99 -30.23 40.73 -8.24
N GLY A 100 -31.31 40.28 -7.61
CA GLY A 100 -32.55 40.23 -8.36
C GLY A 100 -33.41 41.46 -8.15
N SER A 101 -33.21 42.45 -9.00
CA SER A 101 -34.10 43.58 -9.20
C SER A 101 -34.37 43.83 -10.66
N ASP A 102 -33.36 43.65 -11.52
CA ASP A 102 -33.52 43.67 -12.97
C ASP A 102 -32.64 42.59 -13.62
N SER A 103 -32.11 41.66 -12.82
CA SER A 103 -31.17 40.65 -13.30
C SER A 103 -31.73 39.27 -12.92
N ASP A 104 -32.48 38.68 -13.84
CA ASP A 104 -32.99 37.32 -13.67
C ASP A 104 -32.45 36.45 -14.80
N ASP A 105 -31.15 36.56 -15.07
CA ASP A 105 -30.52 35.84 -16.17
C ASP A 105 -30.58 34.34 -16.02
N CYS A 106 -30.86 33.82 -14.83
CA CYS A 106 -30.98 32.39 -14.60
C CYS A 106 -32.32 31.82 -15.06
N PHE A 107 -33.10 32.61 -15.82
CA PHE A 107 -34.37 32.15 -16.36
C PHE A 107 -34.47 32.24 -17.87
N ARG A 108 -33.44 32.75 -18.56
CA ARG A 108 -33.51 32.95 -20.00
C ARG A 108 -32.63 31.99 -20.80
N ASP A 109 -31.67 31.33 -20.15
CA ASP A 109 -30.77 30.40 -20.83
C ASP A 109 -30.96 29.00 -20.26
N ASN A 110 -31.21 28.04 -21.14
CA ASN A 110 -31.37 26.65 -20.74
C ASN A 110 -30.59 25.67 -21.59
N GLU A 111 -29.98 26.11 -22.70
CA GLU A 111 -29.18 25.21 -23.52
C GLU A 111 -27.71 25.27 -23.14
N GLY A 112 -27.16 26.48 -23.06
CA GLY A 112 -25.75 26.65 -22.74
C GLY A 112 -24.94 26.96 -23.98
N ARG A 113 -24.64 28.24 -24.19
CA ARG A 113 -23.94 28.68 -25.39
C ARG A 113 -22.98 29.81 -25.04
N GLY A 114 -21.93 29.95 -25.85
CA GLY A 114 -21.02 31.08 -25.80
C GLY A 114 -19.59 30.73 -25.45
N GLN A 115 -19.39 29.80 -24.52
CA GLN A 115 -18.07 29.52 -23.97
C GLN A 115 -17.60 28.13 -24.38
N TRP A 116 -16.34 28.04 -24.78
CA TRP A 116 -15.69 26.79 -25.15
C TRP A 116 -14.59 26.51 -24.13
N VAL A 117 -14.64 25.33 -23.50
CA VAL A 117 -13.67 24.94 -22.49
C VAL A 117 -13.25 23.50 -22.73
N LYS A 118 -12.11 23.14 -22.13
CA LYS A 118 -11.58 21.78 -22.20
C LYS A 118 -12.07 20.89 -21.07
N GLY A 119 -12.92 21.41 -20.18
CA GLY A 119 -13.39 20.64 -19.04
C GLY A 119 -13.65 21.53 -17.83
N LYS A 120 -14.82 21.37 -17.23
CA LYS A 120 -15.27 22.24 -16.16
C LYS A 120 -16.12 21.45 -15.17
N GLU A 121 -15.89 21.67 -13.88
CA GLU A 121 -16.69 21.07 -12.83
C GLU A 121 -17.49 22.16 -12.12
N LEU A 122 -18.77 21.86 -11.85
CA LEU A 122 -19.67 22.82 -11.25
C LEU A 122 -19.42 22.92 -9.75
N VAL A 123 -19.55 24.14 -9.22
CA VAL A 123 -19.48 24.40 -7.80
C VAL A 123 -20.79 25.05 -7.37
N LYS A 124 -21.35 24.57 -6.27
CA LYS A 124 -22.65 25.03 -5.79
C LYS A 124 -22.46 25.92 -4.58
N ARG A 125 -23.10 27.09 -4.59
CA ARG A 125 -23.02 28.04 -3.50
C ARG A 125 -24.37 28.74 -3.36
N GLN A 126 -24.75 29.00 -2.11
CA GLN A 126 -26.01 29.66 -1.80
C GLN A 126 -25.75 30.84 -0.87
N ASN A 127 -26.31 31.99 -1.22
CA ASN A 127 -26.22 33.19 -0.38
C ASN A 127 -27.46 34.04 -0.65
N ASN A 128 -28.28 34.24 0.38
CA ASN A 128 -29.51 35.00 0.24
C ASN A 128 -29.63 36.05 1.33
N ASN A 129 -28.56 36.82 1.57
CA ASN A 129 -28.57 37.81 2.64
C ASN A 129 -29.27 39.11 2.26
N HIS A 130 -29.68 39.27 1.00
CA HIS A 130 -30.36 40.48 0.56
C HIS A 130 -31.87 40.29 0.69
N PHE A 131 -32.46 40.89 1.72
CA PHE A 131 -33.87 40.62 2.04
C PHE A 131 -34.82 41.29 1.07
N ALA A 132 -34.49 42.50 0.62
CA ALA A 132 -35.46 43.29 -0.15
C ALA A 132 -35.67 42.78 -1.57
N HIS A 133 -34.81 41.89 -2.06
CA HIS A 133 -34.85 41.48 -3.45
C HIS A 133 -34.57 39.97 -3.56
N HIS A 134 -34.54 39.49 -4.81
CA HIS A 134 -34.25 38.10 -5.11
C HIS A 134 -32.77 37.89 -5.37
N THR A 135 -32.38 36.62 -5.50
CA THR A 135 -31.02 36.25 -5.86
C THR A 135 -31.04 34.85 -6.44
N CYS A 136 -30.09 34.57 -7.33
CA CYS A 136 -30.00 33.25 -7.94
C CYS A 136 -28.58 33.02 -8.44
N ASN A 137 -28.18 31.75 -8.45
CA ASN A 137 -26.86 31.33 -8.90
C ASN A 137 -27.01 30.21 -9.91
N LYS A 138 -25.97 30.03 -10.73
CA LYS A 138 -25.98 29.00 -11.75
C LYS A 138 -24.56 28.52 -12.02
N SER A 139 -24.42 27.22 -12.27
CA SER A 139 -23.14 26.61 -12.61
C SER A 139 -23.36 25.66 -13.77
N TRP A 140 -22.26 25.12 -14.29
CA TRP A 140 -22.32 24.32 -15.50
C TRP A 140 -21.31 23.17 -15.44
N ARG A 141 -21.43 22.25 -16.40
CA ARG A 141 -20.65 21.01 -16.42
C ARG A 141 -20.10 20.77 -17.82
N CYS A 142 -18.94 20.10 -17.87
CA CYS A 142 -18.29 19.73 -19.12
C CYS A 142 -17.76 18.29 -19.04
N GLY A 143 -17.56 17.69 -20.20
CA GLY A 143 -16.99 16.37 -20.29
C GLY A 143 -16.86 15.84 -21.70
N ILE A 144 -15.68 15.29 -22.02
CA ILE A 144 -15.43 14.68 -23.32
C ILE A 144 -14.22 13.77 -23.18
N SER A 145 -14.34 12.56 -23.72
CA SER A 145 -13.27 11.57 -23.64
C SER A 145 -13.54 10.46 -24.64
N THR A 146 -12.57 9.55 -24.76
CA THR A 146 -12.65 8.39 -25.64
C THR A 146 -12.19 7.15 -24.89
N SER A 147 -12.65 5.99 -25.37
CA SER A 147 -12.30 4.71 -24.76
C SER A 147 -12.33 3.63 -25.82
N LYS A 148 -11.66 2.52 -25.53
CA LYS A 148 -11.63 1.39 -26.44
C LYS A 148 -12.83 0.47 -26.21
N MET A 149 -13.21 -0.26 -27.26
CA MET A 149 -14.36 -1.15 -27.22
C MET A 149 -13.95 -2.56 -26.79
N TYR A 150 -14.77 -3.16 -25.93
CA TYR A 150 -14.59 -4.55 -25.54
C TYR A 150 -14.83 -5.45 -26.75
N SER A 151 -13.82 -6.25 -27.12
CA SER A 151 -13.89 -7.02 -28.35
C SER A 151 -13.24 -8.38 -28.12
N ARG A 152 -13.34 -9.23 -29.15
CA ARG A 152 -12.78 -10.58 -29.12
C ARG A 152 -12.51 -11.00 -30.56
N LEU A 153 -11.47 -11.81 -30.74
CA LEU A 153 -11.03 -12.25 -32.05
C LEU A 153 -11.05 -13.76 -32.13
N GLU A 154 -11.62 -14.30 -33.22
CA GLU A 154 -11.67 -15.73 -33.44
C GLU A 154 -11.40 -16.01 -34.91
N CYS A 155 -10.80 -17.17 -35.18
CA CYS A 155 -10.45 -17.57 -36.54
C CYS A 155 -10.79 -19.04 -36.74
N GLN A 156 -11.08 -19.40 -37.99
CA GLN A 156 -11.39 -20.78 -38.36
C GLN A 156 -10.19 -21.42 -39.05
N ASP A 157 -10.19 -22.75 -39.04
CA ASP A 157 -9.07 -23.53 -39.56
C ASP A 157 -9.21 -23.86 -41.04
N ASP A 158 -10.41 -24.28 -41.48
CA ASP A 158 -10.60 -24.76 -42.83
C ASP A 158 -10.56 -23.67 -43.89
N THR A 159 -10.65 -22.39 -43.50
CA THR A 159 -10.71 -21.30 -44.45
C THR A 159 -9.73 -20.17 -44.15
N ASP A 160 -9.28 -20.02 -42.90
CA ASP A 160 -8.31 -18.99 -42.51
C ASP A 160 -8.89 -17.59 -42.71
N GLU A 161 -10.13 -17.41 -42.25
CA GLU A 161 -10.77 -16.10 -42.18
C GLU A 161 -11.01 -15.75 -40.71
N CYS A 162 -10.73 -14.50 -40.36
CA CYS A 162 -10.85 -14.03 -38.98
C CYS A 162 -11.89 -12.92 -38.90
N GLN A 163 -12.58 -12.87 -37.76
CA GLN A 163 -13.63 -11.88 -37.55
C GLN A 163 -13.52 -11.34 -36.13
N VAL A 164 -14.04 -10.13 -35.93
CA VAL A 164 -13.99 -9.44 -34.64
C VAL A 164 -15.41 -9.30 -34.13
N TYR A 165 -15.61 -9.66 -32.86
CA TYR A 165 -16.92 -9.60 -32.23
C TYR A 165 -16.94 -8.50 -31.17
N ILE A 166 -18.09 -7.85 -31.05
CA ILE A 166 -18.31 -6.82 -30.03
C ILE A 166 -19.05 -7.45 -28.86
N LEU A 167 -18.48 -7.32 -27.67
CA LEU A 167 -18.99 -8.00 -26.48
C LEU A 167 -19.65 -7.01 -25.53
N ASP A 168 -20.63 -7.52 -24.79
CA ASP A 168 -21.33 -6.75 -23.77
C ASP A 168 -20.62 -6.94 -22.43
N ALA A 169 -21.28 -6.53 -21.34
CA ALA A 169 -20.67 -6.64 -20.02
C ALA A 169 -20.40 -8.09 -19.65
N GLU A 170 -21.33 -8.99 -19.95
CA GLU A 170 -21.14 -10.40 -19.62
C GLU A 170 -20.25 -11.12 -20.62
N GLY A 171 -19.94 -10.52 -21.76
CA GLY A 171 -19.06 -11.14 -22.73
C GLY A 171 -19.80 -11.94 -23.78
N ASN A 172 -20.85 -11.35 -24.36
CA ASN A 172 -21.62 -12.00 -25.40
C ASN A 172 -21.71 -11.12 -26.63
N PRO A 173 -21.59 -11.70 -27.84
CA PRO A 173 -21.70 -10.89 -29.05
C PRO A 173 -23.07 -10.26 -29.19
N ILE A 174 -23.09 -9.04 -29.73
CA ILE A 174 -24.32 -8.27 -29.89
C ILE A 174 -24.20 -7.41 -31.15
N ASN A 175 -25.35 -7.14 -31.76
CA ASN A 175 -25.41 -6.19 -32.86
C ASN A 175 -25.29 -4.77 -32.34
N VAL A 176 -24.41 -3.99 -32.96
CA VAL A 176 -24.26 -2.57 -32.66
C VAL A 176 -24.28 -1.78 -33.97
N THR A 177 -25.11 -0.75 -34.03
CA THR A 177 -25.21 0.08 -35.22
C THR A 177 -24.13 1.16 -35.18
N VAL A 178 -23.41 1.30 -36.29
CA VAL A 178 -22.31 2.24 -36.37
C VAL A 178 -22.83 3.63 -36.69
N ASP A 179 -22.19 4.65 -36.10
CA ASP A 179 -22.48 6.06 -36.37
C ASP A 179 -23.93 6.40 -35.99
N THR A 180 -24.23 6.24 -34.70
CA THR A 180 -25.53 6.60 -34.15
C THR A 180 -25.34 7.03 -32.71
N VAL A 181 -26.37 7.66 -32.16
CA VAL A 181 -26.32 8.25 -30.83
C VAL A 181 -27.15 7.40 -29.88
N LEU A 182 -26.58 7.10 -28.71
CA LEU A 182 -27.27 6.33 -27.68
C LEU A 182 -27.15 7.06 -26.35
N HIS A 183 -28.26 7.13 -25.63
CA HIS A 183 -28.32 7.79 -24.34
C HIS A 183 -28.69 6.79 -23.26
N ARG A 184 -27.95 6.85 -22.15
CA ARG A 184 -28.22 6.01 -20.99
C ARG A 184 -27.48 6.56 -19.79
N ASP A 185 -28.17 6.58 -18.64
CA ASP A 185 -27.56 6.99 -17.37
C ASP A 185 -26.95 8.38 -17.44
N GLY A 186 -27.54 9.27 -18.25
CA GLY A 186 -27.11 10.64 -18.32
C GLY A 186 -25.88 10.90 -19.15
N VAL A 187 -25.46 9.97 -20.00
CA VAL A 187 -24.33 10.18 -20.89
C VAL A 187 -24.75 9.79 -22.31
N SER A 188 -23.99 10.29 -23.28
CA SER A 188 -24.22 10.03 -24.69
C SER A 188 -22.98 9.39 -25.30
N MET A 189 -23.18 8.36 -26.11
CA MET A 189 -22.09 7.60 -26.69
C MET A 189 -22.34 7.37 -28.18
N ILE A 190 -21.25 7.36 -28.94
CA ILE A 190 -21.30 7.13 -30.39
C ILE A 190 -20.18 6.16 -30.76
N LEU A 191 -20.50 5.17 -31.59
CA LEU A 191 -19.52 4.22 -32.09
C LEU A 191 -19.30 4.44 -33.58
N LYS A 192 -18.03 4.42 -33.99
CA LYS A 192 -17.65 4.62 -35.38
C LYS A 192 -16.39 3.80 -35.66
N GLN A 193 -16.12 3.60 -36.95
CA GLN A 193 -14.86 3.01 -37.42
C GLN A 193 -14.66 1.62 -36.81
N LYS A 194 -15.53 0.70 -37.24
CA LYS A 194 -15.49 -0.69 -36.78
C LYS A 194 -14.08 -1.24 -36.83
N SER A 195 -13.78 -2.14 -35.90
CA SER A 195 -12.42 -2.57 -35.63
C SER A 195 -11.85 -3.39 -36.80
N THR A 196 -10.51 -3.40 -36.88
CA THR A 196 -9.78 -4.16 -37.88
C THR A 196 -8.59 -4.83 -37.21
N PHE A 197 -7.95 -5.73 -37.95
CA PHE A 197 -6.83 -6.51 -37.44
C PHE A 197 -5.68 -6.48 -38.44
N THR A 198 -4.63 -7.23 -38.14
CA THR A 198 -3.44 -7.27 -38.98
C THR A 198 -2.74 -8.62 -38.77
N THR A 199 -1.84 -8.94 -39.69
CA THR A 199 -1.11 -10.21 -39.67
C THR A 199 0.37 -9.94 -39.84
N ARG A 200 1.19 -10.73 -39.16
CA ARG A 200 2.64 -10.57 -39.21
C ARG A 200 3.29 -11.89 -38.87
N GLN A 201 4.59 -11.99 -39.18
CA GLN A 201 5.39 -13.17 -38.93
C GLN A 201 6.45 -12.86 -37.89
N ILE A 202 6.69 -13.80 -36.98
CA ILE A 202 7.63 -13.61 -35.89
C ILE A 202 8.50 -14.86 -35.77
N LYS A 203 9.82 -14.65 -35.65
CA LYS A 203 10.74 -15.75 -35.42
C LYS A 203 10.73 -16.15 -33.95
N ALA A 204 10.88 -17.46 -33.71
CA ALA A 204 10.84 -18.01 -32.37
C ALA A 204 11.72 -19.25 -32.30
N ALA A 205 12.04 -19.66 -31.08
CA ALA A 205 12.86 -20.83 -30.83
C ALA A 205 11.97 -21.97 -30.33
N CYS A 206 12.14 -23.16 -30.92
CA CYS A 206 11.30 -24.30 -30.61
C CYS A 206 12.17 -25.53 -30.37
N LEU A 207 11.65 -26.45 -29.57
CA LEU A 207 12.33 -27.70 -29.27
C LEU A 207 11.30 -28.82 -29.20
N LEU A 208 11.78 -30.03 -28.93
CA LEU A 208 10.94 -31.21 -28.79
C LEU A 208 10.99 -31.69 -27.34
N ILE A 209 9.82 -31.94 -26.77
CA ILE A 209 9.69 -32.32 -25.37
C ILE A 209 9.13 -33.74 -25.41
N LYS A 210 9.52 -34.56 -24.43
CA LYS A 210 9.05 -35.93 -24.34
C LYS A 210 7.78 -35.87 -23.50
N ASP A 211 6.79 -36.67 -23.91
CA ASP A 211 5.56 -36.77 -23.13
C ASP A 211 5.78 -37.51 -21.83
N ASP A 212 6.55 -38.59 -21.86
CA ASP A 212 6.86 -39.40 -20.69
C ASP A 212 8.34 -39.19 -20.38
N LYS A 213 8.62 -38.58 -19.24
CA LYS A 213 9.98 -38.16 -18.93
C LYS A 213 10.88 -39.33 -18.54
N ASN A 214 10.35 -40.32 -17.82
CA ASN A 214 11.16 -41.43 -17.34
C ASN A 214 11.01 -42.68 -18.21
N ASN A 215 10.80 -42.52 -19.51
CA ASN A 215 10.72 -43.65 -20.42
C ASN A 215 11.38 -43.31 -21.76
N PRO A 216 12.51 -43.93 -22.07
CA PRO A 216 13.14 -43.68 -23.37
C PRO A 216 12.29 -44.20 -24.52
N GLU A 217 12.56 -43.68 -25.71
CA GLU A 217 11.82 -44.02 -26.92
C GLU A 217 10.33 -43.73 -26.75
N SER A 218 10.03 -42.52 -26.29
CA SER A 218 8.67 -42.06 -26.05
C SER A 218 8.27 -41.06 -27.12
N VAL A 219 7.04 -40.58 -27.04
CA VAL A 219 6.48 -39.64 -28.00
C VAL A 219 6.88 -38.22 -27.60
N THR A 220 7.27 -37.42 -28.58
CA THR A 220 7.67 -36.04 -28.37
C THR A 220 6.83 -35.11 -29.23
N ARG A 221 6.66 -33.88 -28.75
CA ARG A 221 5.89 -32.86 -29.45
C ARG A 221 6.60 -31.53 -29.33
N GLU A 222 6.34 -30.66 -30.31
CA GLU A 222 6.99 -29.36 -30.39
C GLU A 222 6.45 -28.31 -29.43
N HIS A 223 7.37 -27.59 -28.80
CA HIS A 223 7.04 -26.49 -27.91
C HIS A 223 7.86 -25.25 -28.21
N CYS A 224 7.23 -24.08 -28.14
CA CYS A 224 7.89 -22.82 -28.45
C CYS A 224 7.56 -21.80 -27.37
N LEU A 225 8.51 -20.88 -27.15
CA LEU A 225 8.36 -19.81 -26.18
C LEU A 225 8.07 -18.51 -26.93
N ILE A 226 6.98 -17.83 -26.58
CA ILE A 226 6.59 -16.64 -27.32
C ILE A 226 6.89 -15.38 -26.52
N ASP A 227 6.20 -15.19 -25.40
CA ASP A 227 6.47 -14.06 -24.51
C ASP A 227 6.84 -14.49 -23.11
N ASN A 228 5.98 -15.26 -22.44
CA ASN A 228 6.30 -15.77 -21.10
C ASN A 228 5.73 -17.17 -20.88
N ASP A 229 5.20 -17.81 -21.92
CA ASP A 229 4.56 -19.11 -21.77
C ASP A 229 5.05 -20.02 -22.89
N ILE A 230 5.01 -21.31 -22.62
CA ILE A 230 5.43 -22.34 -23.56
C ILE A 230 4.18 -22.96 -24.17
N TYR A 231 4.03 -22.81 -25.49
CA TYR A 231 2.83 -23.26 -26.18
C TYR A 231 3.12 -24.55 -26.93
N ASP A 232 2.15 -25.47 -26.90
CA ASP A 232 2.22 -26.70 -27.67
C ASP A 232 1.75 -26.41 -29.09
N LEU A 233 2.68 -26.47 -30.05
CA LEU A 233 2.37 -26.21 -31.46
C LEU A 233 2.62 -27.45 -32.31
N SER A 234 2.35 -28.63 -31.76
CA SER A 234 2.54 -29.86 -32.52
C SER A 234 1.54 -29.96 -33.66
N LYS A 235 0.32 -29.45 -33.46
CA LYS A 235 -0.72 -29.48 -34.47
C LYS A 235 -0.83 -28.13 -35.16
N ASN A 236 -1.16 -28.16 -36.44
CA ASN A 236 -1.25 -26.95 -37.26
C ASN A 236 -2.68 -26.42 -37.29
N THR A 237 -3.17 -26.05 -36.11
CA THR A 237 -4.51 -25.51 -35.95
C THR A 237 -4.45 -24.20 -35.17
N TRP A 238 -5.42 -23.33 -35.44
CA TRP A 238 -5.53 -22.07 -34.71
C TRP A 238 -5.95 -22.34 -33.27
N ASN A 239 -5.31 -21.63 -32.34
CA ASN A 239 -5.66 -21.71 -30.92
C ASN A 239 -5.33 -20.39 -30.25
N CYS A 240 -6.34 -19.73 -29.68
CA CYS A 240 -6.11 -18.38 -29.20
C CYS A 240 -7.23 -17.93 -28.25
N LYS A 241 -6.91 -16.88 -27.50
CA LYS A 241 -7.79 -16.31 -26.50
C LYS A 241 -7.81 -14.79 -26.67
N PHE A 242 -8.88 -14.17 -26.16
CA PHE A 242 -9.09 -12.72 -26.28
C PHE A 242 -8.95 -12.27 -27.72
N ASN A 243 -8.02 -11.35 -28.00
CA ASN A 243 -7.72 -10.93 -29.37
C ASN A 243 -6.22 -11.00 -29.59
N ARG A 244 -5.72 -12.20 -29.83
CA ARG A 244 -4.37 -12.47 -30.32
C ARG A 244 -4.30 -13.95 -30.68
N CYS A 245 -3.95 -14.30 -31.91
CA CYS A 245 -4.03 -15.69 -32.34
C CYS A 245 -2.70 -16.18 -32.90
N ILE A 246 -2.42 -17.46 -32.64
CA ILE A 246 -1.12 -18.07 -32.91
C ILE A 246 -1.32 -19.23 -33.88
N LYS A 247 -0.41 -19.36 -34.83
CA LYS A 247 -0.48 -20.43 -35.83
C LYS A 247 0.92 -20.74 -36.33
N ARG A 248 1.18 -22.03 -36.55
CA ARG A 248 2.43 -22.50 -37.16
C ARG A 248 2.08 -23.35 -38.37
N LYS A 249 2.65 -22.98 -39.52
CA LYS A 249 2.33 -23.64 -40.78
C LYS A 249 3.03 -25.00 -40.89
N VAL A 250 2.56 -25.82 -41.82
CA VAL A 250 3.08 -27.18 -41.96
C VAL A 250 4.50 -27.19 -42.50
N GLU A 251 4.82 -26.28 -43.42
CA GLU A 251 6.13 -26.33 -44.07
C GLU A 251 7.26 -26.02 -43.10
N HIS A 252 7.01 -25.14 -42.12
CA HIS A 252 8.04 -24.81 -41.13
C HIS A 252 8.18 -25.95 -40.14
N ARG A 253 9.33 -26.60 -40.13
CA ARG A 253 9.58 -27.78 -39.32
C ARG A 253 10.62 -27.47 -38.24
N VAL A 254 10.88 -28.47 -37.40
CA VAL A 254 11.77 -28.35 -36.26
C VAL A 254 12.83 -29.43 -36.35
N LYS A 255 14.06 -29.11 -35.95
CA LYS A 255 15.16 -30.06 -36.00
C LYS A 255 14.86 -31.28 -35.15
N LYS A 256 15.25 -32.45 -35.64
CA LYS A 256 14.96 -33.70 -34.97
C LYS A 256 15.84 -33.87 -33.74
N ARG A 257 15.35 -34.69 -32.79
CA ARG A 257 16.05 -34.99 -31.55
C ARG A 257 16.80 -36.31 -31.68
N PRO A 258 18.11 -36.34 -31.47
CA PRO A 258 18.85 -37.58 -31.63
C PRO A 258 18.49 -38.58 -30.55
N PRO A 259 18.52 -39.87 -30.86
CA PRO A 259 18.23 -40.88 -29.84
C PRO A 259 19.42 -41.10 -28.92
N THR A 260 19.15 -41.78 -27.81
CA THR A 260 20.19 -42.09 -26.84
C THR A 260 21.20 -43.08 -27.42
N TRP A 261 22.47 -42.88 -27.06
CA TRP A 261 23.54 -43.71 -27.55
C TRP A 261 23.81 -44.87 -26.59
N ARG A 262 23.86 -46.08 -27.13
CA ARG A 262 24.11 -47.28 -26.34
C ARG A 262 24.95 -48.24 -27.15
N HIS A 263 25.59 -49.18 -26.45
CA HIS A 263 26.39 -50.19 -27.12
C HIS A 263 25.49 -51.29 -27.69
N ASN A 264 26.07 -52.12 -28.55
CA ASN A 264 25.39 -53.14 -29.35
C ASN A 264 24.46 -52.54 -30.40
N VAL A 265 24.39 -51.22 -30.51
CA VAL A 265 23.46 -50.56 -31.44
C VAL A 265 24.29 -49.63 -32.33
N ARG A 266 24.01 -49.66 -33.63
CA ARG A 266 24.68 -48.77 -34.56
C ARG A 266 24.37 -47.32 -34.20
N ALA A 267 25.41 -46.49 -34.26
CA ALA A 267 25.33 -45.09 -33.84
C ALA A 267 25.27 -44.20 -35.06
N LYS A 268 24.05 -43.99 -35.58
CA LYS A 268 23.79 -43.09 -36.70
C LYS A 268 24.77 -43.30 -37.85
N TYR A 269 25.37 -42.21 -38.32
CA TYR A 269 26.34 -42.31 -39.41
C TYR A 269 27.59 -43.02 -38.94
N THR A 270 28.21 -43.76 -39.85
CA THR A 270 29.39 -44.57 -39.57
C THR A 270 30.63 -43.85 -40.04
N GLU A 271 31.59 -43.65 -39.14
CA GLU A 271 32.88 -43.06 -39.45
C GLU A 271 33.95 -43.98 -38.89
N GLY A 272 34.52 -44.82 -39.74
CA GLY A 272 35.47 -45.82 -39.27
C GLY A 272 36.85 -45.27 -39.00
N ASP A 273 37.17 -45.11 -37.72
CA ASP A 273 38.46 -44.61 -37.24
C ASP A 273 38.67 -45.17 -35.84
N THR A 274 39.74 -44.72 -35.19
CA THR A 274 40.04 -45.10 -33.82
C THR A 274 40.14 -43.85 -32.96
N ALA A 275 39.35 -43.81 -31.89
CA ALA A 275 39.37 -42.66 -30.99
C ALA A 275 40.57 -42.75 -30.04
N THR A 276 40.94 -41.59 -29.49
CA THR A 276 42.04 -41.48 -28.56
C THR A 276 41.60 -40.71 -27.33
N LYS A 277 42.43 -40.76 -26.29
CA LYS A 277 42.09 -40.13 -25.02
C LYS A 277 41.99 -38.62 -25.15
N GLY A 278 42.79 -38.03 -26.04
CA GLY A 278 42.78 -36.58 -26.20
C GLY A 278 41.44 -36.04 -26.65
N ASP A 279 40.79 -36.75 -27.58
CA ASP A 279 39.47 -36.31 -28.04
C ASP A 279 38.46 -36.34 -26.89
N LEU A 280 38.50 -37.40 -26.09
CA LEU A 280 37.56 -37.52 -24.98
C LEU A 280 37.78 -36.42 -23.96
N MET A 281 39.05 -36.12 -23.64
CA MET A 281 39.35 -35.04 -22.71
C MET A 281 38.93 -33.68 -23.27
N HIS A 282 39.10 -33.46 -24.57
CA HIS A 282 38.65 -32.22 -25.20
C HIS A 282 37.14 -32.06 -25.05
N ILE A 283 36.40 -33.12 -25.35
CA ILE A 283 34.94 -33.08 -25.22
C ILE A 283 34.55 -32.80 -23.78
N GLN A 284 35.21 -33.47 -22.83
CA GLN A 284 34.90 -33.27 -21.42
C GLN A 284 35.13 -31.83 -21.00
N GLU A 285 36.25 -31.23 -21.42
CA GLU A 285 36.55 -29.85 -21.06
C GLU A 285 35.53 -28.89 -21.65
N GLU A 286 35.15 -29.09 -22.91
CA GLU A 286 34.15 -28.22 -23.54
C GLU A 286 32.82 -28.29 -22.78
N LEU A 287 32.38 -29.49 -22.43
CA LEU A 287 31.12 -29.64 -21.74
C LEU A 287 31.16 -29.05 -20.33
N MET A 288 32.31 -29.19 -19.65
CA MET A 288 32.45 -28.56 -18.34
C MET A 288 32.35 -27.03 -18.45
N TYR A 289 32.96 -26.46 -19.48
CA TYR A 289 32.88 -25.01 -19.67
C TYR A 289 31.43 -24.57 -19.91
N GLU A 290 30.69 -25.35 -20.71
CA GLU A 290 29.28 -25.03 -20.93
C GLU A 290 28.50 -25.07 -19.62
N ASN A 291 28.75 -26.09 -18.80
CA ASN A 291 28.11 -26.19 -17.49
C ASN A 291 28.45 -24.98 -16.63
N ASP A 292 29.69 -24.49 -16.71
CA ASP A 292 30.08 -23.30 -15.96
C ASP A 292 29.26 -22.09 -16.39
N LEU A 293 29.07 -21.92 -17.70
CA LEU A 293 28.24 -20.81 -18.19
C LEU A 293 26.82 -20.90 -17.63
N LEU A 294 26.23 -22.11 -17.67
CA LEU A 294 24.89 -22.28 -17.12
C LEU A 294 24.84 -21.93 -15.65
N LYS A 295 25.85 -22.36 -14.89
CA LYS A 295 25.90 -22.04 -13.47
C LYS A 295 25.91 -20.53 -13.25
N MET A 296 26.74 -19.81 -14.02
CA MET A 296 26.81 -18.36 -13.87
C MET A 296 25.44 -17.72 -14.10
N ASN A 297 24.73 -18.18 -15.13
CA ASN A 297 23.37 -17.70 -15.34
C ASN A 297 22.51 -17.96 -14.10
N ILE A 298 22.71 -19.10 -13.45
CA ILE A 298 21.94 -19.44 -12.25
C ILE A 298 22.19 -18.41 -11.15
N GLU A 299 23.46 -18.09 -10.88
CA GLU A 299 23.71 -17.10 -9.81
C GLU A 299 23.13 -15.74 -10.18
N LEU A 300 23.18 -15.37 -11.46
CA LEU A 300 22.60 -14.08 -11.84
C LEU A 300 21.10 -14.04 -11.52
N MET A 301 20.38 -15.11 -11.87
CA MET A 301 18.95 -15.15 -11.56
C MET A 301 18.71 -15.11 -10.05
N HIS A 302 19.54 -15.82 -9.27
CA HIS A 302 19.37 -15.80 -7.82
C HIS A 302 19.56 -14.40 -7.26
N ALA A 303 20.55 -13.67 -7.75
CA ALA A 303 20.77 -12.31 -7.27
C ALA A 303 19.58 -11.41 -7.59
N HIS A 304 19.02 -11.54 -8.79
CA HIS A 304 17.83 -10.76 -9.13
C HIS A 304 16.69 -11.07 -8.17
N ILE A 305 16.46 -12.35 -7.88
CA ILE A 305 15.38 -12.73 -6.99
C ILE A 305 15.59 -12.14 -5.60
N ASN A 306 16.83 -12.19 -5.10
CA ASN A 306 17.11 -11.64 -3.77
C ASN A 306 16.84 -10.14 -3.72
N LYS A 307 17.25 -9.41 -4.77
CA LYS A 307 16.98 -7.97 -4.79
C LYS A 307 15.48 -7.69 -4.77
N LEU A 308 14.70 -8.43 -5.56
CA LEU A 308 13.26 -8.24 -5.56
C LEU A 308 12.66 -8.53 -4.19
N ASN A 309 13.14 -9.58 -3.52
CA ASN A 309 12.62 -9.93 -2.20
C ASN A 309 12.88 -8.81 -1.21
N ASN A 310 14.10 -8.26 -1.21
CA ASN A 310 14.40 -7.16 -0.29
C ASN A 310 13.51 -5.95 -0.57
N MET A 311 13.32 -5.61 -1.85
CA MET A 311 12.48 -4.47 -2.18
C MET A 311 11.04 -4.69 -1.71
N LEU A 312 10.51 -5.91 -1.89
CA LEU A 312 9.14 -6.18 -1.48
C LEU A 312 8.99 -6.08 0.04
N HIS A 313 9.95 -6.61 0.80
CA HIS A 313 9.87 -6.49 2.25
C HIS A 313 9.93 -5.04 2.71
N ASP A 314 10.81 -4.24 2.10
CA ASP A 314 10.84 -2.82 2.45
C ASP A 314 9.49 -2.15 2.14
N LEU A 315 8.90 -2.49 0.99
CA LEU A 315 7.61 -1.93 0.63
C LEU A 315 6.54 -2.26 1.67
N ILE A 316 6.44 -3.55 2.05
CA ILE A 316 5.38 -3.93 2.97
C ILE A 316 5.60 -3.30 4.35
N VAL A 317 6.86 -3.23 4.80
CA VAL A 317 7.14 -2.62 6.10
C VAL A 317 6.74 -1.16 6.09
N SER A 318 7.06 -0.44 5.01
CA SER A 318 6.69 0.97 4.95
C SER A 318 5.19 1.16 4.88
N VAL A 319 4.49 0.32 4.10
CA VAL A 319 3.05 0.51 3.91
C VAL A 319 2.23 0.08 5.13
N ALA A 320 2.76 -0.81 5.97
CA ALA A 320 1.96 -1.35 7.07
C ALA A 320 1.51 -0.29 8.07
N LYS A 321 2.11 0.90 8.06
CA LYS A 321 1.74 1.92 9.03
C LYS A 321 0.30 2.38 8.83
N VAL A 322 -0.12 2.59 7.58
CA VAL A 322 -1.46 3.11 7.32
C VAL A 322 -2.51 2.01 7.50
N ASP A 323 -2.29 0.86 6.87
CA ASP A 323 -3.22 -0.26 6.95
C ASP A 323 -2.77 -1.18 8.07
N GLU A 324 -3.55 -1.21 9.16
CA GLU A 324 -3.16 -1.98 10.33
C GLU A 324 -3.53 -3.45 10.22
N ARG A 325 -4.24 -3.85 9.17
CA ARG A 325 -4.64 -5.24 8.98
C ARG A 325 -3.78 -5.97 7.96
N LEU A 326 -2.72 -5.31 7.46
CA LEU A 326 -1.90 -5.92 6.42
C LEU A 326 -1.07 -7.08 6.97
N ILE A 327 -0.47 -6.90 8.14
CA ILE A 327 0.38 -7.94 8.71
C ILE A 327 -0.45 -9.19 9.03
N GLY A 328 -1.63 -9.01 9.60
CA GLY A 328 -2.49 -10.16 9.86
C GLY A 328 -2.93 -10.87 8.60
N ASN A 329 -3.26 -10.09 7.56
CA ASN A 329 -3.68 -10.70 6.30
C ASN A 329 -2.55 -11.50 5.66
N LEU A 330 -1.32 -10.96 5.70
CA LEU A 330 -0.20 -11.67 5.13
C LEU A 330 0.15 -12.93 5.93
N MET A 331 -0.23 -13.00 7.19
CA MET A 331 0.03 -14.16 8.04
C MET A 331 -1.13 -15.14 8.04
N ASN A 332 -2.18 -14.90 7.27
CA ASN A 332 -3.41 -15.68 7.29
C ASN A 332 -3.98 -15.78 8.70
N ASN A 333 -3.89 -14.69 9.46
CA ASN A 333 -4.41 -14.60 10.81
C ASN A 333 -5.35 -13.40 10.89
N SER A 334 -5.85 -13.13 12.08
CA SER A 334 -6.79 -12.03 12.32
C SER A 334 -6.28 -11.21 13.51
N VAL A 335 -5.37 -10.27 13.25
CA VAL A 335 -4.82 -9.40 14.26
C VAL A 335 -4.73 -7.98 13.69
N SER A 336 -4.57 -7.02 14.59
CA SER A 336 -4.33 -5.63 14.23
C SER A 336 -3.08 -5.15 14.94
N SER A 337 -2.39 -4.20 14.30
CA SER A 337 -1.07 -3.78 14.76
C SER A 337 -1.03 -2.27 14.99
N THR A 338 -0.29 -1.88 16.03
CA THR A 338 0.02 -0.49 16.29
C THR A 338 1.53 -0.36 16.48
N PHE A 339 2.07 0.77 16.03
CA PHE A 339 3.52 0.96 15.95
C PHE A 339 3.99 1.86 17.07
N LEU A 340 5.03 1.42 17.79
CA LEU A 340 5.70 2.25 18.77
C LEU A 340 6.81 3.09 18.16
N SER A 341 7.40 2.62 17.07
CA SER A 341 8.44 3.34 16.35
C SER A 341 8.38 2.90 14.89
N ASP A 342 9.42 3.23 14.13
CA ASP A 342 9.46 2.83 12.73
C ASP A 342 9.88 1.38 12.54
N ASP A 343 10.27 0.68 13.60
CA ASP A 343 10.73 -0.70 13.48
C ASP A 343 9.89 -1.66 14.31
N THR A 344 9.53 -1.26 15.52
CA THR A 344 8.82 -2.11 16.45
C THR A 344 7.32 -1.80 16.43
N PHE A 345 6.52 -2.80 16.79
CA PHE A 345 5.07 -2.65 16.79
C PHE A 345 4.47 -3.66 17.77
N LEU A 346 3.17 -3.53 17.97
CA LEU A 346 2.40 -4.41 18.84
C LEU A 346 1.35 -5.14 18.01
N LEU A 347 0.72 -6.14 18.63
CA LEU A 347 -0.32 -6.92 17.98
C LEU A 347 -1.54 -7.02 18.88
N MET A 348 -2.71 -7.12 18.26
CA MET A 348 -3.98 -7.20 18.98
C MET A 348 -4.99 -8.01 18.19
N PRO A 349 -5.58 -9.05 18.77
CA PRO A 349 -6.43 -9.96 18.00
C PRO A 349 -7.90 -9.58 18.01
N CYS A 350 -8.56 -9.93 16.91
CA CYS A 350 -10.01 -9.88 16.78
C CYS A 350 -10.60 -11.28 16.69
N THR A 351 -11.92 -11.34 16.52
CA THR A 351 -12.65 -12.57 16.32
C THR A 351 -13.17 -12.63 14.88
N ASN A 352 -13.79 -13.76 14.54
CA ASN A 352 -14.34 -13.97 13.21
C ASN A 352 -15.83 -14.31 13.32
N PRO A 353 -16.72 -13.51 12.74
CA PRO A 353 -18.15 -13.81 12.82
C PRO A 353 -18.49 -15.06 12.02
N PRO A 354 -19.62 -15.70 12.33
CA PRO A 354 -20.01 -16.89 11.55
C PRO A 354 -20.32 -16.53 10.11
N ALA A 355 -20.23 -17.54 9.24
CA ALA A 355 -20.45 -17.34 7.82
C ALA A 355 -21.87 -16.82 7.57
N HIS A 356 -21.98 -15.93 6.58
CA HIS A 356 -23.26 -15.30 6.26
C HIS A 356 -23.31 -15.01 4.78
N THR A 357 -24.53 -14.79 4.28
CA THR A 357 -24.76 -14.53 2.87
C THR A 357 -25.01 -13.06 2.57
N SER A 358 -24.76 -12.17 3.53
CA SER A 358 -24.95 -10.73 3.32
C SER A 358 -23.84 -9.99 4.07
N ASN A 359 -24.00 -8.67 4.18
CA ASN A 359 -23.02 -7.82 4.85
C ASN A 359 -23.65 -7.05 6.00
N CYS A 360 -24.65 -7.63 6.66
CA CYS A 360 -25.35 -6.96 7.74
C CYS A 360 -25.50 -7.92 8.92
N TYR A 361 -25.13 -7.44 10.11
CA TYR A 361 -25.26 -8.22 11.35
C TYR A 361 -25.96 -7.37 12.40
N ASN A 362 -27.28 -7.32 12.36
CA ASN A 362 -28.11 -6.74 13.42
C ASN A 362 -27.56 -5.41 13.91
N ASN A 363 -27.66 -4.40 13.04
CA ASN A 363 -27.16 -3.04 13.25
C ASN A 363 -25.65 -2.98 13.13
N SER A 364 -25.07 -3.86 12.30
CA SER A 364 -23.67 -3.78 11.94
C SER A 364 -23.54 -3.93 10.43
N ILE A 365 -22.65 -3.15 9.83
CA ILE A 365 -22.47 -3.14 8.39
C ILE A 365 -20.98 -3.21 8.07
N TYR A 366 -20.67 -3.73 6.88
CA TYR A 366 -19.30 -3.85 6.40
C TYR A 366 -19.06 -2.79 5.34
N LYS A 367 -18.21 -1.82 5.65
CA LYS A 367 -17.87 -0.75 4.72
C LYS A 367 -16.40 -0.39 4.86
N GLU A 368 -15.79 -0.02 3.74
CA GLU A 368 -14.38 0.38 3.67
C GLU A 368 -13.45 -0.70 4.24
N GLY A 369 -13.84 -1.97 4.10
CA GLY A 369 -13.03 -3.05 4.59
C GLY A 369 -13.12 -3.29 6.09
N ARG A 370 -14.02 -2.60 6.78
CA ARG A 370 -14.14 -2.74 8.23
C ARG A 370 -15.60 -2.95 8.61
N TRP A 371 -15.80 -3.56 9.77
CA TRP A 371 -17.13 -3.75 10.34
C TRP A 371 -17.40 -2.63 11.34
N VAL A 372 -18.48 -1.87 11.12
CA VAL A 372 -18.83 -0.75 11.98
C VAL A 372 -20.31 -0.86 12.33
N ALA A 373 -20.69 -0.14 13.39
CA ALA A 373 -22.09 -0.08 13.80
C ALA A 373 -22.92 0.61 12.72
N ASN A 374 -24.17 0.18 12.59
CA ASN A 374 -25.03 0.70 11.54
C ASN A 374 -26.41 0.99 12.12
N THR A 375 -27.01 2.08 11.65
CA THR A 375 -28.39 2.43 12.00
C THR A 375 -29.31 2.48 10.80
N ASP A 376 -28.78 2.54 9.58
CA ASP A 376 -29.61 2.52 8.37
C ASP A 376 -30.32 1.18 8.25
N SER A 377 -31.66 1.21 8.29
CA SER A 377 -32.43 -0.03 8.27
C SER A 377 -32.22 -0.81 6.97
N SER A 378 -32.26 -0.12 5.84
CA SER A 378 -32.18 -0.78 4.53
C SER A 378 -30.92 -0.32 3.82
N GLN A 379 -29.80 -0.99 4.15
CA GLN A 379 -28.59 -0.96 3.33
C GLN A 379 -27.95 -2.34 3.47
N CYS A 380 -28.35 -3.26 2.59
CA CYS A 380 -27.89 -4.64 2.65
C CYS A 380 -27.95 -5.22 1.24
N ILE A 381 -26.96 -6.04 0.92
CA ILE A 381 -26.89 -6.70 -0.39
C ILE A 381 -26.78 -8.20 -0.15
N ASP A 382 -27.62 -8.96 -0.86
CA ASP A 382 -27.56 -10.42 -0.78
C ASP A 382 -26.52 -10.94 -1.76
N PHE A 383 -25.60 -11.75 -1.25
CA PHE A 383 -24.50 -12.26 -2.06
C PHE A 383 -25.00 -13.22 -3.12
N SER A 384 -24.46 -13.09 -4.33
CA SER A 384 -24.77 -13.95 -5.45
C SER A 384 -23.49 -14.61 -5.96
N ASN A 385 -23.60 -15.30 -7.08
CA ASN A 385 -22.44 -15.93 -7.70
C ASN A 385 -21.46 -14.87 -8.18
N TYR A 386 -20.17 -15.17 -8.05
CA TYR A 386 -19.11 -14.23 -8.36
C TYR A 386 -18.28 -14.74 -9.54
N LYS A 387 -17.81 -13.80 -10.35
CA LYS A 387 -16.85 -14.12 -11.39
C LYS A 387 -15.43 -13.87 -10.88
N GLU A 388 -14.46 -14.42 -11.60
CA GLU A 388 -13.06 -14.26 -11.23
C GLU A 388 -12.29 -13.79 -12.46
N LEU A 389 -11.39 -12.82 -12.24
CA LEU A 389 -10.62 -12.25 -13.34
C LEU A 389 -9.19 -12.04 -12.89
N ALA A 390 -8.28 -12.05 -13.85
CA ALA A 390 -6.87 -11.74 -13.61
C ALA A 390 -6.57 -10.30 -13.99
N ILE A 391 -5.35 -9.87 -13.69
CA ILE A 391 -4.95 -8.50 -14.00
C ILE A 391 -4.86 -8.27 -15.50
N ASP A 392 -4.54 -9.31 -16.26
CA ASP A 392 -4.25 -9.20 -17.70
C ASP A 392 -5.36 -9.82 -18.54
N ASP A 393 -6.62 -9.60 -18.17
CA ASP A 393 -7.74 -10.23 -18.86
C ASP A 393 -8.31 -9.38 -20.00
N ASP A 394 -7.85 -8.14 -20.16
CA ASP A 394 -8.23 -7.27 -21.28
C ASP A 394 -9.76 -7.11 -21.36
N VAL A 395 -10.29 -6.46 -20.33
CA VAL A 395 -11.71 -6.20 -20.21
C VAL A 395 -11.96 -4.70 -20.20
N GLU A 396 -12.99 -4.28 -20.91
CA GLU A 396 -13.40 -2.88 -20.98
C GLU A 396 -14.71 -2.68 -20.25
N PHE A 397 -15.09 -1.42 -20.06
CA PHE A 397 -16.21 -1.09 -19.19
C PHE A 397 -17.14 -0.01 -19.75
N TRP A 398 -17.03 0.32 -21.02
CA TRP A 398 -17.94 1.26 -21.68
C TRP A 398 -18.69 0.53 -22.77
N ILE A 399 -20.03 0.54 -22.70
CA ILE A 399 -20.88 -0.21 -23.60
C ILE A 399 -21.99 0.71 -24.11
N PRO A 400 -22.07 0.97 -25.41
CA PRO A 400 -23.12 1.85 -25.93
C PRO A 400 -24.47 1.16 -26.12
N THR A 401 -25.27 1.09 -25.06
CA THR A 401 -26.61 0.51 -25.13
C THR A 401 -27.66 1.57 -24.77
N ILE A 402 -28.91 1.14 -24.71
CA ILE A 402 -30.02 2.01 -24.39
C ILE A 402 -30.48 1.70 -22.97
N GLY A 403 -31.04 2.70 -22.30
CA GLY A 403 -31.51 2.52 -20.95
C GLY A 403 -32.06 3.82 -20.38
N ASN A 404 -32.35 3.79 -19.09
CA ASN A 404 -32.93 4.95 -18.42
C ASN A 404 -31.98 6.13 -18.47
N THR A 405 -32.53 7.32 -18.77
CA THR A 405 -31.73 8.53 -18.86
C THR A 405 -31.64 9.29 -17.54
N THR A 406 -32.36 8.88 -16.52
CA THR A 406 -32.29 9.55 -15.23
C THR A 406 -31.03 9.11 -14.48
N TYR A 407 -30.39 10.07 -13.82
CA TYR A 407 -29.18 9.81 -13.05
C TYR A 407 -29.27 10.53 -11.72
N HIS A 408 -28.69 9.92 -10.69
CA HIS A 408 -28.69 10.51 -9.35
C HIS A 408 -27.55 9.90 -8.55
N ASP A 409 -26.87 10.74 -7.77
CA ASP A 409 -25.78 10.30 -6.90
C ASP A 409 -25.66 11.27 -5.74
N SER A 410 -24.85 10.90 -4.76
CA SER A 410 -24.64 11.73 -3.58
C SER A 410 -23.16 11.74 -3.23
N TRP A 411 -22.72 12.86 -2.65
CA TRP A 411 -21.34 13.00 -2.23
C TRP A 411 -21.01 12.17 -0.99
N LYS A 412 -22.02 11.64 -0.31
CA LYS A 412 -21.79 10.83 0.88
C LYS A 412 -21.31 9.42 0.56
N ASP A 413 -21.56 8.94 -0.66
CA ASP A 413 -21.17 7.59 -1.06
C ASP A 413 -19.84 7.61 -1.81
N ALA A 414 -18.79 7.97 -1.08
CA ALA A 414 -17.44 8.03 -1.61
C ALA A 414 -16.61 6.89 -1.04
N SER A 415 -15.76 6.31 -1.87
CA SER A 415 -14.94 5.17 -1.46
C SER A 415 -13.73 5.67 -0.67
N GLY A 416 -12.80 4.76 -0.37
CA GLY A 416 -11.63 5.08 0.42
C GLY A 416 -10.72 6.13 -0.19
N TRP A 417 -10.38 7.15 0.61
CA TRP A 417 -9.45 8.21 0.26
C TRP A 417 -9.99 9.11 -0.84
N SER A 418 -11.17 8.79 -1.37
CA SER A 418 -11.87 9.74 -2.23
C SER A 418 -12.69 10.71 -1.40
N PHE A 419 -13.32 10.21 -0.34
CA PHE A 419 -14.04 11.08 0.59
C PHE A 419 -13.11 12.09 1.23
N ILE A 420 -11.95 11.64 1.71
CA ILE A 420 -11.00 12.54 2.35
C ILE A 420 -10.50 13.58 1.36
N ALA A 421 -10.15 13.15 0.14
CA ALA A 421 -9.64 14.09 -0.85
C ALA A 421 -10.69 15.12 -1.23
N GLN A 422 -11.95 14.69 -1.36
CA GLN A 422 -13.00 15.62 -1.79
C GLN A 422 -13.41 16.57 -0.68
N GLN A 423 -13.39 16.11 0.58
CA GLN A 423 -13.87 16.90 1.69
C GLN A 423 -12.76 17.49 2.54
N LYS A 424 -11.51 17.45 2.07
CA LYS A 424 -10.42 18.06 2.83
C LYS A 424 -10.65 19.55 3.05
N SER A 425 -11.03 20.27 2.00
CA SER A 425 -11.23 21.71 2.12
C SER A 425 -12.38 22.03 3.07
N ASN A 426 -13.49 21.29 2.94
CA ASN A 426 -14.63 21.54 3.82
C ASN A 426 -14.30 21.21 5.27
N LEU A 427 -13.54 20.14 5.50
CA LEU A 427 -13.11 19.80 6.85
C LEU A 427 -12.22 20.90 7.42
N ILE A 428 -11.29 21.42 6.61
CA ILE A 428 -10.43 22.51 7.06
C ILE A 428 -11.26 23.73 7.43
N THR A 429 -12.24 24.06 6.59
CA THR A 429 -13.09 25.22 6.86
C THR A 429 -13.89 25.02 8.14
N THR A 430 -14.46 23.83 8.34
CA THR A 430 -15.22 23.57 9.55
C THR A 430 -14.34 23.64 10.79
N MET A 431 -13.14 23.08 10.73
CA MET A 431 -12.24 23.10 11.87
C MET A 431 -11.78 24.51 12.20
N GLU A 432 -11.45 25.31 11.18
CA GLU A 432 -10.93 26.65 11.43
C GLU A 432 -12.03 27.59 11.90
N ASN A 433 -13.19 27.56 11.23
CA ASN A 433 -14.27 28.49 11.56
C ASN A 433 -14.77 28.25 12.98
N THR A 434 -14.92 27.00 13.38
CA THR A 434 -15.35 26.65 14.73
C THR A 434 -14.12 26.55 15.61
N LYS A 435 -13.90 27.55 16.45
CA LYS A 435 -12.78 27.56 17.39
C LYS A 435 -13.07 26.58 18.53
N PHE A 436 -12.75 25.31 18.27
CA PHE A 436 -13.02 24.25 19.23
C PHE A 436 -12.42 24.56 20.59
N GLY A 437 -13.24 24.40 21.62
CA GLY A 437 -12.83 24.74 22.97
C GLY A 437 -14.04 24.82 23.89
N GLY A 438 -13.81 25.39 25.07
CA GLY A 438 -14.88 25.50 26.06
C GLY A 438 -15.63 26.80 26.01
N VAL A 439 -16.07 27.21 24.81
CA VAL A 439 -16.82 28.44 24.61
C VAL A 439 -18.20 28.18 24.04
N GLY A 440 -18.32 27.27 23.09
CA GLY A 440 -19.63 26.95 22.53
C GLY A 440 -20.53 26.32 23.57
N THR A 441 -21.67 26.95 23.83
CA THR A 441 -22.57 26.49 24.89
C THR A 441 -24.04 26.56 24.48
N SER A 442 -24.34 26.90 23.23
CA SER A 442 -25.72 26.93 22.75
C SER A 442 -26.27 25.55 22.47
N LEU A 443 -25.53 24.49 22.80
CA LEU A 443 -25.96 23.12 22.55
C LEU A 443 -26.62 22.47 23.76
N SER A 444 -26.72 23.16 24.88
CA SER A 444 -27.29 22.60 26.10
C SER A 444 -28.81 22.72 26.16
N ASP A 445 -29.44 23.25 25.12
CA ASP A 445 -30.89 23.39 25.11
C ASP A 445 -31.48 22.85 23.81
N ILE A 446 -32.77 23.11 23.59
CA ILE A 446 -33.48 22.57 22.44
C ILE A 446 -33.78 23.73 21.49
N THR A 447 -34.28 23.43 20.29
CA THR A 447 -34.49 24.45 19.26
C THR A 447 -35.52 25.50 19.65
N SER A 448 -36.13 25.40 20.82
CA SER A 448 -37.11 26.40 21.24
C SER A 448 -36.48 27.77 21.37
N MET A 449 -35.29 27.84 21.97
CA MET A 449 -34.67 29.12 22.31
C MET A 449 -34.39 29.98 21.08
N ALA A 450 -34.38 29.39 19.89
CA ALA A 450 -34.18 30.19 18.69
C ALA A 450 -35.29 31.21 18.51
N GLU A 451 -36.54 30.81 18.75
CA GLU A 451 -37.68 31.69 18.54
C GLU A 451 -38.32 32.18 19.83
N GLY A 452 -38.37 31.35 20.87
CA GLY A 452 -39.11 31.68 22.08
C GLY A 452 -38.67 32.96 22.75
N GLU A 453 -37.43 32.96 23.27
CA GLU A 453 -36.93 34.13 23.99
C GLU A 453 -36.81 35.33 23.08
N LEU A 454 -36.49 35.11 21.79
CA LEU A 454 -36.37 36.22 20.85
C LEU A 454 -37.71 36.94 20.68
N ALA A 455 -38.77 36.17 20.39
CA ALA A 455 -40.09 36.78 20.24
C ALA A 455 -40.59 37.38 21.55
N ALA A 456 -40.31 36.72 22.68
CA ALA A 456 -40.76 37.26 23.97
C ALA A 456 -40.07 38.58 24.27
N LYS A 457 -38.77 38.67 23.99
CA LYS A 457 -38.06 39.94 24.14
C LYS A 457 -38.62 41.01 23.21
N LEU A 458 -38.93 40.63 21.97
CA LEU A 458 -39.50 41.59 21.03
C LEU A 458 -40.81 42.16 21.57
N THR A 459 -41.70 41.28 22.01
CA THR A 459 -42.98 41.74 22.57
C THR A 459 -42.79 42.57 23.83
N SER A 460 -41.88 42.15 24.72
CA SER A 460 -41.62 42.90 25.94
C SER A 460 -41.16 44.31 25.62
N PHE A 461 -40.22 44.44 24.68
CA PHE A 461 -39.76 45.77 24.27
C PHE A 461 -40.89 46.58 23.64
N MET A 462 -41.74 45.94 22.83
CA MET A 462 -42.81 46.68 22.17
C MET A 462 -43.82 47.24 23.17
N PHE A 463 -44.23 46.45 24.18
CA PHE A 463 -45.18 47.07 25.09
C PHE A 463 -44.51 47.82 26.23
N GLY A 464 -43.17 47.73 26.37
CA GLY A 464 -42.50 48.57 27.35
C GLY A 464 -42.09 49.92 26.80
N HIS A 465 -42.01 50.03 25.48
CA HIS A 465 -41.63 51.29 24.85
C HIS A 465 -42.72 52.35 25.07
N HIS B 1 -11.34 15.77 -14.26
CA HIS B 1 -12.37 15.16 -13.42
C HIS B 1 -13.06 14.01 -14.15
N CYS B 2 -13.09 12.84 -13.53
CA CYS B 2 -13.76 11.70 -14.11
C CYS B 2 -15.23 11.74 -13.71
N ASN B 3 -15.93 10.63 -13.97
CA ASN B 3 -17.34 10.52 -13.63
C ASN B 3 -17.60 9.19 -12.95
N ALA B 4 -18.63 9.17 -12.12
CA ALA B 4 -19.10 7.96 -11.46
C ALA B 4 -20.48 7.63 -11.97
N GLN B 5 -20.77 6.34 -12.13
CA GLN B 5 -21.99 5.91 -12.78
C GLN B 5 -22.65 4.79 -11.99
N MET B 6 -23.73 4.26 -12.56
CA MET B 6 -24.52 3.21 -11.94
C MET B 6 -24.11 1.81 -12.38
N LYS B 7 -23.15 1.70 -13.31
CA LYS B 7 -22.78 0.40 -13.86
C LYS B 7 -21.70 -0.26 -13.00
N THR B 8 -21.96 -1.51 -12.60
CA THR B 8 -21.06 -2.23 -11.71
C THR B 8 -21.05 -3.70 -12.14
N GLY B 9 -20.41 -4.55 -11.32
CA GLY B 9 -20.39 -5.97 -11.56
C GLY B 9 -19.53 -6.70 -10.54
N PRO B 10 -20.04 -7.79 -10.00
CA PRO B 10 -19.28 -8.54 -8.99
C PRO B 10 -18.07 -9.24 -9.61
N TYR B 11 -17.00 -9.33 -8.82
CA TYR B 11 -15.75 -9.88 -9.32
C TYR B 11 -14.92 -10.43 -8.15
N LYS B 12 -13.93 -11.24 -8.50
CA LYS B 12 -12.96 -11.75 -7.54
C LYS B 12 -11.60 -11.86 -8.23
N ILE B 13 -10.55 -11.71 -7.44
CA ILE B 13 -9.19 -11.66 -7.97
C ILE B 13 -8.63 -13.08 -8.06
N LYS B 14 -8.06 -13.41 -9.21
CA LYS B 14 -7.44 -14.71 -9.44
C LYS B 14 -5.93 -14.54 -9.56
N ASN B 15 -5.19 -15.44 -8.91
CA ASN B 15 -3.73 -15.35 -8.88
C ASN B 15 -3.14 -15.56 -10.28
N LEU B 16 -2.01 -14.91 -10.53
CA LEU B 16 -1.31 -15.07 -11.80
C LEU B 16 -0.75 -16.49 -11.92
N ASP B 17 -0.72 -17.01 -13.14
CA ASP B 17 -0.30 -18.37 -13.42
C ASP B 17 1.21 -18.41 -13.62
N ILE B 18 1.88 -19.35 -12.93
CA ILE B 18 3.30 -19.58 -13.06
C ILE B 18 3.49 -20.97 -13.64
N THR B 19 4.03 -21.04 -14.85
CA THR B 19 4.23 -22.34 -15.50
C THR B 19 5.48 -23.01 -14.95
N PRO B 20 5.36 -24.23 -14.44
CA PRO B 20 6.54 -24.93 -13.92
C PRO B 20 7.49 -25.30 -15.04
N PRO B 21 8.78 -25.42 -14.77
CA PRO B 21 9.73 -25.81 -15.82
C PRO B 21 9.47 -27.24 -16.30
N LYS B 22 9.77 -27.48 -17.56
CA LYS B 22 9.57 -28.78 -18.16
C LYS B 22 10.70 -29.74 -17.77
N GLU B 23 10.42 -31.03 -17.94
CA GLU B 23 11.39 -32.11 -17.67
C GLU B 23 11.87 -32.07 -16.22
N THR B 24 10.91 -32.25 -15.32
CA THR B 24 11.22 -32.27 -13.89
C THR B 24 11.93 -33.57 -13.52
N LEU B 25 12.70 -33.52 -12.44
CA LEU B 25 13.39 -34.71 -11.94
C LEU B 25 12.38 -35.77 -11.49
N GLN B 26 12.87 -36.99 -11.35
CA GLN B 26 12.05 -38.13 -10.94
C GLN B 26 12.12 -38.31 -9.43
N LYS B 27 10.96 -38.44 -8.80
CA LYS B 27 10.85 -38.59 -7.36
C LYS B 27 10.72 -40.08 -7.03
N ASP B 28 11.74 -40.62 -6.35
CA ASP B 28 11.76 -42.05 -6.06
C ASP B 28 12.25 -42.38 -4.65
N VAL B 29 12.29 -41.40 -3.74
CA VAL B 29 12.78 -41.61 -2.38
C VAL B 29 11.62 -41.31 -1.42
N GLU B 30 11.37 -42.23 -0.50
CA GLU B 30 10.26 -42.10 0.44
C GLU B 30 10.71 -41.31 1.66
N ILE B 31 9.88 -40.36 2.09
CA ILE B 31 10.15 -39.52 3.24
C ILE B 31 8.96 -39.58 4.19
N THR B 32 9.24 -39.71 5.49
CA THR B 32 8.21 -39.77 6.51
C THR B 32 7.95 -38.36 7.04
N ILE B 33 6.68 -37.97 7.07
CA ILE B 33 6.28 -36.64 7.50
C ILE B 33 5.20 -36.78 8.57
N VAL B 34 5.38 -36.08 9.68
CA VAL B 34 4.42 -36.07 10.78
C VAL B 34 4.07 -34.62 11.10
N GLU B 35 2.77 -34.35 11.22
CA GLU B 35 2.31 -33.01 11.55
C GLU B 35 0.98 -33.12 12.28
N THR B 36 0.65 -32.06 13.03
CA THR B 36 -0.56 -32.00 13.81
C THR B 36 -1.77 -31.72 12.93
N ASP B 37 -2.91 -32.29 13.31
CA ASP B 37 -4.14 -32.09 12.57
C ASP B 37 -4.67 -30.67 12.77
N TYR B 38 -5.38 -30.18 11.75
CA TYR B 38 -5.99 -28.86 11.81
C TYR B 38 -7.33 -28.96 12.54
N ASN B 39 -7.47 -28.24 13.64
CA ASN B 39 -8.68 -28.29 14.44
C ASN B 39 -8.76 -27.05 15.32
N GLU B 40 -9.84 -26.29 15.19
CA GLU B 40 -10.03 -25.08 15.97
C GLU B 40 -10.13 -25.39 17.46
N ASN B 41 -11.16 -26.15 17.84
CA ASN B 41 -11.47 -26.62 19.19
C ASN B 41 -11.15 -25.62 20.30
N VAL B 42 -11.41 -24.35 20.06
CA VAL B 42 -11.38 -23.29 21.08
C VAL B 42 -12.60 -22.41 20.87
N ILE B 43 -13.29 -22.10 21.96
CA ILE B 43 -14.55 -21.35 21.90
C ILE B 43 -14.36 -20.01 22.60
N ILE B 44 -14.85 -18.94 21.97
CA ILE B 44 -14.75 -17.59 22.49
C ILE B 44 -16.13 -16.94 22.45
N GLY B 45 -16.52 -16.31 23.55
CA GLY B 45 -17.80 -15.63 23.62
C GLY B 45 -17.76 -14.47 24.58
N TYR B 46 -18.67 -13.51 24.36
CA TYR B 46 -18.77 -12.33 25.20
C TYR B 46 -20.17 -11.75 25.07
N LYS B 47 -20.53 -10.92 26.04
CA LYS B 47 -21.87 -10.34 26.10
C LYS B 47 -21.83 -9.10 27.00
N GLY B 48 -22.56 -8.07 26.61
CA GLY B 48 -22.63 -6.86 27.41
C GLY B 48 -23.84 -6.04 27.02
N TYR B 49 -24.03 -4.93 27.72
CA TYR B 49 -25.15 -4.04 27.44
C TYR B 49 -24.79 -2.63 27.87
N TYR B 50 -25.57 -1.67 27.37
CA TYR B 50 -25.38 -0.26 27.68
C TYR B 50 -26.72 0.33 28.11
N GLN B 51 -26.71 1.11 29.18
CA GLN B 51 -27.92 1.67 29.75
C GLN B 51 -27.72 3.15 30.02
N ALA B 52 -28.78 3.93 29.78
CA ALA B 52 -28.78 5.36 30.06
C ALA B 52 -30.09 5.75 30.73
N TYR B 53 -29.99 6.53 31.79
CA TYR B 53 -31.15 7.01 32.54
C TYR B 53 -31.07 8.53 32.62
N ALA B 54 -32.19 9.20 32.31
CA ALA B 54 -32.19 10.65 32.22
C ALA B 54 -33.50 11.21 32.78
N TYR B 55 -33.43 12.44 33.29
CA TYR B 55 -34.66 13.10 33.79
C TYR B 55 -34.42 14.62 33.87
N ASN B 56 -34.65 15.31 32.75
CA ASN B 56 -34.52 16.79 32.75
C ASN B 56 -35.38 17.37 33.87
N GLY B 57 -36.56 16.78 34.10
CA GLY B 57 -37.46 17.37 35.10
C GLY B 57 -37.45 18.87 34.93
N GLY B 58 -37.63 19.36 33.70
CA GLY B 58 -37.60 20.81 33.43
C GLY B 58 -36.21 21.27 33.05
N SER B 59 -35.97 22.59 33.07
CA SER B 59 -34.63 23.13 32.74
C SER B 59 -34.19 24.05 33.89
N LEU B 60 -33.09 24.78 33.71
CA LEU B 60 -32.65 25.74 34.74
C LEU B 60 -32.82 25.08 36.11
N ASP B 61 -32.57 23.78 36.22
CA ASP B 61 -32.84 23.06 37.49
C ASP B 61 -31.74 22.03 37.77
N PRO B 62 -31.55 21.58 39.02
CA PRO B 62 -30.59 20.52 39.31
C PRO B 62 -31.30 19.17 39.08
N ASN B 63 -32.63 19.19 38.94
CA ASN B 63 -33.41 17.95 38.72
C ASN B 63 -33.18 17.37 37.32
N THR B 64 -32.26 17.96 36.56
CA THR B 64 -31.91 17.42 35.21
C THR B 64 -30.55 16.72 35.14
N ARG B 65 -30.50 15.55 34.51
CA ARG B 65 -29.20 14.84 34.34
C ARG B 65 -29.38 13.61 33.45
N VAL B 66 -28.31 13.17 32.79
CA VAL B 66 -28.38 11.94 31.95
C VAL B 66 -27.19 11.05 32.33
N GLU B 67 -27.40 10.10 33.24
CA GLU B 67 -26.32 9.23 33.69
C GLU B 67 -26.41 7.91 32.94
N GLU B 68 -25.25 7.37 32.55
CA GLU B 68 -25.19 6.14 31.78
C GLU B 68 -24.17 5.20 32.40
N THR B 69 -24.45 3.89 32.28
CA THR B 69 -23.57 2.86 32.78
C THR B 69 -23.37 1.80 31.71
N MET B 70 -22.15 1.25 31.66
CA MET B 70 -21.81 0.16 30.76
C MET B 70 -21.33 -1.03 31.58
N LYS B 71 -21.90 -2.20 31.32
CA LYS B 71 -21.60 -3.40 32.10
C LYS B 71 -21.19 -4.54 31.18
N THR B 72 -20.37 -5.43 31.71
CA THR B 72 -19.94 -6.63 31.01
C THR B 72 -20.27 -7.85 31.85
N LEU B 73 -20.80 -8.89 31.21
CA LEU B 73 -21.28 -10.07 31.91
C LEU B 73 -20.51 -11.30 31.47
N ASN B 74 -20.36 -12.25 32.39
CA ASN B 74 -19.72 -13.52 32.10
C ASN B 74 -20.72 -14.47 31.44
N VAL B 75 -20.18 -15.52 30.82
CA VAL B 75 -20.98 -16.53 30.14
C VAL B 75 -20.72 -17.88 30.78
N GLY B 76 -21.78 -18.61 31.08
CA GLY B 76 -21.65 -19.91 31.71
C GLY B 76 -21.24 -21.00 30.74
N LYS B 77 -20.96 -22.17 31.31
CA LYS B 77 -20.53 -23.31 30.50
C LYS B 77 -21.66 -23.79 29.58
N GLU B 78 -22.84 -24.02 30.15
CA GLU B 78 -23.96 -24.52 29.35
C GLU B 78 -24.36 -23.50 28.29
N ASP B 79 -24.40 -22.22 28.65
CA ASP B 79 -24.76 -21.19 27.69
C ASP B 79 -23.76 -21.13 26.54
N LEU B 80 -22.47 -21.18 26.85
CA LEU B 80 -21.46 -21.08 25.79
C LEU B 80 -21.48 -22.32 24.90
N LEU B 81 -21.65 -23.51 25.49
CA LEU B 81 -21.74 -24.72 24.67
C LEU B 81 -22.98 -24.70 23.78
N MET B 82 -24.11 -24.23 24.32
CA MET B 82 -25.33 -24.17 23.53
C MET B 82 -25.19 -23.15 22.39
N TRP B 83 -24.52 -22.02 22.68
CA TRP B 83 -24.22 -21.05 21.63
C TRP B 83 -23.36 -21.67 20.55
N SER B 84 -22.31 -22.40 20.94
CA SER B 84 -21.44 -23.02 19.96
C SER B 84 -22.19 -24.02 19.11
N ILE B 85 -23.11 -24.78 19.72
CA ILE B 85 -23.92 -25.71 18.95
C ILE B 85 -24.82 -24.97 17.97
N ARG B 86 -25.48 -23.90 18.42
CA ARG B 86 -26.42 -23.18 17.57
C ARG B 86 -25.77 -22.05 16.77
N GLN B 87 -24.56 -21.64 17.13
CA GLN B 87 -23.88 -20.51 16.47
C GLN B 87 -24.74 -19.24 16.53
N GLN B 88 -25.23 -18.95 17.73
CA GLN B 88 -26.10 -17.81 17.95
C GLN B 88 -25.96 -17.34 19.40
N CYS B 89 -26.41 -16.11 19.64
CA CYS B 89 -26.49 -15.57 20.98
C CYS B 89 -27.89 -15.77 21.54
N GLU B 90 -28.01 -15.53 22.85
CA GLU B 90 -29.29 -15.49 23.54
C GLU B 90 -29.30 -14.19 24.34
N VAL B 91 -29.97 -13.17 23.79
CA VAL B 91 -29.80 -11.79 24.23
C VAL B 91 -31.18 -11.20 24.51
N GLY B 92 -31.17 -10.09 25.25
CA GLY B 92 -32.39 -9.45 25.72
C GLY B 92 -33.03 -8.55 24.68
N GLU B 93 -33.88 -7.65 25.18
CA GLU B 93 -34.74 -6.82 24.36
C GLU B 93 -34.15 -5.43 24.19
N GLU B 94 -34.46 -4.80 23.06
CA GLU B 94 -34.02 -3.46 22.73
C GLU B 94 -35.08 -2.45 23.11
N LEU B 95 -34.67 -1.39 23.82
CA LEU B 95 -35.57 -0.32 24.23
C LEU B 95 -35.12 0.97 23.59
N ILE B 96 -36.02 1.62 22.85
CA ILE B 96 -35.73 2.86 22.14
C ILE B 96 -36.81 3.88 22.51
N ASP B 97 -36.41 4.96 23.17
CA ASP B 97 -37.27 6.12 23.45
C ASP B 97 -38.56 5.70 24.15
N ARG B 98 -38.39 5.15 25.36
CA ARG B 98 -39.50 4.73 26.19
C ARG B 98 -39.86 5.84 27.16
N TRP B 99 -41.08 6.37 27.02
CA TRP B 99 -41.59 7.35 27.96
C TRP B 99 -41.61 6.77 29.37
N GLY B 100 -41.04 7.50 30.33
CA GLY B 100 -41.15 7.04 31.69
C GLY B 100 -42.31 7.67 32.43
N SER B 101 -43.46 7.02 32.36
CA SER B 101 -44.60 7.25 33.22
C SER B 101 -45.16 5.95 33.78
N ASP B 102 -45.16 4.88 32.97
CA ASP B 102 -45.48 3.53 33.42
C ASP B 102 -44.56 2.52 32.76
N SER B 103 -43.48 2.97 32.11
CA SER B 103 -42.59 2.11 31.34
C SER B 103 -41.17 2.31 31.87
N ASP B 104 -40.78 1.48 32.83
CA ASP B 104 -39.42 1.46 33.34
C ASP B 104 -38.79 0.09 33.09
N ASP B 105 -38.95 -0.41 31.86
CA ASP B 105 -38.48 -1.75 31.51
C ASP B 105 -36.98 -1.90 31.61
N CYS B 106 -36.23 -0.80 31.66
CA CYS B 106 -34.78 -0.85 31.80
C CYS B 106 -34.33 -1.13 33.23
N PHE B 107 -35.26 -1.53 34.10
CA PHE B 107 -34.93 -1.87 35.48
C PHE B 107 -35.32 -3.28 35.88
N ARG B 108 -35.96 -4.05 35.00
CA ARG B 108 -36.46 -5.37 35.35
C ARG B 108 -35.68 -6.51 34.70
N ASP B 109 -34.91 -6.23 33.65
CA ASP B 109 -34.13 -7.25 32.96
C ASP B 109 -32.65 -6.96 33.09
N ASN B 110 -31.89 -7.95 33.56
CA ASN B 110 -30.44 -7.81 33.70
C ASN B 110 -29.67 -9.00 33.16
N GLU B 111 -30.32 -10.08 32.77
CA GLU B 111 -29.62 -11.23 32.20
C GLU B 111 -29.60 -11.15 30.68
N GLY B 112 -30.75 -10.94 30.06
CA GLY B 112 -30.87 -10.90 28.61
C GLY B 112 -31.42 -12.19 28.06
N ARG B 113 -32.72 -12.20 27.75
CA ARG B 113 -33.39 -13.41 27.29
C ARG B 113 -34.42 -13.05 26.23
N GLY B 114 -34.72 -14.01 25.37
CA GLY B 114 -35.82 -13.92 24.41
C GLY B 114 -35.40 -13.97 22.96
N GLN B 115 -34.29 -13.30 22.62
CA GLN B 115 -33.90 -13.11 21.22
C GLN B 115 -32.63 -13.88 20.92
N TRP B 116 -32.62 -14.55 19.77
CA TRP B 116 -31.47 -15.29 19.26
C TRP B 116 -30.98 -14.61 17.99
N VAL B 117 -29.70 -14.23 17.97
CA VAL B 117 -29.11 -13.55 16.83
C VAL B 117 -27.74 -14.15 16.53
N LYS B 118 -27.26 -13.90 15.32
CA LYS B 118 -25.95 -14.36 14.87
C LYS B 118 -24.84 -13.35 15.16
N GLY B 119 -25.17 -12.22 15.79
CA GLY B 119 -24.18 -11.18 16.04
C GLY B 119 -24.80 -9.80 16.02
N LYS B 120 -24.51 -9.01 17.05
CA LYS B 120 -25.14 -7.71 17.22
C LYS B 120 -24.16 -6.75 17.88
N GLU B 121 -24.12 -5.51 17.38
CA GLU B 121 -23.32 -4.46 17.98
C GLU B 121 -24.22 -3.39 18.58
N LEU B 122 -23.88 -2.93 19.77
CA LEU B 122 -24.70 -1.97 20.50
C LEU B 122 -24.49 -0.57 19.93
N VAL B 123 -25.57 0.21 19.90
CA VAL B 123 -25.52 1.62 19.52
C VAL B 123 -26.07 2.42 20.69
N LYS B 124 -25.38 3.50 21.03
CA LYS B 124 -25.73 4.32 22.18
C LYS B 124 -26.35 5.63 21.71
N ARG B 125 -27.50 5.97 22.29
CA ARG B 125 -28.19 7.20 21.94
C ARG B 125 -28.85 7.77 23.18
N GLN B 126 -28.84 9.09 23.30
CA GLN B 126 -29.44 9.78 24.44
C GLN B 126 -30.39 10.86 23.94
N ASN B 127 -31.59 10.89 24.51
CA ASN B 127 -32.59 11.91 24.19
C ASN B 127 -33.48 12.08 25.42
N ASN B 128 -33.46 13.27 26.01
CA ASN B 128 -34.24 13.56 27.20
C ASN B 128 -35.04 14.85 27.04
N ASN B 129 -35.74 15.00 25.91
CA ASN B 129 -36.48 16.22 25.66
C ASN B 129 -37.83 16.28 26.36
N HIS B 130 -38.24 15.20 27.01
CA HIS B 130 -39.53 15.17 27.71
C HIS B 130 -39.32 15.56 29.17
N PHE B 131 -39.69 16.80 29.52
CA PHE B 131 -39.36 17.34 30.83
C PHE B 131 -40.22 16.75 31.94
N ALA B 132 -41.51 16.49 31.65
CA ALA B 132 -42.44 16.13 32.71
C ALA B 132 -42.24 14.71 33.23
N HIS B 133 -41.46 13.88 32.54
CA HIS B 133 -41.34 12.46 32.88
C HIS B 133 -39.91 12.00 32.69
N HIS B 134 -39.69 10.71 32.94
CA HIS B 134 -38.39 10.07 32.79
C HIS B 134 -38.24 9.46 31.39
N THR B 135 -37.02 9.01 31.11
CA THR B 135 -36.74 8.30 29.86
C THR B 135 -35.48 7.47 30.06
N CYS B 136 -35.41 6.35 29.34
CA CYS B 136 -34.23 5.48 29.44
C CYS B 136 -34.11 4.65 28.16
N ASN B 137 -32.87 4.32 27.83
CA ASN B 137 -32.55 3.52 26.66
C ASN B 137 -31.66 2.35 27.05
N LYS B 138 -31.66 1.31 26.22
CA LYS B 138 -30.86 0.13 26.49
C LYS B 138 -30.45 -0.53 25.17
N SER B 139 -29.23 -1.05 25.14
CA SER B 139 -28.70 -1.77 23.99
C SER B 139 -28.00 -3.03 24.48
N TRP B 140 -27.58 -3.87 23.53
CA TRP B 140 -27.06 -5.18 23.88
C TRP B 140 -25.92 -5.56 22.94
N ARG B 141 -25.22 -6.65 23.30
CA ARG B 141 -24.02 -7.08 22.59
C ARG B 141 -24.07 -8.58 22.35
N CYS B 142 -23.42 -9.01 21.27
CA CYS B 142 -23.31 -10.42 20.90
C CYS B 142 -21.89 -10.75 20.43
N GLY B 143 -21.55 -12.03 20.50
CA GLY B 143 -20.27 -12.50 20.02
C GLY B 143 -20.04 -13.99 20.20
N ILE B 144 -19.57 -14.64 19.15
CA ILE B 144 -19.25 -16.06 19.20
C ILE B 144 -18.32 -16.37 18.03
N SER B 145 -17.25 -17.11 18.31
CA SER B 145 -16.27 -17.45 17.29
C SER B 145 -15.39 -18.58 17.81
N THR B 146 -14.53 -19.08 16.93
CA THR B 146 -13.57 -20.14 17.24
C THR B 146 -12.20 -19.78 16.70
N SER B 147 -11.18 -20.37 17.30
CA SER B 147 -9.80 -20.13 16.89
C SER B 147 -8.97 -21.36 17.18
N LYS B 148 -7.81 -21.45 16.52
CA LYS B 148 -6.90 -22.55 16.73
C LYS B 148 -5.95 -22.26 17.90
N MET B 149 -5.45 -23.33 18.52
CA MET B 149 -4.58 -23.25 19.68
C MET B 149 -3.12 -23.20 19.25
N TYR B 150 -2.35 -22.33 19.91
CA TYR B 150 -0.90 -22.28 19.72
C TYR B 150 -0.28 -23.57 20.24
N SER B 151 0.42 -24.30 19.37
CA SER B 151 0.93 -25.62 19.72
C SER B 151 2.31 -25.82 19.10
N ARG B 152 2.93 -26.94 19.45
CA ARG B 152 4.24 -27.31 18.95
C ARG B 152 4.36 -28.83 19.01
N LEU B 153 5.12 -29.38 18.06
CA LEU B 153 5.27 -30.83 17.93
C LEU B 153 6.75 -31.20 18.03
N GLU B 154 7.03 -32.22 18.82
CA GLU B 154 8.38 -32.73 18.99
C GLU B 154 8.35 -34.25 19.05
N CYS B 155 9.43 -34.87 18.56
CA CYS B 155 9.53 -36.32 18.52
C CYS B 155 10.93 -36.74 18.96
N GLN B 156 11.03 -37.94 19.52
CA GLN B 156 12.30 -38.51 19.95
C GLN B 156 12.78 -39.56 18.96
N ASP B 157 14.09 -39.82 19.02
CA ASP B 157 14.75 -40.71 18.07
C ASP B 157 14.76 -42.16 18.52
N ASP B 158 15.07 -42.41 19.79
CA ASP B 158 15.26 -43.77 20.29
C ASP B 158 13.97 -44.57 20.42
N THR B 159 12.81 -43.91 20.37
CA THR B 159 11.54 -44.59 20.57
C THR B 159 10.50 -44.27 19.49
N ASP B 160 10.62 -43.15 18.79
CA ASP B 160 9.69 -42.76 17.72
C ASP B 160 8.28 -42.55 18.26
N GLU B 161 8.19 -41.82 19.37
CA GLU B 161 6.92 -41.34 19.91
C GLU B 161 6.88 -39.82 19.83
N CYS B 162 5.74 -39.29 19.43
CA CYS B 162 5.57 -37.85 19.25
C CYS B 162 4.50 -37.33 20.20
N GLN B 163 4.68 -36.08 20.64
CA GLN B 163 3.76 -35.46 21.58
C GLN B 163 3.53 -34.02 21.15
N VAL B 164 2.38 -33.47 21.56
CA VAL B 164 1.99 -32.11 21.21
C VAL B 164 1.94 -31.29 22.49
N TYR B 165 2.57 -30.11 22.45
CA TYR B 165 2.63 -29.21 23.59
C TYR B 165 1.78 -27.98 23.35
N ILE B 166 1.16 -27.48 24.41
CA ILE B 166 0.37 -26.25 24.37
C ILE B 166 1.23 -25.11 24.88
N LEU B 167 1.36 -24.06 24.08
CA LEU B 167 2.26 -22.96 24.36
C LEU B 167 1.50 -21.71 24.78
N ASP B 168 2.14 -20.90 25.61
CA ASP B 168 1.60 -19.62 26.03
C ASP B 168 2.07 -18.52 25.08
N ALA B 169 1.90 -17.26 25.49
CA ALA B 169 2.27 -16.15 24.62
C ALA B 169 3.78 -16.14 24.34
N GLU B 170 4.59 -16.41 25.36
CA GLU B 170 6.04 -16.44 25.18
C GLU B 170 6.55 -17.73 24.54
N GLY B 171 5.71 -18.75 24.44
CA GLY B 171 6.13 -19.99 23.82
C GLY B 171 6.68 -21.01 24.79
N ASN B 172 5.98 -21.23 25.89
CA ASN B 172 6.41 -22.19 26.90
C ASN B 172 5.28 -23.17 27.20
N PRO B 173 5.59 -24.46 27.35
CA PRO B 173 4.54 -25.43 27.66
C PRO B 173 3.90 -25.15 29.01
N ILE B 174 2.59 -25.41 29.09
CA ILE B 174 1.81 -25.15 30.29
C ILE B 174 0.71 -26.20 30.40
N ASN B 175 0.31 -26.50 31.63
CA ASN B 175 -0.85 -27.34 31.86
C ASN B 175 -2.14 -26.58 31.58
N VAL B 176 -3.03 -27.20 30.81
CA VAL B 176 -4.35 -26.65 30.53
C VAL B 176 -5.38 -27.74 30.79
N THR B 177 -6.41 -27.41 31.56
CA THR B 177 -7.48 -28.35 31.87
C THR B 177 -8.52 -28.33 30.75
N VAL B 178 -8.89 -29.52 30.27
CA VAL B 178 -9.83 -29.63 29.16
C VAL B 178 -11.26 -29.54 29.69
N ASP B 179 -12.12 -28.91 28.89
CA ASP B 179 -13.55 -28.81 29.17
C ASP B 179 -13.82 -28.08 30.48
N THR B 180 -13.39 -26.82 30.52
CA THR B 180 -13.63 -25.95 31.66
C THR B 180 -13.74 -24.52 31.16
N VAL B 181 -14.25 -23.64 32.02
CA VAL B 181 -14.56 -22.27 31.67
C VAL B 181 -13.53 -21.36 32.33
N LEU B 182 -12.98 -20.42 31.55
CA LEU B 182 -12.02 -19.45 32.05
C LEU B 182 -12.45 -18.05 31.63
N HIS B 183 -12.37 -17.12 32.57
CA HIS B 183 -12.76 -15.74 32.32
C HIS B 183 -11.55 -14.82 32.51
N ARG B 184 -11.37 -13.90 31.55
CA ARG B 184 -10.30 -12.92 31.63
C ARG B 184 -10.59 -11.81 30.63
N ASP B 185 -10.39 -10.56 31.05
CA ASP B 185 -10.51 -9.39 30.19
C ASP B 185 -11.89 -9.31 29.54
N GLY B 186 -12.92 -9.77 30.25
CA GLY B 186 -14.28 -9.65 29.77
C GLY B 186 -14.71 -10.64 28.73
N VAL B 187 -13.98 -11.75 28.54
CA VAL B 187 -14.36 -12.80 27.61
C VAL B 187 -14.28 -14.14 28.32
N SER B 188 -14.97 -15.12 27.75
CA SER B 188 -15.00 -16.48 28.28
C SER B 188 -14.50 -17.44 27.22
N MET B 189 -13.66 -18.39 27.63
CA MET B 189 -13.04 -19.33 26.72
C MET B 189 -13.12 -20.75 27.28
N ILE B 190 -13.27 -21.72 26.38
CA ILE B 190 -13.35 -23.13 26.72
C ILE B 190 -12.48 -23.91 25.76
N LEU B 191 -11.68 -24.84 26.28
CA LEU B 191 -10.86 -25.72 25.47
C LEU B 191 -11.39 -27.15 25.55
N LYS B 192 -11.45 -27.81 24.40
CA LYS B 192 -11.93 -29.18 24.30
C LYS B 192 -11.19 -29.88 23.17
N GLN B 193 -11.27 -31.22 23.17
CA GLN B 193 -10.78 -32.05 22.07
C GLN B 193 -9.28 -31.79 21.81
N LYS B 194 -8.48 -32.20 22.80
CA LYS B 194 -7.03 -32.05 22.72
C LYS B 194 -6.50 -32.51 21.38
N SER B 195 -5.42 -31.87 20.93
CA SER B 195 -4.95 -31.99 19.57
C SER B 195 -4.38 -33.38 19.28
N THR B 196 -4.38 -33.73 17.99
CA THR B 196 -3.86 -35.01 17.52
C THR B 196 -3.05 -34.76 16.26
N PHE B 197 -2.32 -35.79 15.82
CA PHE B 197 -1.45 -35.68 14.66
C PHE B 197 -1.69 -36.88 13.74
N THR B 198 -0.89 -36.97 12.68
CA THR B 198 -1.02 -38.03 11.70
C THR B 198 0.34 -38.25 11.03
N THR B 199 0.47 -39.38 10.36
CA THR B 199 1.71 -39.77 9.69
C THR B 199 1.41 -40.19 8.26
N ARG B 200 2.33 -39.87 7.36
CA ARG B 200 2.17 -40.19 5.95
C ARG B 200 3.54 -40.28 5.30
N GLN B 201 3.57 -40.87 4.10
CA GLN B 201 4.78 -41.03 3.32
C GLN B 201 4.68 -40.20 2.05
N ILE B 202 5.80 -39.57 1.68
CA ILE B 202 5.85 -38.69 0.52
C ILE B 202 7.09 -39.01 -0.29
N LYS B 203 6.92 -39.13 -1.61
CA LYS B 203 8.03 -39.33 -2.52
C LYS B 203 8.75 -38.02 -2.79
N ALA B 204 10.07 -38.08 -2.91
CA ALA B 204 10.89 -36.89 -3.13
C ALA B 204 12.11 -37.27 -3.95
N ALA B 205 12.77 -36.25 -4.50
CA ALA B 205 13.98 -36.42 -5.29
C ALA B 205 15.19 -36.00 -4.47
N CYS B 206 16.23 -36.83 -4.46
CA CYS B 206 17.41 -36.58 -3.66
C CYS B 206 18.65 -36.79 -4.49
N LEU B 207 19.73 -36.12 -4.10
CA LEU B 207 21.02 -36.21 -4.78
C LEU B 207 22.13 -36.16 -3.74
N LEU B 208 23.37 -36.25 -4.21
CA LEU B 208 24.54 -36.17 -3.36
C LEU B 208 25.32 -34.90 -3.68
N ILE B 209 25.67 -34.15 -2.64
CA ILE B 209 26.35 -32.87 -2.78
C ILE B 209 27.72 -33.08 -2.16
N LYS B 210 28.72 -32.39 -2.71
CA LYS B 210 30.08 -32.48 -2.21
C LYS B 210 30.21 -31.40 -1.14
N ASP B 211 30.90 -31.75 -0.05
CA ASP B 211 31.14 -30.76 1.00
C ASP B 211 32.14 -29.71 0.55
N ASP B 212 33.20 -30.14 -0.14
CA ASP B 212 34.24 -29.25 -0.65
C ASP B 212 34.10 -29.22 -2.17
N LYS B 213 33.75 -28.05 -2.71
CA LYS B 213 33.40 -27.96 -4.13
C LYS B 213 34.63 -28.01 -5.03
N ASN B 214 35.75 -27.41 -4.61
CA ASN B 214 36.94 -27.37 -5.45
C ASN B 214 37.98 -28.41 -5.07
N ASN B 215 37.55 -29.58 -4.60
CA ASN B 215 38.46 -30.66 -4.28
C ASN B 215 37.85 -32.01 -4.68
N PRO B 216 38.39 -32.68 -5.68
CA PRO B 216 37.88 -34.00 -6.05
C PRO B 216 38.15 -35.02 -4.95
N GLU B 217 37.39 -36.12 -5.00
CA GLU B 217 37.47 -37.19 -4.00
C GLU B 217 37.21 -36.65 -2.60
N SER B 218 36.14 -35.89 -2.46
CA SER B 218 35.73 -35.29 -1.19
C SER B 218 34.51 -36.03 -0.63
N VAL B 219 34.06 -35.58 0.53
CA VAL B 219 32.95 -36.20 1.22
C VAL B 219 31.65 -35.61 0.69
N THR B 220 30.65 -36.48 0.48
CA THR B 220 29.36 -36.08 -0.03
C THR B 220 28.26 -36.52 0.93
N ARG B 221 27.16 -35.77 0.94
CA ARG B 221 26.01 -36.09 1.79
C ARG B 221 24.73 -35.85 1.01
N GLU B 222 23.68 -36.55 1.42
CA GLU B 222 22.39 -36.51 0.74
C GLU B 222 21.57 -35.26 1.03
N HIS B 223 20.99 -34.70 -0.04
CA HIS B 223 20.10 -33.55 0.06
C HIS B 223 18.83 -33.76 -0.75
N CYS B 224 17.70 -33.33 -0.19
CA CYS B 224 16.41 -33.50 -0.83
C CYS B 224 15.63 -32.19 -0.79
N LEU B 225 14.78 -32.00 -1.79
CA LEU B 225 13.93 -30.82 -1.89
C LEU B 225 12.51 -31.22 -1.52
N ILE B 226 11.92 -30.52 -0.55
CA ILE B 226 10.59 -30.89 -0.07
C ILE B 226 9.53 -29.92 -0.59
N ASP B 227 9.58 -28.67 -0.15
CA ASP B 227 8.66 -27.67 -0.64
C ASP B 227 9.38 -26.48 -1.28
N ASN B 228 10.26 -25.81 -0.54
CA ASN B 228 11.04 -24.71 -1.10
C ASN B 228 12.45 -24.65 -0.53
N ASP B 229 12.87 -25.67 0.22
CA ASP B 229 14.16 -25.66 0.89
C ASP B 229 14.81 -27.02 0.69
N ILE B 230 16.15 -27.02 0.72
CA ILE B 230 16.95 -28.22 0.54
C ILE B 230 17.43 -28.66 1.92
N TYR B 231 17.00 -29.85 2.34
CA TYR B 231 17.30 -30.35 3.67
C TYR B 231 18.40 -31.40 3.61
N ASP B 232 19.30 -31.35 4.59
CA ASP B 232 20.35 -32.36 4.72
C ASP B 232 19.77 -33.56 5.46
N LEU B 233 19.63 -34.68 4.76
CA LEU B 233 19.08 -35.90 5.34
C LEU B 233 20.11 -37.03 5.34
N SER B 234 21.39 -36.68 5.54
CA SER B 234 22.43 -37.70 5.56
C SER B 234 22.28 -38.61 6.79
N LYS B 235 21.83 -38.06 7.90
CA LYS B 235 21.65 -38.80 9.13
C LYS B 235 20.18 -39.17 9.31
N ASN B 236 19.94 -40.33 9.91
CA ASN B 236 18.59 -40.85 10.10
C ASN B 236 18.06 -40.47 11.49
N THR B 237 17.94 -39.17 11.71
CA THR B 237 17.44 -38.62 12.96
C THR B 237 16.32 -37.62 12.67
N TRP B 238 15.42 -37.49 13.64
CA TRP B 238 14.34 -36.52 13.54
C TRP B 238 14.90 -35.10 13.67
N ASN B 239 14.40 -34.20 12.82
CA ASN B 239 14.78 -32.79 12.87
C ASN B 239 13.62 -31.95 12.35
N CYS B 240 13.10 -31.06 13.20
CA CYS B 240 11.88 -30.37 12.81
C CYS B 240 11.63 -29.15 13.68
N LYS B 241 10.76 -28.27 13.17
CA LYS B 241 10.41 -27.02 13.81
C LYS B 241 8.89 -26.87 13.79
N PHE B 242 8.38 -26.03 14.69
CA PHE B 242 6.94 -25.80 14.87
C PHE B 242 6.21 -27.12 15.00
N ASN B 243 5.25 -27.40 14.10
CA ASN B 243 4.55 -28.68 14.07
C ASN B 243 4.57 -29.23 12.64
N ARG B 244 5.71 -29.80 12.26
CA ARG B 244 5.88 -30.61 11.07
C ARG B 244 7.24 -31.26 11.14
N CYS B 245 7.33 -32.59 11.05
CA CYS B 245 8.60 -33.27 11.29
C CYS B 245 8.96 -34.18 10.13
N ILE B 246 10.26 -34.26 9.86
CA ILE B 246 10.81 -34.90 8.68
C ILE B 246 11.74 -36.03 9.12
N LYS B 247 11.67 -37.17 8.43
CA LYS B 247 12.50 -38.31 8.75
C LYS B 247 12.72 -39.15 7.50
N ARG B 248 13.93 -39.69 7.35
CA ARG B 248 14.26 -40.61 6.28
C ARG B 248 14.83 -41.88 6.90
N LYS B 249 14.25 -43.03 6.56
CA LYS B 249 14.63 -44.29 7.18
C LYS B 249 15.92 -44.82 6.57
N VAL B 250 16.54 -45.78 7.26
CA VAL B 250 17.84 -46.30 6.85
C VAL B 250 17.74 -47.12 5.56
N GLU B 251 16.66 -47.87 5.39
CA GLU B 251 16.57 -48.79 4.25
C GLU B 251 16.47 -48.03 2.93
N HIS B 252 15.82 -46.87 2.93
CA HIS B 252 15.70 -46.07 1.71
C HIS B 252 17.03 -45.38 1.43
N ARG B 253 17.67 -45.74 0.33
CA ARG B 253 18.99 -45.26 -0.03
C ARG B 253 18.92 -44.38 -1.27
N VAL B 254 20.07 -43.83 -1.65
CA VAL B 254 20.19 -42.91 -2.77
C VAL B 254 21.24 -43.45 -3.74
N LYS B 255 21.00 -43.26 -5.03
CA LYS B 255 21.93 -43.73 -6.06
C LYS B 255 23.31 -43.10 -5.88
N LYS B 256 24.34 -43.90 -6.10
CA LYS B 256 25.71 -43.44 -5.90
C LYS B 256 26.13 -42.48 -7.02
N ARG B 257 27.12 -41.63 -6.69
CA ARG B 257 27.69 -40.66 -7.62
C ARG B 257 28.95 -41.21 -8.25
N PRO B 258 29.01 -41.29 -9.58
CA PRO B 258 30.20 -41.86 -10.21
C PRO B 258 31.40 -40.95 -10.04
N PRO B 259 32.61 -41.51 -9.94
CA PRO B 259 33.80 -40.68 -9.82
C PRO B 259 34.21 -40.10 -11.16
N THR B 260 35.11 -39.11 -11.09
CA THR B 260 35.62 -38.47 -12.30
C THR B 260 36.45 -39.45 -13.12
N TRP B 261 36.35 -39.32 -14.44
CA TRP B 261 37.06 -40.19 -15.36
C TRP B 261 38.40 -39.55 -15.77
N ARG B 262 39.47 -40.33 -15.65
CA ARG B 262 40.80 -39.86 -16.01
C ARG B 262 41.57 -41.03 -16.61
N HIS B 263 42.64 -40.68 -17.33
CA HIS B 263 43.50 -41.69 -17.94
C HIS B 263 44.45 -42.27 -16.88
N ASN B 264 45.08 -43.39 -17.24
CA ASN B 264 45.90 -44.22 -16.36
C ASN B 264 45.10 -44.90 -15.27
N VAL B 265 43.79 -44.72 -15.23
CA VAL B 265 42.94 -45.29 -14.18
C VAL B 265 41.86 -46.11 -14.83
N ARG B 266 41.62 -47.31 -14.29
CA ARG B 266 40.55 -48.16 -14.80
C ARG B 266 39.20 -47.46 -14.64
N ALA B 267 38.38 -47.56 -15.67
CA ALA B 267 37.10 -46.85 -15.75
C ALA B 267 35.96 -47.83 -15.47
N LYS B 268 35.66 -48.02 -14.19
CA LYS B 268 34.54 -48.86 -13.75
C LYS B 268 34.51 -50.20 -14.45
N TYR B 269 33.35 -50.57 -15.00
CA TYR B 269 33.21 -51.82 -15.73
C TYR B 269 34.02 -51.79 -17.01
N THR B 270 34.56 -52.95 -17.40
CA THR B 270 35.41 -53.08 -18.56
C THR B 270 34.60 -53.65 -19.72
N GLU B 271 34.60 -52.95 -20.85
CA GLU B 271 33.96 -53.40 -22.08
C GLU B 271 34.98 -53.27 -23.20
N GLY B 272 35.63 -54.38 -23.55
CA GLY B 272 36.70 -54.33 -24.52
C GLY B 272 36.23 -54.24 -25.96
N ASP B 273 36.33 -53.06 -26.54
CA ASP B 273 35.95 -52.77 -27.92
C ASP B 273 36.79 -51.59 -28.38
N THR B 274 36.49 -51.10 -29.58
CA THR B 274 37.14 -49.93 -30.14
C THR B 274 36.10 -48.87 -30.47
N ALA B 275 36.28 -47.67 -29.92
CA ALA B 275 35.35 -46.58 -30.17
C ALA B 275 35.64 -45.95 -31.53
N THR B 276 34.63 -45.26 -32.06
CA THR B 276 34.70 -44.59 -33.34
C THR B 276 34.21 -43.15 -33.20
N LYS B 277 34.48 -42.35 -34.22
CA LYS B 277 34.13 -40.93 -34.17
C LYS B 277 32.62 -40.73 -34.12
N GLY B 278 31.86 -41.63 -34.75
CA GLY B 278 30.41 -41.49 -34.77
C GLY B 278 29.79 -41.51 -33.39
N ASP B 279 30.27 -42.42 -32.54
CA ASP B 279 29.76 -42.48 -31.17
C ASP B 279 30.02 -41.19 -30.42
N LEU B 280 31.23 -40.64 -30.56
CA LEU B 280 31.58 -39.41 -29.88
C LEU B 280 30.71 -38.25 -30.36
N MET B 281 30.48 -38.17 -31.67
CA MET B 281 29.63 -37.11 -32.20
C MET B 281 28.18 -37.28 -31.74
N HIS B 282 27.69 -38.52 -31.65
CA HIS B 282 26.35 -38.77 -31.14
C HIS B 282 26.21 -38.28 -29.70
N ILE B 283 27.19 -38.63 -28.86
CA ILE B 283 27.17 -38.19 -27.47
C ILE B 283 27.20 -36.66 -27.39
N GLN B 284 28.05 -36.03 -28.21
CA GLN B 284 28.16 -34.59 -28.20
C GLN B 284 26.83 -33.94 -28.58
N GLU B 285 26.16 -34.45 -29.61
CA GLU B 285 24.89 -33.89 -30.05
C GLU B 285 23.83 -34.04 -28.97
N GLU B 286 23.76 -35.21 -28.33
CA GLU B 286 22.78 -35.42 -27.26
C GLU B 286 22.99 -34.44 -26.12
N LEU B 287 24.24 -34.26 -25.70
CA LEU B 287 24.53 -33.35 -24.60
C LEU B 287 24.25 -31.90 -24.96
N MET B 288 24.53 -31.51 -26.21
CA MET B 288 24.18 -30.16 -26.65
C MET B 288 22.67 -29.94 -26.61
N TYR B 289 21.89 -30.94 -27.01
CA TYR B 289 20.44 -30.80 -26.95
C TYR B 289 19.95 -30.64 -25.51
N GLU B 290 20.54 -31.41 -24.59
CA GLU B 290 20.19 -31.25 -23.18
C GLU B 290 20.50 -29.85 -22.69
N ASN B 291 21.67 -29.32 -23.06
CA ASN B 291 22.03 -27.96 -22.69
C ASN B 291 21.03 -26.96 -23.26
N ASP B 292 20.54 -27.20 -24.47
CA ASP B 292 19.53 -26.32 -25.06
C ASP B 292 18.26 -26.32 -24.23
N LEU B 293 17.82 -27.49 -23.77
CA LEU B 293 16.64 -27.56 -22.92
C LEU B 293 16.83 -26.74 -21.65
N LEU B 294 18.00 -26.90 -21.01
CA LEU B 294 18.28 -26.14 -19.79
C LEU B 294 18.25 -24.64 -20.06
N LYS B 295 18.83 -24.22 -21.20
CA LYS B 295 18.81 -22.80 -21.54
C LYS B 295 17.39 -22.28 -21.67
N MET B 296 16.52 -23.05 -22.35
CA MET B 296 15.14 -22.63 -22.52
C MET B 296 14.45 -22.43 -21.17
N ASN B 297 14.68 -23.37 -20.24
CA ASN B 297 14.17 -23.17 -18.88
C ASN B 297 14.68 -21.86 -18.29
N ILE B 298 15.94 -21.52 -18.57
CA ILE B 298 16.51 -20.28 -18.04
C ILE B 298 15.74 -19.06 -18.56
N GLU B 299 15.48 -19.00 -19.87
CA GLU B 299 14.74 -17.83 -20.37
C GLU B 299 13.33 -17.79 -19.81
N LEU B 300 12.70 -18.95 -19.60
CA LEU B 300 11.36 -18.93 -19.01
C LEU B 300 11.38 -18.29 -17.63
N MET B 301 12.36 -18.70 -16.79
CA MET B 301 12.46 -18.11 -15.46
C MET B 301 12.73 -16.61 -15.53
N HIS B 302 13.58 -16.19 -16.47
CA HIS B 302 13.88 -14.76 -16.61
C HIS B 302 12.63 -13.97 -16.97
N ALA B 303 11.80 -14.50 -17.88
CA ALA B 303 10.57 -13.81 -18.25
C ALA B 303 9.63 -13.68 -17.06
N HIS B 304 9.50 -14.75 -16.26
CA HIS B 304 8.67 -14.66 -15.07
C HIS B 304 9.16 -13.57 -14.13
N ILE B 305 10.48 -13.50 -13.91
CA ILE B 305 11.04 -12.50 -13.01
C ILE B 305 10.75 -11.09 -13.53
N ASN B 306 10.90 -10.89 -14.84
CA ASN B 306 10.64 -9.57 -15.42
C ASN B 306 9.18 -9.16 -15.23
N LYS B 307 8.25 -10.09 -15.45
CA LYS B 307 6.84 -9.78 -15.25
C LYS B 307 6.56 -9.37 -13.81
N LEU B 308 7.12 -10.11 -12.85
CA LEU B 308 6.93 -9.77 -11.45
C LEU B 308 7.51 -8.39 -11.13
N ASN B 309 8.67 -8.07 -11.68
CA ASN B 309 9.29 -6.78 -11.43
C ASN B 309 8.40 -5.64 -11.93
N ASN B 310 7.86 -5.79 -13.15
CA ASN B 310 6.98 -4.75 -13.69
C ASN B 310 5.74 -4.58 -12.82
N MET B 311 5.14 -5.70 -12.38
CA MET B 311 3.96 -5.61 -11.54
C MET B 311 4.26 -4.90 -10.22
N LEU B 312 5.41 -5.21 -9.61
CA LEU B 312 5.77 -4.58 -8.34
C LEU B 312 5.98 -3.09 -8.50
N HIS B 313 6.66 -2.67 -9.59
CA HIS B 313 6.85 -1.23 -9.81
C HIS B 313 5.53 -0.51 -10.03
N ASP B 314 4.62 -1.12 -10.80
CA ASP B 314 3.30 -0.50 -10.96
C ASP B 314 2.59 -0.38 -9.62
N LEU B 315 2.67 -1.42 -8.79
CA LEU B 315 2.05 -1.39 -7.47
C LEU B 315 2.59 -0.24 -6.63
N ILE B 316 3.92 -0.11 -6.55
CA ILE B 316 4.49 0.92 -5.68
C ILE B 316 4.16 2.32 -6.21
N VAL B 317 4.20 2.49 -7.54
CA VAL B 317 3.87 3.80 -8.11
C VAL B 317 2.43 4.18 -7.79
N SER B 318 1.50 3.23 -7.90
CA SER B 318 0.11 3.53 -7.60
C SER B 318 -0.09 3.82 -6.11
N VAL B 319 0.56 3.05 -5.24
CA VAL B 319 0.34 3.21 -3.80
C VAL B 319 1.00 4.46 -3.23
N ALA B 320 2.05 4.98 -3.89
CA ALA B 320 2.81 6.08 -3.30
C ALA B 320 1.98 7.35 -3.11
N LYS B 321 0.82 7.45 -3.75
CA LYS B 321 0.01 8.67 -3.63
C LYS B 321 -0.48 8.87 -2.20
N VAL B 322 -0.94 7.81 -1.55
CA VAL B 322 -1.50 7.94 -0.21
C VAL B 322 -0.40 8.10 0.83
N ASP B 323 0.60 7.23 0.80
CA ASP B 323 1.71 7.26 1.74
C ASP B 323 2.84 8.07 1.12
N GLU B 324 3.10 9.27 1.65
CA GLU B 324 4.09 10.15 1.07
C GLU B 324 5.52 9.82 1.52
N ARG B 325 5.69 8.88 2.45
CA ARG B 325 7.00 8.50 2.94
C ARG B 325 7.49 7.19 2.34
N LEU B 326 6.76 6.63 1.37
CA LEU B 326 7.14 5.34 0.82
C LEU B 326 8.39 5.45 -0.05
N ILE B 327 8.46 6.49 -0.89
CA ILE B 327 9.60 6.65 -1.78
C ILE B 327 10.88 6.85 -0.99
N GLY B 328 10.82 7.69 0.05
CA GLY B 328 11.99 7.90 0.88
C GLY B 328 12.42 6.63 1.60
N ASN B 329 11.45 5.86 2.11
CA ASN B 329 11.78 4.63 2.81
C ASN B 329 12.43 3.62 1.87
N LEU B 330 11.92 3.50 0.63
CA LEU B 330 12.50 2.57 -0.32
C LEU B 330 13.90 3.00 -0.77
N MET B 331 14.22 4.28 -0.65
CA MET B 331 15.53 4.80 -1.03
C MET B 331 16.51 4.85 0.15
N ASN B 332 16.08 4.38 1.33
CA ASN B 332 16.87 4.50 2.56
C ASN B 332 17.25 5.95 2.84
N ASN B 333 16.34 6.87 2.53
CA ASN B 333 16.53 8.30 2.77
C ASN B 333 15.37 8.81 3.62
N SER B 334 15.36 10.13 3.86
CA SER B 334 14.33 10.77 4.67
C SER B 334 13.79 11.96 3.89
N VAL B 335 12.81 11.70 3.01
CA VAL B 335 12.16 12.75 2.22
C VAL B 335 10.66 12.47 2.19
N SER B 336 9.91 13.49 1.81
CA SER B 336 8.47 13.37 1.58
C SER B 336 8.15 13.89 0.19
N SER B 337 7.10 13.33 -0.41
CA SER B 337 6.79 13.57 -1.80
C SER B 337 5.37 14.09 -1.96
N THR B 338 5.19 15.00 -2.91
CA THR B 338 3.88 15.48 -3.33
C THR B 338 3.80 15.37 -4.85
N PHE B 339 2.61 15.05 -5.35
CA PHE B 339 2.41 14.71 -6.75
C PHE B 339 1.76 15.88 -7.48
N LEU B 340 2.35 16.25 -8.62
CA LEU B 340 1.73 17.22 -9.52
C LEU B 340 0.79 16.57 -10.52
N SER B 341 1.03 15.31 -10.85
CA SER B 341 0.17 14.54 -11.75
C SER B 341 0.30 13.08 -11.38
N ASP B 342 -0.19 12.20 -12.25
CA ASP B 342 -0.09 10.77 -11.99
C ASP B 342 1.30 10.20 -12.29
N ASP B 343 2.21 10.99 -12.86
CA ASP B 343 3.52 10.49 -13.22
C ASP B 343 4.63 11.27 -12.52
N THR B 344 4.50 12.59 -12.43
CA THR B 344 5.52 13.46 -11.89
C THR B 344 5.21 13.82 -10.45
N PHE B 345 6.27 14.12 -9.69
CA PHE B 345 6.12 14.45 -8.27
C PHE B 345 7.30 15.31 -7.85
N LEU B 346 7.22 15.81 -6.61
CA LEU B 346 8.26 16.61 -6.00
C LEU B 346 8.80 15.90 -4.77
N LEU B 347 9.90 16.42 -4.23
CA LEU B 347 10.53 15.85 -3.05
C LEU B 347 10.82 16.96 -2.04
N MET B 348 10.79 16.58 -0.76
CA MET B 348 11.00 17.53 0.33
C MET B 348 11.62 16.81 1.52
N PRO B 349 12.76 17.28 2.02
CA PRO B 349 13.50 16.55 3.06
C PRO B 349 13.12 16.94 4.48
N CYS B 350 13.23 15.94 5.36
CA CYS B 350 13.15 16.15 6.81
C CYS B 350 14.51 15.89 7.47
N THR B 351 14.52 16.00 8.79
CA THR B 351 15.68 15.70 9.60
C THR B 351 15.44 14.43 10.41
N ASN B 352 16.48 14.01 11.14
CA ASN B 352 16.40 12.81 11.97
C ASN B 352 16.75 13.16 13.40
N PRO B 353 15.85 12.96 14.36
CA PRO B 353 16.15 13.27 15.76
C PRO B 353 17.20 12.33 16.31
N PRO B 354 17.89 12.72 17.37
CA PRO B 354 18.89 11.82 17.98
C PRO B 354 18.24 10.58 18.56
N ALA B 355 19.05 9.52 18.70
CA ALA B 355 18.55 8.25 19.20
C ALA B 355 17.99 8.40 20.60
N HIS B 356 16.92 7.67 20.88
CA HIS B 356 16.23 7.77 22.16
C HIS B 356 15.63 6.41 22.51
N THR B 357 15.31 6.24 23.78
CA THR B 357 14.76 4.99 24.29
C THR B 357 13.25 5.05 24.53
N SER B 358 12.59 6.11 24.04
CA SER B 358 11.14 6.24 24.21
C SER B 358 10.58 6.87 22.94
N ASN B 359 9.31 7.27 23.00
CA ASN B 359 8.62 7.89 21.87
C ASN B 359 8.10 9.28 22.21
N CYS B 360 8.81 10.00 23.08
CA CYS B 360 8.37 11.32 23.53
C CYS B 360 9.55 12.28 23.47
N TYR B 361 9.34 13.44 22.85
CA TYR B 361 10.37 14.49 22.75
C TYR B 361 9.75 15.82 23.17
N ASN B 362 9.69 16.06 24.48
CA ASN B 362 9.35 17.37 25.05
C ASN B 362 8.14 17.99 24.34
N ASN B 363 6.97 17.39 24.58
CA ASN B 363 5.70 17.76 23.98
C ASN B 363 5.62 17.34 22.52
N SER B 364 6.29 16.25 22.17
CA SER B 364 6.15 15.62 20.87
C SER B 364 5.98 14.12 21.06
N ILE B 365 5.09 13.53 20.27
CA ILE B 365 4.77 12.10 20.39
C ILE B 365 4.79 11.48 19.01
N TYR B 366 5.04 10.17 18.97
CA TYR B 366 5.07 9.40 17.73
C TYR B 366 3.81 8.55 17.67
N LYS B 367 2.93 8.87 16.73
CA LYS B 367 1.69 8.12 16.54
C LYS B 367 1.37 8.02 15.06
N GLU B 368 0.78 6.89 14.68
CA GLU B 368 0.38 6.62 13.29
C GLU B 368 1.55 6.75 12.32
N GLY B 369 2.75 6.43 12.78
CA GLY B 369 3.93 6.52 11.95
C GLY B 369 4.47 7.91 11.72
N ARG B 370 3.95 8.90 12.43
CA ARG B 370 4.37 10.29 12.27
C ARG B 370 4.66 10.91 13.62
N TRP B 371 5.50 11.95 13.62
CA TRP B 371 5.80 12.73 14.81
C TRP B 371 4.91 13.97 14.81
N VAL B 372 4.13 14.14 15.87
CA VAL B 372 3.21 15.26 16.00
C VAL B 372 3.38 15.89 17.37
N ALA B 373 2.90 17.13 17.50
CA ALA B 373 2.92 17.81 18.77
C ALA B 373 2.02 17.11 19.77
N ASN B 374 2.41 17.15 21.04
CA ASN B 374 1.68 16.44 22.08
C ASN B 374 1.51 17.34 23.29
N THR B 375 0.34 17.24 23.94
CA THR B 375 0.08 17.93 25.18
C THR B 375 -0.23 16.99 26.34
N ASP B 376 -0.54 15.72 26.07
CA ASP B 376 -0.77 14.75 27.12
C ASP B 376 0.51 14.51 27.91
N SER B 377 0.48 14.82 29.20
CA SER B 377 1.70 14.72 30.01
C SER B 377 2.19 13.28 30.11
N SER B 378 1.28 12.34 30.35
CA SER B 378 1.65 10.94 30.58
C SER B 378 1.06 10.09 29.46
N GLN B 379 1.77 10.03 28.34
CA GLN B 379 1.58 8.99 27.31
C GLN B 379 2.96 8.72 26.73
N CYS B 380 3.67 7.77 27.34
CA CYS B 380 5.04 7.46 26.94
C CYS B 380 5.32 6.01 27.31
N ILE B 381 6.05 5.31 26.46
CA ILE B 381 6.42 3.92 26.68
C ILE B 381 7.93 3.81 26.60
N ASP B 382 8.53 3.15 27.59
CA ASP B 382 9.97 2.92 27.59
C ASP B 382 10.29 1.67 26.80
N PHE B 383 11.19 1.79 25.83
CA PHE B 383 11.52 0.69 24.94
C PHE B 383 12.24 -0.42 25.69
N SER B 384 11.86 -1.66 25.41
CA SER B 384 12.47 -2.85 25.98
C SER B 384 13.00 -3.74 24.86
N ASN B 385 13.45 -4.93 25.24
CA ASN B 385 13.93 -5.89 24.26
C ASN B 385 12.79 -6.34 23.34
N TYR B 386 13.12 -6.54 22.07
CA TYR B 386 12.14 -6.87 21.06
C TYR B 386 12.39 -8.27 20.51
N LYS B 387 11.31 -8.96 20.17
CA LYS B 387 11.40 -10.21 19.46
C LYS B 387 11.28 -9.98 17.96
N GLU B 388 11.67 -10.98 17.18
CA GLU B 388 11.58 -10.90 15.73
C GLU B 388 10.87 -12.14 15.21
N LEU B 389 9.97 -11.92 14.24
CA LEU B 389 9.18 -13.01 13.69
C LEU B 389 9.08 -12.84 12.18
N ALA B 390 8.89 -13.95 11.48
CA ALA B 390 8.64 -13.95 10.05
C ALA B 390 7.15 -14.10 9.78
N ILE B 391 6.80 -13.98 8.50
CA ILE B 391 5.39 -14.06 8.10
C ILE B 391 4.85 -15.48 8.31
N ASP B 392 5.72 -16.49 8.19
CA ASP B 392 5.30 -17.89 8.21
C ASP B 392 5.73 -18.60 9.49
N ASP B 393 5.60 -17.93 10.63
CA ASP B 393 6.06 -18.49 11.90
C ASP B 393 5.00 -19.28 12.66
N ASP B 394 3.74 -19.27 12.19
CA ASP B 394 2.67 -20.10 12.74
C ASP B 394 2.48 -19.81 14.25
N VAL B 395 2.06 -18.58 14.52
CA VAL B 395 1.83 -18.12 15.88
C VAL B 395 0.36 -17.76 16.05
N GLU B 396 -0.20 -18.13 17.20
CA GLU B 396 -1.58 -17.84 17.54
C GLU B 396 -1.63 -16.81 18.66
N PHE B 397 -2.83 -16.29 18.94
CA PHE B 397 -2.96 -15.15 19.84
C PHE B 397 -4.14 -15.28 20.81
N TRP B 398 -4.73 -16.46 20.95
CA TRP B 398 -5.78 -16.70 21.93
C TRP B 398 -5.30 -17.73 22.93
N ILE B 399 -5.30 -17.38 24.21
CA ILE B 399 -4.76 -18.22 25.26
C ILE B 399 -5.76 -18.29 26.41
N PRO B 400 -6.28 -19.47 26.75
CA PRO B 400 -7.26 -19.56 27.85
C PRO B 400 -6.63 -19.60 29.23
N THR B 401 -6.35 -18.43 29.80
CA THR B 401 -5.80 -18.33 31.15
C THR B 401 -6.75 -17.55 32.04
N ILE B 402 -6.33 -17.32 33.28
CA ILE B 402 -7.10 -16.60 34.26
C ILE B 402 -6.51 -15.21 34.45
N GLY B 403 -7.35 -14.24 34.80
CA GLY B 403 -6.89 -12.89 34.99
C GLY B 403 -8.04 -11.98 35.36
N ASN B 404 -7.75 -10.68 35.37
CA ASN B 404 -8.75 -9.68 35.75
C ASN B 404 -9.91 -9.69 34.77
N THR B 405 -11.13 -9.62 35.31
CA THR B 405 -12.34 -9.63 34.50
C THR B 405 -12.81 -8.24 34.10
N THR B 406 -12.19 -7.18 34.62
CA THR B 406 -12.57 -5.83 34.25
C THR B 406 -11.99 -5.47 32.89
N TYR B 407 -12.79 -4.78 32.08
CA TYR B 407 -12.37 -4.35 30.76
C TYR B 407 -12.80 -2.90 30.54
N HIS B 408 -11.98 -2.17 29.79
CA HIS B 408 -12.28 -0.77 29.49
C HIS B 408 -11.51 -0.37 28.24
N ASP B 409 -12.18 0.41 27.38
CA ASP B 409 -11.56 0.92 26.16
C ASP B 409 -12.27 2.21 25.75
N SER B 410 -11.69 2.89 24.78
CA SER B 410 -12.26 4.14 24.29
C SER B 410 -12.20 4.18 22.78
N TRP B 411 -13.17 4.86 22.17
CA TRP B 411 -13.22 5.01 20.73
C TRP B 411 -12.14 5.94 20.19
N LYS B 412 -11.48 6.71 21.06
CA LYS B 412 -10.45 7.63 20.63
C LYS B 412 -9.13 6.93 20.29
N ASP B 413 -8.92 5.72 20.81
CA ASP B 413 -7.68 4.98 20.57
C ASP B 413 -7.86 3.99 19.42
N ALA B 414 -8.05 4.54 18.22
CA ALA B 414 -8.22 3.76 17.01
C ALA B 414 -6.98 3.91 16.14
N SER B 415 -6.58 2.81 15.50
CA SER B 415 -5.38 2.80 14.67
C SER B 415 -5.70 3.41 13.30
N GLY B 416 -4.75 3.31 12.37
CA GLY B 416 -4.89 3.88 11.05
C GLY B 416 -6.05 3.32 10.25
N TRP B 417 -6.87 4.22 9.70
CA TRP B 417 -7.99 3.90 8.81
C TRP B 417 -9.10 3.15 9.52
N SER B 418 -8.90 2.83 10.80
CA SER B 418 -10.01 2.34 11.62
C SER B 418 -10.79 3.51 12.21
N PHE B 419 -10.07 4.56 12.63
CA PHE B 419 -10.73 5.77 13.10
C PHE B 419 -11.59 6.39 12.01
N ILE B 420 -11.04 6.52 10.80
CA ILE B 420 -11.79 7.11 9.69
C ILE B 420 -13.01 6.27 9.37
N ALA B 421 -12.84 4.95 9.29
CA ALA B 421 -13.97 4.08 8.96
C ALA B 421 -15.05 4.15 10.01
N GLN B 422 -14.67 4.21 11.30
CA GLN B 422 -15.66 4.20 12.36
C GLN B 422 -16.36 5.54 12.49
N GLN B 423 -15.65 6.65 12.23
CA GLN B 423 -16.20 7.97 12.44
C GLN B 423 -16.59 8.68 11.16
N LYS B 424 -16.65 7.96 10.03
CA LYS B 424 -17.08 8.58 8.78
C LYS B 424 -18.49 9.14 8.89
N SER B 425 -19.42 8.36 9.45
CA SER B 425 -20.81 8.82 9.54
C SER B 425 -20.92 10.02 10.47
N ASN B 426 -20.23 10.00 11.61
CA ASN B 426 -20.29 11.11 12.54
C ASN B 426 -19.66 12.37 11.93
N LEU B 427 -18.57 12.20 11.19
CA LEU B 427 -17.96 13.33 10.51
C LEU B 427 -18.91 13.92 9.47
N ILE B 428 -19.59 13.06 8.71
CA ILE B 428 -20.55 13.53 7.72
C ILE B 428 -21.67 14.31 8.41
N THR B 429 -22.18 13.77 9.52
CA THR B 429 -23.25 14.45 10.24
C THR B 429 -22.79 15.80 10.77
N THR B 430 -21.58 15.87 11.33
CA THR B 430 -21.07 17.14 11.84
C THR B 430 -20.89 18.15 10.72
N MET B 431 -20.35 17.72 9.59
CA MET B 431 -20.12 18.63 8.47
C MET B 431 -21.44 19.13 7.89
N GLU B 432 -22.43 18.26 7.74
CA GLU B 432 -23.69 18.66 7.12
C GLU B 432 -24.52 19.53 8.06
N ASN B 433 -24.63 19.12 9.33
CA ASN B 433 -25.47 19.86 10.27
C ASN B 433 -24.94 21.28 10.49
N THR B 434 -23.63 21.43 10.61
CA THR B 434 -23.01 22.74 10.77
C THR B 434 -22.72 23.30 9.39
N LYS B 435 -23.53 24.26 8.96
CA LYS B 435 -23.34 24.93 7.67
C LYS B 435 -22.15 25.89 7.76
N PHE B 436 -20.96 25.31 7.55
CA PHE B 436 -19.71 26.06 7.67
C PHE B 436 -19.74 27.31 6.79
N GLY B 437 -19.37 28.43 7.40
CA GLY B 437 -19.41 29.70 6.70
C GLY B 437 -19.32 30.85 7.69
N GLY B 438 -19.62 32.05 7.20
CA GLY B 438 -19.52 33.24 8.03
C GLY B 438 -20.81 33.62 8.72
N VAL B 439 -21.46 32.64 9.37
CA VAL B 439 -22.71 32.87 10.09
C VAL B 439 -22.58 32.56 11.57
N GLY B 440 -21.88 31.49 11.94
CA GLY B 440 -21.68 31.16 13.34
C GLY B 440 -20.85 32.22 14.03
N THR B 441 -21.43 32.84 15.06
CA THR B 441 -20.76 33.94 15.75
C THR B 441 -20.91 33.88 17.26
N SER B 442 -21.50 32.80 17.79
CA SER B 442 -21.64 32.65 19.24
C SER B 442 -20.35 32.22 19.92
N LEU B 443 -19.25 32.15 19.17
CA LEU B 443 -17.96 31.74 19.69
C LEU B 443 -17.07 32.88 20.14
N SER B 444 -17.51 34.13 19.96
CA SER B 444 -16.70 35.30 20.29
C SER B 444 -16.81 35.70 21.76
N ASP B 445 -17.55 34.94 22.57
CA ASP B 445 -17.69 35.27 23.99
C ASP B 445 -17.44 34.04 24.85
N ILE B 446 -17.74 34.15 26.14
CA ILE B 446 -17.46 33.09 27.10
C ILE B 446 -18.79 32.49 27.53
N THR B 447 -18.74 31.38 28.28
CA THR B 447 -19.95 30.64 28.65
C THR B 447 -20.91 31.44 29.53
N SER B 448 -20.57 32.68 29.89
CA SER B 448 -21.46 33.48 30.72
C SER B 448 -22.77 33.76 30.01
N MET B 449 -22.71 34.10 28.72
CA MET B 449 -23.89 34.56 27.99
C MET B 449 -24.98 33.50 27.93
N ALA B 450 -24.65 32.23 28.19
CA ALA B 450 -25.68 31.20 28.21
C ALA B 450 -26.73 31.48 29.28
N GLU B 451 -26.29 31.88 30.47
CA GLU B 451 -27.20 32.10 31.58
C GLU B 451 -27.40 33.57 31.93
N GLY B 452 -26.38 34.40 31.80
CA GLY B 452 -26.45 35.78 32.26
C GLY B 452 -27.56 36.60 31.63
N GLU B 453 -27.45 36.83 30.32
CA GLU B 453 -28.44 37.65 29.63
C GLU B 453 -29.82 37.00 29.63
N LEU B 454 -29.85 35.66 29.60
CA LEU B 454 -31.14 34.97 29.62
C LEU B 454 -31.88 35.23 30.93
N ALA B 455 -31.20 35.02 32.06
CA ALA B 455 -31.82 35.27 33.36
C ALA B 455 -32.14 36.75 33.55
N ALA B 456 -31.25 37.64 33.08
CA ALA B 456 -31.51 39.07 33.23
C ALA B 456 -32.74 39.49 32.43
N LYS B 457 -32.89 38.97 31.21
CA LYS B 457 -34.10 39.22 30.44
C LYS B 457 -35.34 38.66 31.12
N LEU B 458 -35.23 37.46 31.69
CA LEU B 458 -36.36 36.87 32.40
C LEU B 458 -36.80 37.79 33.54
N THR B 459 -35.86 38.22 34.38
CA THR B 459 -36.19 39.12 35.48
C THR B 459 -36.75 40.44 35.00
N SER B 460 -36.15 41.02 33.94
CA SER B 460 -36.63 42.29 33.40
C SER B 460 -38.07 42.17 32.96
N PHE B 461 -38.39 41.10 32.22
CA PHE B 461 -39.77 40.88 31.80
C PHE B 461 -40.70 40.69 33.00
N MET B 462 -40.25 39.96 34.02
CA MET B 462 -41.11 39.70 35.17
C MET B 462 -41.45 40.99 35.92
N PHE B 463 -40.47 41.87 36.15
CA PHE B 463 -40.88 43.07 36.86
C PHE B 463 -41.37 44.18 35.94
N GLY B 464 -41.26 44.01 34.62
CA GLY B 464 -41.87 44.98 33.72
C GLY B 464 -43.30 44.64 33.37
N HIS B 465 -43.70 43.38 33.55
CA HIS B 465 -45.06 42.96 33.26
C HIS B 465 -46.05 43.60 34.22
N HIS C 1 -18.42 -8.05 13.29
CA HIS C 1 -17.66 -7.16 14.15
C HIS C 1 -16.69 -7.94 15.02
N CYS C 2 -15.42 -7.58 14.97
CA CYS C 2 -14.42 -8.23 15.81
C CYS C 2 -14.38 -7.53 17.16
N ASN C 3 -13.35 -7.85 17.95
CA ASN C 3 -13.18 -7.26 19.26
C ASN C 3 -11.73 -6.82 19.44
N ALA C 4 -11.53 -5.81 20.28
CA ALA C 4 -10.22 -5.33 20.65
C ALA C 4 -10.02 -5.60 22.13
N GLN C 5 -8.78 -5.94 22.50
CA GLN C 5 -8.50 -6.40 23.85
C GLN C 5 -7.24 -5.74 24.38
N MET C 6 -6.85 -6.16 25.58
CA MET C 6 -5.68 -5.62 26.27
C MET C 6 -4.41 -6.42 26.02
N LYS C 7 -4.49 -7.52 25.28
CA LYS C 7 -3.34 -8.38 25.09
C LYS C 7 -2.51 -7.92 23.90
N THR C 8 -1.21 -7.74 24.12
CA THR C 8 -0.31 -7.23 23.10
C THR C 8 1.03 -7.94 23.23
N GLY C 9 2.03 -7.47 22.48
CA GLY C 9 3.38 -7.99 22.57
C GLY C 9 4.30 -7.34 21.56
N PRO C 10 5.50 -6.94 22.00
CA PRO C 10 6.43 -6.29 21.08
C PRO C 10 6.99 -7.26 20.06
N TYR C 11 7.24 -6.77 18.86
CA TYR C 11 7.68 -7.61 17.76
C TYR C 11 8.46 -6.78 16.74
N LYS C 12 9.18 -7.49 15.87
CA LYS C 12 9.89 -6.88 14.75
C LYS C 12 9.84 -7.84 13.58
N ILE C 13 9.86 -7.28 12.37
CA ILE C 13 9.72 -8.07 11.15
C ILE C 13 11.08 -8.55 10.69
N LYS C 14 11.18 -9.84 10.38
CA LYS C 14 12.40 -10.46 9.88
C LYS C 14 12.21 -10.84 8.42
N ASN C 15 13.23 -10.58 7.60
CA ASN C 15 13.15 -10.83 6.17
C ASN C 15 13.07 -12.32 5.89
N LEU C 16 12.38 -12.68 4.81
CA LEU C 16 12.28 -14.07 4.39
C LEU C 16 13.64 -14.59 3.94
N ASP C 17 13.89 -15.87 4.18
CA ASP C 17 15.17 -16.50 3.88
C ASP C 17 15.17 -17.02 2.45
N ILE C 18 16.22 -16.69 1.71
CA ILE C 18 16.43 -17.17 0.34
C ILE C 18 17.67 -18.04 0.34
N THR C 19 17.49 -19.32 0.06
CA THR C 19 18.62 -20.25 0.06
C THR C 19 19.40 -20.12 -1.24
N PRO C 20 20.71 -19.86 -1.18
CA PRO C 20 21.49 -19.74 -2.40
C PRO C 20 21.63 -21.10 -3.07
N PRO C 21 21.80 -21.13 -4.40
CA PRO C 21 21.97 -22.42 -5.09
C PRO C 21 23.27 -23.11 -4.68
N LYS C 22 23.23 -24.43 -4.70
CA LYS C 22 24.38 -25.23 -4.32
C LYS C 22 25.40 -25.28 -5.46
N GLU C 23 26.63 -25.65 -5.09
CA GLU C 23 27.73 -25.81 -6.04
C GLU C 23 28.00 -24.52 -6.81
N THR C 24 28.37 -23.48 -6.05
CA THR C 24 28.69 -22.19 -6.64
C THR C 24 30.04 -22.26 -7.35
N LEU C 25 30.22 -21.37 -8.32
CA LEU C 25 31.48 -21.29 -9.04
C LEU C 25 32.61 -20.86 -8.11
N GLN C 26 33.84 -21.07 -8.56
CA GLN C 26 35.04 -20.74 -7.80
C GLN C 26 35.53 -19.35 -8.17
N LYS C 27 35.78 -18.53 -7.15
CA LYS C 27 36.24 -17.16 -7.34
C LYS C 27 37.76 -17.12 -7.20
N ASP C 28 38.43 -16.79 -8.31
CA ASP C 28 39.89 -16.81 -8.32
C ASP C 28 40.50 -15.63 -9.08
N VAL C 29 39.74 -14.58 -9.35
CA VAL C 29 40.22 -13.41 -10.09
C VAL C 29 40.13 -12.20 -9.17
N GLU C 30 41.22 -11.46 -9.08
CA GLU C 30 41.28 -10.30 -8.20
C GLU C 30 40.77 -9.05 -8.91
N ILE C 31 39.93 -8.28 -8.23
CA ILE C 31 39.35 -7.06 -8.77
C ILE C 31 39.61 -5.91 -7.81
N THR C 32 40.01 -4.77 -8.34
CA THR C 32 40.26 -3.58 -7.54
C THR C 32 39.01 -2.73 -7.46
N ILE C 33 38.61 -2.36 -6.24
CA ILE C 33 37.40 -1.59 -5.99
C ILE C 33 37.76 -0.37 -5.16
N VAL C 34 37.31 0.80 -5.59
CA VAL C 34 37.52 2.05 -4.88
C VAL C 34 36.18 2.74 -4.65
N GLU C 35 35.94 3.17 -3.43
CA GLU C 35 34.69 3.85 -3.09
C GLU C 35 34.94 4.81 -1.95
N THR C 36 34.07 5.81 -1.84
CA THR C 36 34.18 6.83 -0.81
C THR C 36 33.71 6.29 0.54
N ASP C 37 34.35 6.79 1.60
CA ASP C 37 33.99 6.37 2.95
C ASP C 37 32.65 6.96 3.36
N TYR C 38 31.95 6.24 4.24
CA TYR C 38 30.67 6.68 4.76
C TYR C 38 30.92 7.64 5.93
N ASN C 39 30.44 8.87 5.80
CA ASN C 39 30.66 9.89 6.84
C ASN C 39 29.62 10.99 6.67
N GLU C 40 28.85 11.25 7.73
CA GLU C 40 27.83 12.28 7.70
C GLU C 40 28.44 13.67 7.49
N ASN C 41 29.25 14.09 8.46
CA ASN C 41 30.01 15.35 8.50
C ASN C 41 29.26 16.55 7.92
N VAL C 42 27.96 16.63 8.17
CA VAL C 42 27.14 17.81 7.88
C VAL C 42 26.23 18.05 9.08
N ILE C 43 26.15 19.30 9.51
CA ILE C 43 25.40 19.66 10.72
C ILE C 43 24.24 20.56 10.33
N ILE C 44 23.06 20.27 10.89
CA ILE C 44 21.85 21.04 10.63
C ILE C 44 21.21 21.42 11.96
N GLY C 45 20.82 22.68 12.08
CA GLY C 45 20.16 23.15 13.29
C GLY C 45 19.22 24.30 12.99
N TYR C 46 18.25 24.46 13.88
CA TYR C 46 17.27 25.54 13.76
C TYR C 46 16.67 25.82 15.13
N LYS C 47 16.06 27.00 15.25
CA LYS C 47 15.49 27.45 16.51
C LYS C 47 14.48 28.56 16.23
N GLY C 48 13.38 28.54 16.97
CA GLY C 48 12.36 29.57 16.82
C GLY C 48 11.48 29.61 18.05
N TYR C 49 10.54 30.56 18.04
CA TYR C 49 9.61 30.71 19.16
C TYR C 49 8.31 31.33 18.65
N TYR C 50 7.27 31.20 19.46
CA TYR C 50 5.96 31.75 19.16
C TYR C 50 5.47 32.55 20.36
N GLN C 51 4.94 33.75 20.09
CA GLN C 51 4.49 34.65 21.14
C GLN C 51 3.10 35.17 20.82
N ALA C 52 2.29 35.32 21.86
CA ALA C 52 0.95 35.87 21.73
C ALA C 52 0.71 36.87 22.86
N TYR C 53 0.16 38.03 22.51
CA TYR C 53 -0.16 39.08 23.47
C TYR C 53 -1.62 39.46 23.31
N ALA C 54 -2.35 39.53 24.44
CA ALA C 54 -3.78 39.74 24.39
C ALA C 54 -4.22 40.66 25.52
N TYR C 55 -5.31 41.39 25.30
CA TYR C 55 -5.85 42.26 26.36
C TYR C 55 -7.33 42.59 26.05
N ASN C 56 -8.23 41.72 26.47
CA ASN C 56 -9.68 41.98 26.27
C ASN C 56 -10.00 43.35 26.86
N GLY C 57 -9.39 43.69 27.99
CA GLY C 57 -9.77 44.96 28.65
C GLY C 57 -11.28 45.11 28.60
N GLY C 58 -12.01 44.07 29.00
CA GLY C 58 -13.48 44.09 28.97
C GLY C 58 -14.00 43.53 27.67
N SER C 59 -15.28 43.76 27.37
CA SER C 59 -15.89 43.29 26.10
C SER C 59 -16.53 44.47 25.38
N LEU C 60 -17.30 44.21 24.31
CA LEU C 60 -18.02 45.32 23.62
C LEU C 60 -17.08 46.53 23.54
N ASP C 61 -15.78 46.30 23.33
CA ASP C 61 -14.82 47.44 23.37
C ASP C 61 -13.76 47.26 22.29
N PRO C 62 -13.05 48.34 21.86
CA PRO C 62 -11.95 48.20 20.92
C PRO C 62 -10.68 47.85 21.71
N ASN C 63 -10.74 47.99 23.04
CA ASN C 63 -9.57 47.69 23.91
C ASN C 63 -9.30 46.19 24.00
N THR C 64 -10.03 45.38 23.22
CA THR C 64 -9.78 43.91 23.19
C THR C 64 -9.11 43.41 21.91
N ARG C 65 -8.08 42.56 22.04
CA ARG C 65 -7.43 41.99 20.84
C ARG C 65 -6.42 40.92 21.26
N VAL C 66 -6.11 39.98 20.36
CA VAL C 66 -5.08 38.94 20.65
C VAL C 66 -4.14 38.88 19.46
N GLU C 67 -3.02 39.60 19.51
CA GLU C 67 -2.06 39.62 18.41
C GLU C 67 -0.94 38.66 18.71
N GLU C 68 -0.49 37.93 17.69
CA GLU C 68 0.56 36.93 17.85
C GLU C 68 1.61 37.11 16.76
N THR C 69 2.85 36.80 17.12
CA THR C 69 3.98 36.89 16.20
C THR C 69 4.79 35.60 16.27
N MET C 70 5.32 35.19 15.12
CA MET C 70 6.20 34.03 15.03
C MET C 70 7.53 34.47 14.44
N LYS C 71 8.63 34.11 15.10
CA LYS C 71 9.95 34.55 14.70
C LYS C 71 10.88 33.35 14.55
N THR C 72 11.87 33.50 13.68
CA THR C 72 12.89 32.49 13.45
C THR C 72 14.26 33.13 13.66
N LEU C 73 15.14 32.42 14.35
CA LEU C 73 16.44 32.94 14.74
C LEU C 73 17.56 32.11 14.12
N ASN C 74 18.67 32.76 13.84
CA ASN C 74 19.86 32.09 13.33
C ASN C 74 20.65 31.47 14.48
N VAL C 75 21.55 30.56 14.14
CA VAL C 75 22.39 29.87 15.10
C VAL C 75 23.85 30.14 14.77
N GLY C 76 24.63 30.52 15.79
CA GLY C 76 26.02 30.83 15.59
C GLY C 76 26.89 29.59 15.43
N LYS C 77 28.16 29.83 15.10
CA LYS C 77 29.11 28.74 14.90
C LYS C 77 29.37 28.00 16.21
N GLU C 78 29.73 28.74 17.27
CA GLU C 78 30.04 28.11 18.55
C GLU C 78 28.82 27.39 19.11
N ASP C 79 27.64 28.01 19.01
CA ASP C 79 26.43 27.38 19.51
C ASP C 79 26.14 26.08 18.77
N LEU C 80 26.25 26.09 17.44
CA LEU C 80 25.95 24.88 16.67
C LEU C 80 26.97 23.78 16.93
N LEU C 81 28.25 24.13 17.02
CA LEU C 81 29.26 23.13 17.34
C LEU C 81 29.05 22.55 18.74
N MET C 82 28.71 23.39 19.71
CA MET C 82 28.47 22.90 21.06
C MET C 82 27.25 22.00 21.10
N TRP C 83 26.20 22.36 20.34
CA TRP C 83 25.03 21.49 20.22
C TRP C 83 25.42 20.15 19.62
N SER C 84 26.21 20.16 18.56
CA SER C 84 26.63 18.91 17.93
C SER C 84 27.42 18.04 18.89
N ILE C 85 28.28 18.67 19.69
CA ILE C 85 29.04 17.92 20.68
C ILE C 85 28.10 17.31 21.74
N ARG C 86 27.15 18.12 22.24
CA ARG C 86 26.26 17.64 23.30
C ARG C 86 25.00 16.97 22.78
N GLN C 87 24.67 17.14 21.50
CA GLN C 87 23.44 16.59 20.92
C GLN C 87 22.20 17.09 21.68
N GLN C 88 22.17 18.40 21.91
CA GLN C 88 21.09 19.03 22.66
C GLN C 88 20.93 20.47 22.20
N CYS C 89 19.79 21.05 22.54
CA CYS C 89 19.53 22.47 22.31
C CYS C 89 19.84 23.25 23.58
N GLU C 90 19.89 24.57 23.42
CA GLU C 90 19.99 25.52 24.53
C GLU C 90 18.87 26.54 24.32
N VAL C 91 17.76 26.36 25.04
CA VAL C 91 16.51 27.02 24.72
C VAL C 91 15.98 27.70 25.97
N GLY C 92 15.06 28.64 25.77
CA GLY C 92 14.53 29.47 26.83
C GLY C 92 13.43 28.80 27.64
N GLU C 93 12.65 29.64 28.32
CA GLU C 93 11.66 29.20 29.30
C GLU C 93 10.26 29.20 28.69
N GLU C 94 9.42 28.31 29.19
CA GLU C 94 8.04 28.17 28.76
C GLU C 94 7.12 28.97 29.68
N LEU C 95 6.25 29.78 29.09
CA LEU C 95 5.28 30.57 29.83
C LEU C 95 3.87 30.14 29.46
N ILE C 96 3.09 29.74 30.47
CA ILE C 96 1.73 29.26 30.28
C ILE C 96 0.81 30.04 31.20
N ASP C 97 -0.11 30.82 30.63
CA ASP C 97 -1.18 31.49 31.35
C ASP C 97 -0.63 32.35 32.49
N ARG C 98 0.15 33.36 32.10
CA ARG C 98 0.74 34.29 33.04
C ARG C 98 -0.15 35.53 33.15
N TRP C 99 -0.69 35.76 34.34
CA TRP C 99 -1.46 36.97 34.60
C TRP C 99 -0.61 38.20 34.36
N GLY C 100 -1.12 39.14 33.57
CA GLY C 100 -0.38 40.37 33.43
C GLY C 100 -0.84 41.45 34.38
N SER C 101 -0.22 41.50 35.54
CA SER C 101 -0.28 42.61 36.48
C SER C 101 1.11 42.99 36.95
N ASP C 102 1.99 42.01 37.18
CA ASP C 102 3.40 42.23 37.45
C ASP C 102 4.26 41.19 36.74
N SER C 103 3.68 40.44 35.80
CA SER C 103 4.37 39.34 35.12
C SER C 103 4.28 39.59 33.62
N ASP C 104 5.30 40.25 33.08
CA ASP C 104 5.43 40.45 31.64
C ASP C 104 6.71 39.81 31.15
N ASP C 105 6.95 38.57 31.58
CA ASP C 105 8.19 37.87 31.26
C ASP C 105 8.36 37.62 29.77
N CYS C 106 7.29 37.73 28.97
CA CYS C 106 7.37 37.54 27.53
C CYS C 106 7.95 38.76 26.82
N PHE C 107 8.51 39.71 27.55
CA PHE C 107 9.13 40.89 26.97
C PHE C 107 10.60 41.06 27.34
N ARG C 108 11.17 40.20 28.18
CA ARG C 108 12.53 40.37 28.65
C ARG C 108 13.51 39.35 28.08
N ASP C 109 13.03 38.25 27.52
CA ASP C 109 13.89 37.21 26.96
C ASP C 109 13.62 37.09 25.47
N ASN C 110 14.69 37.18 24.67
CA ASN C 110 14.59 37.04 23.23
C ASN C 110 15.63 36.11 22.62
N GLU C 111 16.61 35.65 23.41
CA GLU C 111 17.62 34.73 22.88
C GLU C 111 17.22 33.28 23.17
N GLY C 112 16.89 32.98 24.42
CA GLY C 112 16.55 31.63 24.81
C GLY C 112 17.69 30.95 25.53
N ARG C 113 17.64 30.93 26.87
CA ARG C 113 18.72 30.39 27.67
C ARG C 113 18.14 29.66 28.88
N GLY C 114 18.91 28.70 29.40
CA GLY C 114 18.61 28.04 30.67
C GLY C 114 18.35 26.55 30.55
N GLN C 115 17.64 26.13 29.51
CA GLN C 115 17.16 24.76 29.39
C GLN C 115 17.86 24.03 28.25
N TRP C 116 18.27 22.79 28.52
CA TRP C 116 18.90 21.93 27.53
C TRP C 116 17.96 20.74 27.28
N VAL C 117 17.60 20.53 26.02
CA VAL C 117 16.68 19.45 25.64
C VAL C 117 17.22 18.76 24.39
N LYS C 118 16.73 17.55 24.16
CA LYS C 118 17.07 16.75 22.99
C LYS C 118 16.15 17.00 21.80
N GLY C 119 15.18 17.90 21.94
CA GLY C 119 14.23 18.14 20.87
C GLY C 119 12.87 18.53 21.41
N LYS C 120 12.30 19.62 20.89
CA LYS C 120 11.07 20.18 21.41
C LYS C 120 10.26 20.80 20.28
N GLU C 121 8.96 20.56 20.28
CA GLU C 121 8.05 21.19 19.32
C GLU C 121 7.12 22.16 20.04
N LEU C 122 6.93 23.33 19.43
CA LEU C 122 6.13 24.39 20.04
C LEU C 122 4.65 24.09 19.88
N VAL C 123 3.88 24.43 20.91
CA VAL C 123 2.42 24.36 20.89
C VAL C 123 1.88 25.75 21.15
N LYS C 124 0.89 26.16 20.35
CA LYS C 124 0.33 27.50 20.41
C LYS C 124 -1.05 27.43 21.06
N ARG C 125 -1.27 28.30 22.05
CA ARG C 125 -2.55 28.36 22.74
C ARG C 125 -2.83 29.82 23.10
N GLN C 126 -4.11 30.19 23.00
CA GLN C 126 -4.54 31.54 23.33
C GLN C 126 -5.70 31.49 24.31
N ASN C 127 -5.62 32.29 25.37
CA ASN C 127 -6.68 32.40 26.36
C ASN C 127 -6.60 33.80 26.98
N ASN C 128 -7.65 34.59 26.78
CA ASN C 128 -7.68 35.95 27.29
C ASN C 128 -8.98 36.24 28.04
N ASN C 129 -9.36 35.33 28.94
CA ASN C 129 -10.62 35.49 29.67
C ASN C 129 -10.51 36.46 30.84
N HIS C 130 -9.32 36.95 31.16
CA HIS C 130 -9.16 37.89 32.27
C HIS C 130 -9.24 39.32 31.74
N PHE C 131 -10.38 39.98 31.99
CA PHE C 131 -10.63 41.27 31.37
C PHE C 131 -9.82 42.40 32.02
N ALA C 132 -9.64 42.34 33.34
CA ALA C 132 -9.05 43.46 34.06
C ALA C 132 -7.56 43.64 33.81
N HIS C 133 -6.89 42.64 33.24
CA HIS C 133 -5.44 42.66 33.12
C HIS C 133 -5.02 42.09 31.77
N HIS C 134 -3.70 42.02 31.57
CA HIS C 134 -3.11 41.46 30.36
C HIS C 134 -2.80 39.98 30.52
N THR C 135 -2.42 39.35 29.41
CA THR C 135 -1.99 37.96 29.42
C THR C 135 -1.13 37.72 28.19
N CYS C 136 -0.18 36.79 28.32
CA CYS C 136 0.68 36.45 27.19
C CYS C 136 1.23 35.05 27.37
N ASN C 137 1.50 34.39 26.24
CA ASN C 137 2.03 33.04 26.21
C ASN C 137 3.26 33.00 25.31
N LYS C 138 4.10 31.99 25.53
CA LYS C 138 5.32 31.83 24.74
C LYS C 138 5.68 30.36 24.64
N SER C 139 6.20 29.97 23.48
CA SER C 139 6.66 28.61 23.23
C SER C 139 7.99 28.68 22.50
N TRP C 140 8.62 27.51 22.32
CA TRP C 140 9.98 27.47 21.80
C TRP C 140 10.15 26.25 20.91
N ARG C 141 11.29 26.22 20.20
CA ARG C 141 11.57 25.21 19.17
C ARG C 141 12.99 24.68 19.35
N CYS C 142 13.19 23.42 18.96
CA CYS C 142 14.49 22.76 18.98
C CYS C 142 14.71 21.95 17.72
N GLY C 143 15.98 21.69 17.42
CA GLY C 143 16.35 20.86 16.28
C GLY C 143 17.84 20.69 16.11
N ILE C 144 18.26 19.45 15.88
CA ILE C 144 19.66 19.13 15.63
C ILE C 144 19.72 17.76 14.98
N SER C 145 20.51 17.66 13.90
CA SER C 145 20.63 16.41 13.16
C SER C 145 21.84 16.49 12.25
N THR C 146 22.16 15.36 11.61
CA THR C 146 23.26 15.25 10.67
C THR C 146 22.79 14.51 9.42
N SER C 147 23.51 14.75 8.31
CA SER C 147 23.17 14.12 7.05
C SER C 147 24.45 13.98 6.22
N LYS C 148 24.40 13.08 5.23
CA LYS C 148 25.53 12.86 4.35
C LYS C 148 25.49 13.84 3.18
N MET C 149 26.66 14.10 2.60
CA MET C 149 26.81 15.05 1.51
C MET C 149 26.69 14.35 0.17
N TYR C 150 25.98 14.99 -0.76
CA TYR C 150 25.89 14.52 -2.13
C TYR C 150 27.26 14.62 -2.79
N SER C 151 27.79 13.50 -3.27
CA SER C 151 29.16 13.45 -3.76
C SER C 151 29.23 12.54 -4.99
N ARG C 152 30.40 12.52 -5.61
CA ARG C 152 30.67 11.68 -6.77
C ARG C 152 32.16 11.41 -6.83
N LEU C 153 32.51 10.23 -7.36
CA LEU C 153 33.89 9.77 -7.41
C LEU C 153 34.28 9.48 -8.85
N GLU C 154 35.46 9.99 -9.25
CA GLU C 154 35.99 9.75 -10.58
C GLU C 154 37.48 9.49 -10.49
N CYS C 155 37.99 8.69 -11.42
CA CYS C 155 39.39 8.33 -11.45
C CYS C 155 39.90 8.37 -12.89
N GLN C 156 41.19 8.64 -13.03
CA GLN C 156 41.85 8.68 -14.34
C GLN C 156 42.66 7.41 -14.57
N ASP C 157 42.94 7.13 -15.84
CA ASP C 157 43.62 5.90 -16.25
C ASP C 157 45.13 6.05 -16.28
N ASP C 158 45.63 7.14 -16.84
CA ASP C 158 47.07 7.29 -17.07
C ASP C 158 47.87 7.54 -15.80
N THR C 159 47.22 7.87 -14.68
CA THR C 159 47.92 8.19 -13.44
C THR C 159 47.38 7.44 -12.22
N ASP C 160 46.14 6.97 -12.25
CA ASP C 160 45.54 6.22 -11.14
C ASP C 160 45.43 7.08 -9.87
N GLU C 161 44.95 8.31 -10.05
CA GLU C 161 44.59 9.19 -8.95
C GLU C 161 43.09 9.43 -8.96
N CYS C 162 42.48 9.39 -7.79
CA CYS C 162 41.04 9.55 -7.65
C CYS C 162 40.73 10.78 -6.83
N GLN C 163 39.60 11.42 -7.14
CA GLN C 163 39.18 12.64 -6.46
C GLN C 163 37.68 12.58 -6.22
N VAL C 164 37.23 13.31 -5.21
CA VAL C 164 35.82 13.34 -4.81
C VAL C 164 35.29 14.74 -5.07
N TYR C 165 34.13 14.82 -5.72
CA TYR C 165 33.49 16.07 -6.06
C TYR C 165 32.23 16.27 -5.24
N ILE C 166 31.96 17.52 -4.88
CA ILE C 166 30.75 17.90 -4.14
C ILE C 166 29.74 18.44 -5.15
N LEU C 167 28.55 17.85 -5.15
CA LEU C 167 27.53 18.15 -6.15
C LEU C 167 26.40 18.96 -5.54
N ASP C 168 25.78 19.79 -6.38
CA ASP C 168 24.61 20.58 -6.00
C ASP C 168 23.35 19.78 -6.30
N ALA C 169 22.20 20.46 -6.27
CA ALA C 169 20.93 19.79 -6.53
C ALA C 169 20.86 19.21 -7.94
N GLU C 170 21.35 19.95 -8.93
CA GLU C 170 21.33 19.48 -10.30
C GLU C 170 22.46 18.49 -10.61
N GLY C 171 23.44 18.36 -9.73
CA GLY C 171 24.53 17.43 -9.94
C GLY C 171 25.73 18.04 -10.65
N ASN C 172 26.17 19.20 -10.18
CA ASN C 172 27.32 19.87 -10.75
C ASN C 172 28.34 20.19 -9.67
N PRO C 173 29.62 20.01 -9.94
CA PRO C 173 30.64 20.34 -8.94
C PRO C 173 30.65 21.82 -8.60
N ILE C 174 30.92 22.11 -7.32
CA ILE C 174 30.91 23.48 -6.81
C ILE C 174 31.96 23.59 -5.71
N ASN C 175 32.50 24.80 -5.56
CA ASN C 175 33.38 25.10 -4.43
C ASN C 175 32.57 25.25 -3.15
N VAL C 176 33.02 24.57 -2.10
CA VAL C 176 32.42 24.70 -0.77
C VAL C 176 33.52 24.94 0.24
N THR C 177 33.36 25.96 1.07
CA THR C 177 34.35 26.28 2.09
C THR C 177 34.10 25.44 3.34
N VAL C 178 35.15 24.82 3.85
CA VAL C 178 35.03 23.93 5.00
C VAL C 178 35.05 24.74 6.28
N ASP C 179 34.26 24.30 7.26
CA ASP C 179 34.23 24.88 8.60
C ASP C 179 33.78 26.34 8.56
N THR C 180 32.56 26.54 8.07
CA THR C 180 31.94 27.87 8.04
C THR C 180 30.44 27.70 8.18
N VAL C 181 29.77 28.82 8.47
CA VAL C 181 28.34 28.82 8.77
C VAL C 181 27.59 29.42 7.59
N LEU C 182 26.51 28.75 7.17
CA LEU C 182 25.67 29.21 6.08
C LEU C 182 24.22 29.20 6.53
N HIS C 183 23.49 30.26 6.21
CA HIS C 183 22.09 30.39 6.58
C HIS C 183 21.24 30.50 5.32
N ARG C 184 20.14 29.74 5.29
CA ARG C 184 19.20 29.79 4.19
C ARG C 184 17.90 29.12 4.63
N ASP C 185 16.78 29.73 4.28
CA ASP C 185 15.45 29.17 4.52
C ASP C 185 15.23 28.85 6.00
N GLY C 186 15.83 29.65 6.88
CA GLY C 186 15.60 29.51 8.31
C GLY C 186 16.36 28.40 9.00
N VAL C 187 17.40 27.85 8.35
CA VAL C 187 18.23 26.82 8.98
C VAL C 187 19.69 27.21 8.81
N SER C 188 20.53 26.61 9.64
CA SER C 188 21.97 26.85 9.63
C SER C 188 22.70 25.53 9.41
N MET C 189 23.71 25.55 8.54
CA MET C 189 24.44 24.35 8.17
C MET C 189 25.94 24.63 8.19
N ILE C 190 26.70 23.60 8.57
CA ILE C 190 28.16 23.67 8.64
C ILE C 190 28.72 22.40 8.02
N LEU C 191 29.74 22.55 7.19
CA LEU C 191 30.44 21.42 6.58
C LEU C 191 31.84 21.31 7.15
N LYS C 192 32.25 20.08 7.48
CA LYS C 192 33.57 19.81 8.03
C LYS C 192 34.03 18.44 7.57
N GLN C 193 35.33 18.18 7.71
CA GLN C 193 35.91 16.85 7.49
C GLN C 193 35.61 16.35 6.07
N LYS C 194 36.22 17.04 5.11
CA LYS C 194 36.06 16.69 3.70
C LYS C 194 36.23 15.19 3.46
N SER C 195 35.52 14.68 2.48
CA SER C 195 35.35 13.25 2.30
C SER C 195 36.65 12.57 1.87
N THR C 196 36.73 11.28 2.15
CA THR C 196 37.88 10.45 1.79
C THR C 196 37.37 9.13 1.25
N PHE C 197 38.28 8.35 0.67
CA PHE C 197 37.95 7.07 0.06
C PHE C 197 38.93 6.00 0.54
N THR C 198 38.79 4.80 -0.02
CA THR C 198 39.63 3.67 0.34
C THR C 198 39.70 2.71 -0.83
N THR C 199 40.68 1.80 -0.77
CA THR C 199 40.92 0.83 -1.83
C THR C 199 41.03 -0.56 -1.23
N ARG C 200 40.53 -1.55 -1.96
CA ARG C 200 40.55 -2.93 -1.49
C ARG C 200 40.50 -3.86 -2.70
N GLN C 201 40.83 -5.13 -2.44
CA GLN C 201 40.83 -6.17 -3.47
C GLN C 201 39.75 -7.20 -3.15
N ILE C 202 39.06 -7.65 -4.19
CA ILE C 202 37.96 -8.59 -4.04
C ILE C 202 38.11 -9.71 -5.08
N LYS C 203 37.94 -10.94 -4.63
CA LYS C 203 37.96 -12.08 -5.54
C LYS C 203 36.61 -12.22 -6.24
N ALA C 204 36.65 -12.64 -7.51
CA ALA C 204 35.45 -12.78 -8.30
C ALA C 204 35.65 -13.89 -9.33
N ALA C 205 34.54 -14.34 -9.90
CA ALA C 205 34.54 -15.40 -10.91
C ALA C 205 34.30 -14.77 -12.28
N CYS C 206 35.12 -15.16 -13.25
CA CYS C 206 35.05 -14.59 -14.60
C CYS C 206 35.09 -15.69 -15.63
N LEU C 207 34.51 -15.40 -16.79
CA LEU C 207 34.46 -16.34 -17.90
C LEU C 207 34.63 -15.56 -19.21
N LEU C 208 34.62 -16.30 -20.31
CA LEU C 208 34.73 -15.72 -21.65
C LEU C 208 33.42 -15.92 -22.40
N ILE C 209 32.91 -14.85 -22.99
CA ILE C 209 31.62 -14.87 -23.68
C ILE C 209 31.96 -14.60 -25.14
N LYS C 210 31.18 -15.20 -26.04
CA LYS C 210 31.38 -15.03 -27.47
C LYS C 210 30.55 -13.81 -27.86
N ASP C 211 31.11 -12.98 -28.74
CA ASP C 211 30.37 -11.83 -29.24
C ASP C 211 29.25 -12.26 -30.18
N ASP C 212 29.52 -13.23 -31.05
CA ASP C 212 28.55 -13.75 -32.00
C ASP C 212 28.20 -15.16 -31.55
N LYS C 213 26.94 -15.37 -31.16
CA LYS C 213 26.56 -16.64 -30.53
C LYS C 213 26.44 -17.77 -31.54
N ASN C 214 25.93 -17.49 -32.74
CA ASN C 214 25.70 -18.53 -33.74
C ASN C 214 26.82 -18.58 -34.79
N ASN C 215 28.05 -18.29 -34.40
CA ASN C 215 29.19 -18.40 -35.33
C ASN C 215 30.41 -18.92 -34.58
N PRO C 216 30.86 -20.14 -34.88
CA PRO C 216 32.09 -20.64 -34.23
C PRO C 216 33.31 -19.86 -34.68
N GLU C 217 34.36 -19.96 -33.87
CA GLU C 217 35.62 -19.26 -34.11
C GLU C 217 35.39 -17.74 -34.18
N SER C 218 34.67 -17.23 -33.18
CA SER C 218 34.35 -15.82 -33.07
C SER C 218 35.19 -15.17 -31.96
N VAL C 219 34.99 -13.88 -31.78
CA VAL C 219 35.73 -13.10 -30.80
C VAL C 219 35.04 -13.21 -29.45
N THR C 220 35.84 -13.38 -28.39
CA THR C 220 35.34 -13.52 -27.04
C THR C 220 35.97 -12.46 -26.14
N ARG C 221 35.24 -12.07 -25.11
CA ARG C 221 35.72 -11.08 -24.14
C ARG C 221 35.33 -11.52 -22.74
N GLU C 222 36.10 -11.03 -21.76
CA GLU C 222 35.91 -11.41 -20.37
C GLU C 222 34.75 -10.71 -19.68
N HIS C 223 33.98 -11.49 -18.93
CA HIS C 223 32.87 -10.98 -18.13
C HIS C 223 32.90 -11.53 -16.71
N CYS C 224 32.59 -10.67 -15.73
CA CYS C 224 32.62 -11.05 -14.33
C CYS C 224 31.35 -10.57 -13.64
N LEU C 225 30.94 -11.31 -12.62
CA LEU C 225 29.78 -11.00 -11.82
C LEU C 225 30.24 -10.42 -10.49
N ILE C 226 29.75 -9.23 -10.14
CA ILE C 226 30.22 -8.57 -8.92
C ILE C 226 29.17 -8.65 -7.83
N ASP C 227 28.03 -7.98 -8.02
CA ASP C 227 26.93 -8.05 -7.06
C ASP C 227 25.65 -8.57 -7.69
N ASN C 228 25.15 -7.92 -8.73
CA ASN C 228 23.95 -8.39 -9.43
C ASN C 228 24.03 -8.13 -10.93
N ASP C 229 25.18 -7.70 -11.45
CA ASP C 229 25.31 -7.34 -12.85
C ASP C 229 26.60 -7.94 -13.39
N ILE C 230 26.61 -8.19 -14.70
CA ILE C 230 27.76 -8.77 -15.39
C ILE C 230 28.46 -7.64 -16.12
N TYR C 231 29.72 -7.40 -15.73
CA TYR C 231 30.49 -6.29 -16.27
C TYR C 231 31.50 -6.79 -17.30
N ASP C 232 31.66 -6.03 -18.37
CA ASP C 232 32.68 -6.33 -19.37
C ASP C 232 34.01 -5.74 -18.91
N LEU C 233 34.96 -6.61 -18.57
CA LEU C 233 36.27 -6.19 -18.10
C LEU C 233 37.37 -6.65 -19.05
N SER C 234 37.08 -6.66 -20.36
CA SER C 234 38.08 -7.05 -21.34
C SER C 234 39.22 -6.04 -21.40
N LYS C 235 38.91 -4.76 -21.22
CA LYS C 235 39.91 -3.70 -21.25
C LYS C 235 40.29 -3.29 -19.84
N ASN C 236 41.55 -2.91 -19.67
CA ASN C 236 42.10 -2.55 -18.37
C ASN C 236 42.02 -1.04 -18.15
N THR C 237 40.78 -0.53 -18.13
CA THR C 237 40.50 0.88 -17.92
C THR C 237 39.47 1.05 -16.83
N TRP C 238 39.54 2.19 -16.14
CA TRP C 238 38.57 2.52 -15.12
C TRP C 238 37.22 2.81 -15.76
N ASN C 239 36.15 2.30 -15.14
CA ASN C 239 34.78 2.55 -15.58
C ASN C 239 33.85 2.46 -14.38
N CYS C 240 33.16 3.56 -14.08
CA CYS C 240 32.40 3.59 -12.84
C CYS C 240 31.39 4.72 -12.84
N LYS C 241 30.42 4.60 -11.92
CA LYS C 241 29.32 5.53 -11.76
C LYS C 241 29.16 5.86 -10.28
N PHE C 242 28.54 7.00 -10.01
CA PHE C 242 28.34 7.51 -8.66
C PHE C 242 29.67 7.53 -7.89
N ASN C 243 29.74 6.82 -6.76
CA ASN C 243 31.00 6.67 -6.02
C ASN C 243 31.23 5.19 -5.72
N ARG C 244 31.71 4.48 -6.73
CA ARG C 244 32.25 3.13 -6.60
C ARG C 244 32.92 2.78 -7.93
N CYS C 245 34.19 2.41 -7.93
CA CYS C 245 34.91 2.24 -9.19
C CYS C 245 35.55 0.86 -9.27
N ILE C 246 35.58 0.31 -10.48
CA ILE C 246 35.97 -1.07 -10.75
C ILE C 246 37.17 -1.06 -11.69
N LYS C 247 38.13 -1.94 -11.43
CA LYS C 247 39.32 -2.05 -12.26
C LYS C 247 39.88 -3.46 -12.17
N ARG C 248 40.37 -3.96 -13.30
CA ARG C 248 41.07 -5.25 -13.36
C ARG C 248 42.43 -5.02 -13.99
N LYS C 249 43.48 -5.45 -13.30
CA LYS C 249 44.84 -5.20 -13.74
C LYS C 249 45.23 -6.17 -14.85
N VAL C 250 46.33 -5.83 -15.55
CA VAL C 250 46.75 -6.60 -16.72
C VAL C 250 47.27 -7.98 -16.32
N GLU C 251 47.98 -8.08 -15.19
CA GLU C 251 48.64 -9.33 -14.83
C GLU C 251 47.62 -10.41 -14.50
N HIS C 252 46.48 -10.04 -13.92
CA HIS C 252 45.46 -11.02 -13.59
C HIS C 252 44.71 -11.42 -14.86
N ARG C 253 44.84 -12.69 -15.23
CA ARG C 253 44.29 -13.20 -16.49
C ARG C 253 43.19 -14.21 -16.20
N VAL C 254 42.58 -14.70 -17.27
CA VAL C 254 41.43 -15.61 -17.20
C VAL C 254 41.76 -16.86 -18.00
N LYS C 255 41.30 -18.02 -17.51
CA LYS C 255 41.55 -19.28 -18.19
C LYS C 255 40.97 -19.27 -19.60
N LYS C 256 41.71 -19.87 -20.54
CA LYS C 256 41.31 -19.87 -21.93
C LYS C 256 40.14 -20.83 -22.16
N ARG C 257 39.39 -20.55 -23.24
CA ARG C 257 38.24 -21.36 -23.64
C ARG C 257 38.65 -22.34 -24.72
N PRO C 258 38.46 -23.64 -24.51
CA PRO C 258 38.88 -24.62 -25.52
C PRO C 258 38.03 -24.51 -26.77
N PRO C 259 38.60 -24.78 -27.93
CA PRO C 259 37.81 -24.75 -29.18
C PRO C 259 36.96 -26.00 -29.33
N THR C 260 36.02 -25.93 -30.26
CA THR C 260 35.13 -27.05 -30.53
C THR C 260 35.92 -28.21 -31.15
N TRP C 261 35.53 -29.43 -30.77
CA TRP C 261 36.18 -30.64 -31.26
C TRP C 261 35.48 -31.17 -32.49
N ARG C 262 36.27 -31.44 -33.53
CA ARG C 262 35.75 -31.97 -34.78
C ARG C 262 36.75 -32.95 -35.37
N HIS C 263 36.27 -33.80 -36.27
CA HIS C 263 37.13 -34.75 -36.94
C HIS C 263 37.93 -34.06 -38.05
N ASN C 264 38.94 -34.76 -38.56
CA ASN C 264 39.94 -34.27 -39.50
C ASN C 264 40.83 -33.19 -38.91
N VAL C 265 40.66 -32.84 -37.64
CA VAL C 265 41.44 -31.77 -37.01
C VAL C 265 42.10 -32.34 -35.76
N ARG C 266 43.39 -32.02 -35.60
CA ARG C 266 44.10 -32.45 -34.41
C ARG C 266 43.46 -31.88 -33.15
N ALA C 267 43.34 -32.72 -32.13
CA ALA C 267 42.62 -32.37 -30.91
C ALA C 267 43.63 -32.07 -29.80
N LYS C 268 44.10 -30.82 -29.75
CA LYS C 268 44.99 -30.33 -28.71
C LYS C 268 46.17 -31.27 -28.48
N TYR C 269 46.40 -31.62 -27.21
CA TYR C 269 47.48 -32.54 -26.87
C TYR C 269 47.17 -33.94 -27.40
N THR C 270 48.23 -34.65 -27.79
CA THR C 270 48.12 -35.98 -28.38
C THR C 270 48.45 -37.03 -27.33
N GLU C 271 47.51 -37.96 -27.13
CA GLU C 271 47.70 -39.10 -26.23
C GLU C 271 47.34 -40.36 -27.01
N GLY C 272 48.35 -41.04 -27.52
CA GLY C 272 48.10 -42.19 -28.37
C GLY C 272 47.73 -43.45 -27.61
N ASP C 273 46.44 -43.79 -27.65
CA ASP C 273 45.87 -44.97 -27.02
C ASP C 273 44.62 -45.35 -27.79
N THR C 274 43.89 -46.33 -27.27
CA THR C 274 42.63 -46.77 -27.86
C THR C 274 41.53 -46.65 -26.81
N ALA C 275 40.47 -45.92 -27.16
CA ALA C 275 39.36 -45.74 -26.25
C ALA C 275 38.44 -46.97 -26.27
N THR C 276 37.67 -47.13 -25.21
CA THR C 276 36.74 -48.23 -25.06
C THR C 276 35.36 -47.70 -24.67
N LYS C 277 34.36 -48.56 -24.76
CA LYS C 277 32.99 -48.16 -24.49
C LYS C 277 32.80 -47.76 -23.03
N GLY C 278 33.54 -48.38 -22.12
CA GLY C 278 33.40 -48.07 -20.71
C GLY C 278 33.71 -46.63 -20.38
N ASP C 279 34.77 -46.09 -20.99
CA ASP C 279 35.12 -44.69 -20.76
C ASP C 279 34.02 -43.76 -21.23
N LEU C 280 33.45 -44.04 -22.42
CA LEU C 280 32.38 -43.21 -22.95
C LEU C 280 31.15 -43.24 -22.05
N MET C 281 30.80 -44.44 -21.57
CA MET C 281 29.65 -44.54 -20.67
C MET C 281 29.91 -43.84 -19.34
N HIS C 282 31.14 -43.91 -18.83
CA HIS C 282 31.49 -43.20 -17.60
C HIS C 282 31.31 -41.69 -17.79
N ILE C 283 31.82 -41.16 -18.91
CA ILE C 283 31.68 -39.74 -19.19
C ILE C 283 30.20 -39.35 -19.30
N GLN C 284 29.43 -40.19 -20.00
CA GLN C 284 28.00 -39.91 -20.16
C GLN C 284 27.29 -39.85 -18.82
N GLU C 285 27.58 -40.81 -17.94
CA GLU C 285 26.94 -40.85 -16.63
C GLU C 285 27.30 -39.62 -15.80
N GLU C 286 28.58 -39.23 -15.81
CA GLU C 286 29.01 -38.06 -15.06
C GLU C 286 28.28 -36.80 -15.55
N LEU C 287 28.20 -36.63 -16.87
CA LEU C 287 27.54 -35.45 -17.41
C LEU C 287 26.05 -35.45 -17.13
N MET C 288 25.41 -36.62 -17.17
CA MET C 288 23.99 -36.70 -16.80
C MET C 288 23.78 -36.28 -15.35
N TYR C 289 24.68 -36.71 -14.45
CA TYR C 289 24.54 -36.33 -13.05
C TYR C 289 24.69 -34.82 -12.88
N GLU C 290 25.64 -34.21 -13.61
CA GLU C 290 25.78 -32.76 -13.56
C GLU C 290 24.51 -32.07 -14.03
N ASN C 291 23.91 -32.56 -15.12
CA ASN C 291 22.66 -32.00 -15.61
C ASN C 291 21.56 -32.13 -14.56
N ASP C 292 21.55 -33.24 -13.83
CA ASP C 292 20.56 -33.42 -12.76
C ASP C 292 20.72 -32.35 -11.68
N LEU C 293 21.97 -32.07 -11.29
CA LEU C 293 22.21 -31.02 -10.31
C LEU C 293 21.68 -29.67 -10.80
N LEU C 294 21.97 -29.34 -12.06
CA LEU C 294 21.48 -28.08 -12.62
C LEU C 294 19.95 -28.03 -12.60
N LYS C 295 19.30 -29.14 -12.96
CA LYS C 295 17.85 -29.19 -12.94
C LYS C 295 17.32 -28.90 -11.54
N MET C 296 17.91 -29.53 -10.52
CA MET C 296 17.47 -29.31 -9.15
C MET C 296 17.56 -27.84 -8.76
N ASN C 297 18.66 -27.19 -9.14
CA ASN C 297 18.75 -25.74 -8.92
C ASN C 297 17.60 -25.01 -9.61
N ILE C 298 17.21 -25.48 -10.79
CA ILE C 298 16.11 -24.84 -11.52
C ILE C 298 14.81 -24.93 -10.71
N GLU C 299 14.48 -26.11 -10.19
CA GLU C 299 13.23 -26.20 -9.42
C GLU C 299 13.29 -25.35 -8.16
N LEU C 300 14.47 -25.26 -7.52
CA LEU C 300 14.58 -24.41 -6.35
C LEU C 300 14.24 -22.96 -6.69
N MET C 301 14.81 -22.45 -7.79
CA MET C 301 14.51 -21.08 -8.19
C MET C 301 13.03 -20.90 -8.50
N HIS C 302 12.42 -21.89 -9.17
CA HIS C 302 11.00 -21.79 -9.49
C HIS C 302 10.14 -21.72 -8.23
N ALA C 303 10.48 -22.52 -7.22
CA ALA C 303 9.72 -22.48 -5.97
C ALA C 303 9.85 -21.12 -5.29
N HIS C 304 11.05 -20.54 -5.29
CA HIS C 304 11.22 -19.21 -4.72
C HIS C 304 10.34 -18.19 -5.44
N ILE C 305 10.34 -18.24 -6.78
CA ILE C 305 9.53 -17.29 -7.56
C ILE C 305 8.04 -17.45 -7.23
N ASN C 306 7.57 -18.69 -7.12
CA ASN C 306 6.17 -18.92 -6.81
C ASN C 306 5.80 -18.35 -5.44
N LYS C 307 6.66 -18.55 -4.44
CA LYS C 307 6.39 -18.00 -3.12
C LYS C 307 6.30 -16.49 -3.16
N LEU C 308 7.23 -15.84 -3.88
CA LEU C 308 7.18 -14.39 -3.99
C LEU C 308 5.90 -13.91 -4.68
N ASN C 309 5.48 -14.64 -5.72
CA ASN C 309 4.26 -14.25 -6.43
C ASN C 309 3.04 -14.32 -5.51
N ASN C 310 2.93 -15.40 -4.73
CA ASN C 310 1.82 -15.52 -3.80
C ASN C 310 1.83 -14.40 -2.77
N MET C 311 3.00 -14.08 -2.23
CA MET C 311 3.08 -13.00 -1.25
C MET C 311 2.66 -11.67 -1.86
N LEU C 312 3.10 -11.38 -3.09
CA LEU C 312 2.75 -10.11 -3.72
C LEU C 312 1.25 -10.02 -3.97
N HIS C 313 0.63 -11.10 -4.42
CA HIS C 313 -0.83 -11.07 -4.63
C HIS C 313 -1.57 -10.85 -3.33
N ASP C 314 -1.15 -11.52 -2.25
CA ASP C 314 -1.79 -11.27 -0.96
C ASP C 314 -1.64 -9.81 -0.55
N LEU C 315 -0.44 -9.26 -0.75
CA LEU C 315 -0.20 -7.85 -0.41
C LEU C 315 -1.15 -6.93 -1.16
N ILE C 316 -1.26 -7.11 -2.49
CA ILE C 316 -2.08 -6.19 -3.27
C ILE C 316 -3.56 -6.34 -2.90
N VAL C 317 -4.01 -7.58 -2.66
CA VAL C 317 -5.40 -7.79 -2.29
C VAL C 317 -5.70 -7.10 -0.97
N SER C 318 -4.80 -7.22 0.00
CA SER C 318 -5.04 -6.57 1.29
C SER C 318 -5.01 -5.06 1.17
N VAL C 319 -4.08 -4.50 0.38
CA VAL C 319 -3.93 -3.05 0.30
C VAL C 319 -5.03 -2.40 -0.52
N ALA C 320 -5.67 -3.13 -1.45
CA ALA C 320 -6.63 -2.51 -2.35
C ALA C 320 -7.83 -1.89 -1.64
N LYS C 321 -8.07 -2.25 -0.37
CA LYS C 321 -9.24 -1.71 0.34
C LYS C 321 -9.15 -0.19 0.51
N VAL C 322 -7.96 0.30 0.88
CA VAL C 322 -7.83 1.74 1.15
C VAL C 322 -7.76 2.53 -0.15
N ASP C 323 -6.91 2.10 -1.08
CA ASP C 323 -6.74 2.79 -2.36
C ASP C 323 -7.66 2.11 -3.38
N GLU C 324 -8.71 2.81 -3.79
CA GLU C 324 -9.69 2.23 -4.69
C GLU C 324 -9.28 2.29 -6.15
N ARG C 325 -8.17 2.96 -6.46
CA ARG C 325 -7.69 3.07 -7.84
C ARG C 325 -6.55 2.13 -8.14
N LEU C 326 -6.18 1.26 -7.20
CA LEU C 326 -5.04 0.37 -7.40
C LEU C 326 -5.33 -0.69 -8.44
N ILE C 327 -6.51 -1.30 -8.38
CA ILE C 327 -6.85 -2.37 -9.33
C ILE C 327 -6.89 -1.83 -10.75
N GLY C 328 -7.49 -0.66 -10.95
CA GLY C 328 -7.51 -0.07 -12.28
C GLY C 328 -6.12 0.28 -12.78
N ASN C 329 -5.28 0.80 -11.90
CA ASN C 329 -3.91 1.15 -12.30
C ASN C 329 -3.12 -0.09 -12.70
N LEU C 330 -3.28 -1.17 -11.94
CA LEU C 330 -2.56 -2.40 -12.28
C LEU C 330 -3.08 -3.03 -13.57
N MET C 331 -4.30 -2.73 -13.97
CA MET C 331 -4.88 -3.25 -15.20
C MET C 331 -4.68 -2.33 -16.39
N ASN C 332 -3.97 -1.21 -16.21
CA ASN C 332 -3.83 -0.17 -17.22
C ASN C 332 -5.19 0.31 -17.72
N ASN C 333 -6.16 0.40 -16.81
CA ASN C 333 -7.50 0.86 -17.11
C ASN C 333 -7.83 2.02 -16.18
N SER C 334 -9.06 2.53 -16.28
CA SER C 334 -9.53 3.65 -15.46
C SER C 334 -10.87 3.26 -14.83
N VAL C 335 -10.80 2.58 -13.68
CA VAL C 335 -11.97 2.17 -12.93
C VAL C 335 -11.71 2.39 -11.45
N SER C 336 -12.80 2.39 -10.68
CA SER C 336 -12.73 2.46 -9.23
C SER C 336 -13.53 1.30 -8.65
N SER C 337 -13.11 0.84 -7.47
CA SER C 337 -13.64 -0.38 -6.89
C SER C 337 -14.18 -0.12 -5.49
N THR C 338 -15.27 -0.82 -5.18
CA THR C 338 -15.83 -0.85 -3.82
C THR C 338 -16.04 -2.31 -3.43
N PHE C 339 -15.84 -2.59 -2.15
CA PHE C 339 -15.79 -3.96 -1.64
C PHE C 339 -17.09 -4.30 -0.91
N LEU C 340 -17.69 -5.43 -1.28
CA LEU C 340 -18.83 -5.97 -0.54
C LEU C 340 -18.40 -6.85 0.62
N SER C 341 -17.23 -7.48 0.52
CA SER C 341 -16.68 -8.31 1.57
C SER C 341 -15.16 -8.28 1.44
N ASP C 342 -14.49 -9.20 2.13
CA ASP C 342 -13.03 -9.26 2.04
C ASP C 342 -12.53 -9.94 0.77
N ASP C 343 -13.43 -10.52 -0.03
CA ASP C 343 -13.02 -11.24 -1.23
C ASP C 343 -13.62 -10.65 -2.49
N THR C 344 -14.90 -10.27 -2.43
CA THR C 344 -15.63 -9.79 -3.59
C THR C 344 -15.68 -8.27 -3.59
N PHE C 345 -15.81 -7.71 -4.79
CA PHE C 345 -15.85 -6.26 -4.96
C PHE C 345 -16.59 -5.92 -6.24
N LEU C 346 -16.83 -4.63 -6.43
CA LEU C 346 -17.49 -4.10 -7.62
C LEU C 346 -16.53 -3.18 -8.36
N LEU C 347 -16.92 -2.79 -9.57
CA LEU C 347 -16.12 -1.89 -10.41
C LEU C 347 -16.99 -0.77 -10.94
N MET C 348 -16.36 0.39 -11.15
CA MET C 348 -17.05 1.58 -11.63
C MET C 348 -16.10 2.43 -12.45
N PRO C 349 -16.46 2.77 -13.69
CA PRO C 349 -15.52 3.46 -14.58
C PRO C 349 -15.61 4.98 -14.52
N CYS C 350 -14.45 5.60 -14.77
CA CYS C 350 -14.34 7.04 -15.00
C CYS C 350 -13.95 7.33 -16.45
N THR C 351 -13.79 8.62 -16.73
CA THR C 351 -13.33 9.10 -18.03
C THR C 351 -11.91 9.65 -17.90
N ASN C 352 -11.34 10.04 -19.03
CA ASN C 352 -10.00 10.60 -19.07
C ASN C 352 -10.04 11.99 -19.73
N PRO C 353 -9.65 13.04 -19.03
CA PRO C 353 -9.65 14.38 -19.63
C PRO C 353 -8.62 14.50 -20.72
N PRO C 354 -8.78 15.46 -21.64
CA PRO C 354 -7.78 15.64 -22.69
C PRO C 354 -6.43 16.07 -22.12
N ALA C 355 -5.38 15.82 -22.89
CA ALA C 355 -4.03 16.14 -22.44
C ALA C 355 -3.89 17.64 -22.19
N HIS C 356 -3.12 17.99 -21.16
CA HIS C 356 -2.95 19.37 -20.77
C HIS C 356 -1.56 19.55 -20.19
N THR C 357 -1.11 20.81 -20.13
CA THR C 357 0.21 21.16 -19.63
C THR C 357 0.19 21.70 -18.21
N SER C 358 -0.93 21.60 -17.51
CA SER C 358 -1.04 22.08 -16.15
C SER C 358 -1.92 21.12 -15.36
N ASN C 359 -2.31 21.52 -14.15
CA ASN C 359 -3.14 20.72 -13.27
C ASN C 359 -4.43 21.44 -12.89
N CYS C 360 -4.95 22.26 -13.80
CA CYS C 360 -6.15 23.04 -13.53
C CYS C 360 -7.10 22.95 -14.72
N TYR C 361 -8.36 22.62 -14.43
CA TYR C 361 -9.41 22.53 -15.45
C TYR C 361 -10.61 23.34 -15.00
N ASN C 362 -10.58 24.65 -15.23
CA ASN C 362 -11.75 25.53 -15.07
C ASN C 362 -12.51 25.23 -13.77
N ASN C 363 -11.86 25.58 -12.65
CA ASN C 363 -12.36 25.36 -11.30
C ASN C 363 -12.26 23.89 -10.90
N SER C 364 -11.26 23.20 -11.44
CA SER C 364 -10.92 21.85 -11.00
C SER C 364 -9.41 21.77 -10.81
N ILE C 365 -8.99 21.07 -9.75
CA ILE C 365 -7.59 20.97 -9.40
C ILE C 365 -7.26 19.51 -9.11
N TYR C 366 -5.99 19.16 -9.28
CA TYR C 366 -5.49 17.81 -9.03
C TYR C 366 -4.67 17.84 -7.73
N LYS C 367 -5.18 17.19 -6.70
CA LYS C 367 -4.50 17.13 -5.41
C LYS C 367 -4.71 15.75 -4.79
N GLU C 368 -3.69 15.27 -4.09
CA GLU C 368 -3.71 13.98 -3.39
C GLU C 368 -4.04 12.84 -4.35
N GLY C 369 -3.63 12.96 -5.61
CA GLY C 369 -3.88 11.92 -6.58
C GLY C 369 -5.28 11.89 -7.13
N ARG C 370 -6.12 12.88 -6.81
CA ARG C 370 -7.50 12.91 -7.27
C ARG C 370 -7.83 14.28 -7.85
N TRP C 371 -8.84 14.30 -8.72
CA TRP C 371 -9.36 15.52 -9.29
C TRP C 371 -10.57 15.97 -8.47
N VAL C 372 -10.51 17.19 -7.93
CA VAL C 372 -11.58 17.73 -7.11
C VAL C 372 -11.91 19.14 -7.59
N ALA C 373 -13.10 19.60 -7.20
CA ALA C 373 -13.51 20.97 -7.52
C ALA C 373 -12.62 21.97 -6.80
N ASN C 374 -12.39 23.11 -7.45
CA ASN C 374 -11.48 24.12 -6.92
C ASN C 374 -12.11 25.49 -7.04
N THR C 375 -11.88 26.33 -6.03
CA THR C 375 -12.30 27.72 -6.06
C THR C 375 -11.13 28.69 -5.95
N ASP C 376 -9.95 28.24 -5.54
CA ASP C 376 -8.77 29.10 -5.48
C ASP C 376 -8.38 29.54 -6.88
N SER C 377 -8.41 30.84 -7.14
CA SER C 377 -8.14 31.34 -8.48
C SER C 377 -6.71 31.04 -8.91
N SER C 378 -5.75 31.27 -8.03
CA SER C 378 -4.33 31.13 -8.38
C SER C 378 -3.72 30.01 -7.54
N GLN C 379 -3.91 28.78 -8.00
CA GLN C 379 -3.11 27.63 -7.55
C GLN C 379 -2.95 26.72 -8.77
N CYS C 380 -1.90 26.96 -9.55
CA CYS C 380 -1.66 26.23 -10.78
C CYS C 380 -0.17 26.24 -11.06
N ILE C 381 0.32 25.12 -11.58
CA ILE C 381 1.74 24.96 -11.93
C ILE C 381 1.82 24.55 -13.39
N ASP C 382 2.68 25.23 -14.14
CA ASP C 382 2.90 24.89 -15.53
C ASP C 382 3.97 23.81 -15.62
N PHE C 383 3.65 22.72 -16.32
CA PHE C 383 4.55 21.58 -16.39
C PHE C 383 5.80 21.92 -17.21
N SER C 384 6.94 21.47 -16.72
CA SER C 384 8.22 21.66 -17.38
C SER C 384 8.87 20.29 -17.62
N ASN C 385 10.11 20.31 -18.10
CA ASN C 385 10.84 19.08 -18.32
C ASN C 385 11.09 18.36 -16.99
N TYR C 386 11.02 17.03 -17.05
CA TYR C 386 11.14 16.20 -15.86
C TYR C 386 12.39 15.33 -15.93
N LYS C 387 12.99 15.10 -14.77
CA LYS C 387 14.07 14.14 -14.67
C LYS C 387 13.52 12.78 -14.25
N GLU C 388 14.34 11.75 -14.41
CA GLU C 388 13.95 10.40 -14.04
C GLU C 388 15.06 9.80 -13.18
N LEU C 389 14.65 9.11 -12.12
CA LEU C 389 15.60 8.52 -11.18
C LEU C 389 15.11 7.14 -10.78
N ALA C 390 16.06 6.29 -10.40
CA ALA C 390 15.75 4.97 -9.86
C ALA C 390 15.84 4.99 -8.34
N ILE C 391 15.45 3.87 -7.74
CA ILE C 391 15.46 3.76 -6.28
C ILE C 391 16.87 3.78 -5.74
N ASP C 392 17.84 3.29 -6.50
CA ASP C 392 19.22 3.11 -6.04
C ASP C 392 20.17 4.10 -6.70
N ASP C 393 19.76 5.36 -6.83
CA ASP C 393 20.58 6.35 -7.51
C ASP C 393 21.50 7.13 -6.59
N ASP C 394 21.40 6.96 -5.27
CA ASP C 394 22.31 7.55 -4.29
C ASP C 394 22.34 9.08 -4.43
N VAL C 395 21.20 9.69 -4.14
CA VAL C 395 21.03 11.13 -4.22
C VAL C 395 20.70 11.67 -2.83
N GLU C 396 21.31 12.80 -2.49
CA GLU C 396 21.09 13.48 -1.23
C GLU C 396 20.32 14.78 -1.46
N PHE C 397 19.87 15.39 -0.36
CA PHE C 397 18.94 16.52 -0.47
C PHE C 397 19.26 17.66 0.48
N TRP C 398 20.45 17.69 1.10
CA TRP C 398 20.88 18.79 1.93
C TRP C 398 22.11 19.43 1.30
N ILE C 399 22.03 20.73 1.02
CA ILE C 399 23.08 21.46 0.32
C ILE C 399 23.38 22.75 1.06
N PRO C 400 24.59 22.95 1.56
CA PRO C 400 24.91 24.18 2.30
C PRO C 400 25.23 25.36 1.40
N THR C 401 24.21 26.09 0.95
CA THR C 401 24.40 27.29 0.13
C THR C 401 23.83 28.50 0.85
N ILE C 402 23.86 29.63 0.16
CA ILE C 402 23.35 30.89 0.69
C ILE C 402 22.03 31.21 0.01
N GLY C 403 21.16 31.93 0.72
CA GLY C 403 19.87 32.29 0.17
C GLY C 403 19.06 33.07 1.18
N ASN C 404 17.79 33.29 0.83
CA ASN C 404 16.90 34.06 1.68
C ASN C 404 16.69 33.37 3.02
N THR C 405 16.74 34.15 4.10
CA THR C 405 16.58 33.64 5.45
C THR C 405 15.13 33.63 5.92
N THR C 406 14.20 34.21 5.16
CA THR C 406 12.81 34.21 5.56
C THR C 406 12.16 32.86 5.24
N TYR C 407 11.33 32.40 6.16
CA TYR C 407 10.63 31.13 6.00
C TYR C 407 9.17 31.30 6.40
N HIS C 408 8.30 30.57 5.71
CA HIS C 408 6.86 30.62 6.01
C HIS C 408 6.21 29.35 5.49
N ASP C 409 5.27 28.82 6.28
CA ASP C 409 4.53 27.63 5.90
C ASP C 409 3.18 27.66 6.62
N SER C 410 2.30 26.74 6.23
CA SER C 410 0.98 26.65 6.82
C SER C 410 0.64 25.19 7.08
N TRP C 411 -0.16 24.97 8.12
CA TRP C 411 -0.61 23.61 8.45
C TRP C 411 -1.64 23.07 7.47
N LYS C 412 -2.20 23.92 6.61
CA LYS C 412 -3.19 23.48 5.63
C LYS C 412 -2.58 22.74 4.46
N ASP C 413 -1.29 22.93 4.20
CA ASP C 413 -0.61 22.29 3.07
C ASP C 413 0.12 21.04 3.52
N ALA C 414 -0.67 20.05 3.93
CA ALA C 414 -0.16 18.76 4.38
C ALA C 414 -0.48 17.70 3.34
N SER C 415 0.46 16.78 3.13
CA SER C 415 0.30 15.73 2.13
C SER C 415 -0.58 14.62 2.69
N GLY C 416 -0.68 13.51 1.96
CA GLY C 416 -1.51 12.39 2.34
C GLY C 416 -1.13 11.75 3.67
N TRP C 417 -2.13 11.57 4.54
CA TRP C 417 -2.00 10.89 5.82
C TRP C 417 -1.12 11.67 6.81
N SER C 418 -0.55 12.78 6.36
CA SER C 418 0.10 13.69 7.30
C SER C 418 -0.92 14.66 7.88
N PHE C 419 -1.86 15.13 7.05
CA PHE C 419 -2.95 15.96 7.54
C PHE C 419 -3.78 15.22 8.57
N ILE C 420 -4.15 13.97 8.28
CA ILE C 420 -4.97 13.19 9.21
C ILE C 420 -4.22 12.97 10.52
N ALA C 421 -2.94 12.59 10.43
CA ALA C 421 -2.16 12.32 11.63
C ALA C 421 -2.01 13.58 12.48
N GLN C 422 -1.80 14.73 11.84
CA GLN C 422 -1.57 15.96 12.59
C GLN C 422 -2.86 16.51 13.18
N GLN C 423 -3.99 16.34 12.49
CA GLN C 423 -5.25 16.93 12.92
C GLN C 423 -6.21 15.92 13.54
N LYS C 424 -5.74 14.71 13.86
CA LYS C 424 -6.60 13.72 14.50
C LYS C 424 -7.14 14.25 15.84
N SER C 425 -6.26 14.81 16.67
CA SER C 425 -6.69 15.29 17.98
C SER C 425 -7.68 16.44 17.86
N ASN C 426 -7.41 17.38 16.95
CA ASN C 426 -8.31 18.51 16.75
C ASN C 426 -9.66 18.05 16.21
N LEU C 427 -9.65 17.08 15.29
CA LEU C 427 -10.91 16.53 14.79
C LEU C 427 -11.69 15.85 15.91
N ILE C 428 -11.01 15.10 16.76
CA ILE C 428 -11.68 14.45 17.89
C ILE C 428 -12.29 15.49 18.81
N THR C 429 -11.54 16.55 19.10
CA THR C 429 -12.06 17.61 19.97
C THR C 429 -13.27 18.29 19.36
N THR C 430 -13.21 18.60 18.05
CA THR C 430 -14.34 19.23 17.40
C THR C 430 -15.57 18.34 17.40
N MET C 431 -15.39 17.04 17.11
CA MET C 431 -16.52 16.12 17.09
C MET C 431 -17.13 15.95 18.47
N GLU C 432 -16.30 15.83 19.51
CA GLU C 432 -16.83 15.58 20.85
C GLU C 432 -17.48 16.83 21.43
N ASN C 433 -16.82 17.99 21.30
CA ASN C 433 -17.35 19.20 21.88
C ASN C 433 -18.68 19.59 21.26
N THR C 434 -18.80 19.47 19.94
CA THR C 434 -20.06 19.76 19.25
C THR C 434 -20.89 18.48 19.22
N LYS C 435 -21.93 18.44 20.06
CA LYS C 435 -22.85 17.30 20.10
C LYS C 435 -23.75 17.34 18.87
N PHE C 436 -23.24 16.77 17.78
CA PHE C 436 -23.94 16.78 16.51
C PHE C 436 -25.35 16.20 16.65
N GLY C 437 -26.31 16.91 16.11
CA GLY C 437 -27.71 16.53 16.25
C GLY C 437 -28.62 17.68 15.89
N GLY C 438 -29.89 17.52 16.23
CA GLY C 438 -30.89 18.54 15.91
C GLY C 438 -31.11 19.55 17.02
N VAL C 439 -30.03 20.11 17.57
CA VAL C 439 -30.11 21.10 18.62
C VAL C 439 -29.49 22.43 18.20
N GLY C 440 -28.36 22.41 17.49
CA GLY C 440 -27.75 23.64 17.04
C GLY C 440 -28.64 24.35 16.03
N THR C 441 -29.04 25.58 16.36
CA THR C 441 -29.96 26.32 15.50
C THR C 441 -29.58 27.79 15.35
N SER C 442 -28.43 28.20 15.87
CA SER C 442 -27.98 29.58 15.71
C SER C 442 -27.40 29.87 14.33
N LEU C 443 -27.50 28.91 13.40
CA LEU C 443 -26.98 29.05 12.06
C LEU C 443 -28.02 29.53 11.05
N SER C 444 -29.26 29.71 11.46
CA SER C 444 -30.34 30.10 10.56
C SER C 444 -30.42 31.60 10.34
N ASP C 445 -29.52 32.37 10.93
CA ASP C 445 -29.54 33.82 10.77
C ASP C 445 -28.16 34.35 10.40
N ILE C 446 -28.00 35.67 10.42
CA ILE C 446 -26.75 36.31 9.99
C ILE C 446 -26.08 36.88 11.24
N THR C 447 -24.85 37.37 11.09
CA THR C 447 -24.05 37.81 12.23
C THR C 447 -24.65 39.02 12.95
N SER C 448 -25.78 39.55 12.49
CA SER C 448 -26.40 40.70 13.15
C SER C 448 -26.83 40.35 14.57
N MET C 449 -27.43 39.17 14.75
CA MET C 449 -28.02 38.81 16.03
C MET C 449 -27.00 38.77 17.17
N ALA C 450 -25.72 38.69 16.85
CA ALA C 450 -24.70 38.71 17.90
C ALA C 450 -24.75 40.01 18.69
N GLU C 451 -24.89 41.14 18.00
CA GLU C 451 -24.88 42.44 18.65
C GLU C 451 -26.24 43.12 18.71
N GLY C 452 -27.09 42.95 17.70
CA GLY C 452 -28.33 43.68 17.61
C GLY C 452 -29.27 43.48 18.79
N GLU C 453 -29.77 42.25 18.93
CA GLU C 453 -30.72 41.97 20.00
C GLU C 453 -30.07 42.13 21.37
N LEU C 454 -28.78 41.82 21.50
CA LEU C 454 -28.10 41.98 22.78
C LEU C 454 -28.09 43.44 23.22
N ALA C 455 -27.64 44.34 22.33
CA ALA C 455 -27.63 45.75 22.66
C ALA C 455 -29.03 46.31 22.86
N ALA C 456 -30.00 45.85 22.05
CA ALA C 456 -31.36 46.33 22.21
C ALA C 456 -31.95 45.92 23.56
N LYS C 457 -31.69 44.68 23.97
CA LYS C 457 -32.10 44.24 25.30
C LYS C 457 -31.41 45.03 26.39
N LEU C 458 -30.12 45.31 26.23
CA LEU C 458 -29.41 46.12 27.22
C LEU C 458 -30.05 47.48 27.38
N THR C 459 -30.31 48.17 26.27
CA THR C 459 -30.95 49.48 26.31
C THR C 459 -32.35 49.40 26.90
N SER C 460 -33.13 48.39 26.50
CA SER C 460 -34.49 48.23 27.03
C SER C 460 -34.47 48.08 28.55
N PHE C 461 -33.58 47.23 29.06
CA PHE C 461 -33.45 47.08 30.49
C PHE C 461 -33.02 48.37 31.16
N MET C 462 -32.09 49.10 30.55
CA MET C 462 -31.60 50.34 31.16
C MET C 462 -32.71 51.39 31.29
N PHE C 463 -33.52 51.57 30.24
CA PHE C 463 -34.55 52.60 30.45
C PHE C 463 -35.82 52.04 31.07
N GLY C 464 -35.93 50.72 31.23
CA GLY C 464 -37.06 50.18 31.96
C GLY C 464 -36.80 50.07 33.46
N HIS C 465 -35.53 50.08 33.86
CA HIS C 465 -35.19 50.00 35.27
C HIS C 465 -35.62 51.26 36.01
C1 NAG D . -5.68 -19.77 5.81
C2 NAG D . -5.41 -21.20 5.34
C3 NAG D . -6.71 -21.84 4.88
C4 NAG D . -7.79 -21.73 5.94
C5 NAG D . -7.93 -20.28 6.41
C6 NAG D . -8.88 -20.13 7.57
C7 NAG D . -3.25 -21.87 4.40
C8 NAG D . -3.02 -22.59 5.70
N2 NAG D . -4.42 -21.22 4.29
O3 NAG D . -6.47 -23.22 4.58
O4 NAG D . -9.03 -22.16 5.40
O5 NAG D . -6.66 -19.77 6.84
O6 NAG D . -8.51 -20.96 8.67
O7 NAG D . -2.42 -21.87 3.50
C1 NAG D . -9.53 -23.33 6.07
C2 NAG D . -10.89 -23.65 5.44
C3 NAG D . -10.89 -25.06 4.84
C4 NAG D . -10.42 -26.09 5.85
C5 NAG D . -9.16 -25.61 6.57
C6 NAG D . -8.05 -26.63 6.56
C7 NAG D . -12.90 -22.56 6.34
C8 NAG D . -12.78 -21.62 5.18
N2 NAG D . -11.96 -23.51 6.41
O3 NAG D . -10.04 -25.09 3.69
O4 NAG D . -11.45 -26.34 6.80
O5 NAG D . -8.66 -24.44 5.92
O6 NAG D . -7.43 -26.70 5.28
O7 NAG D . -13.79 -22.47 7.18
C1 NAG D . -11.75 -27.75 6.95
C2 NAG D . -12.17 -28.32 5.60
C3 NAG D . -12.01 -29.83 5.56
C4 NAG D . -11.95 -30.46 6.94
C5 NAG D . -10.96 -29.76 7.88
C6 NAG D . -9.66 -30.53 8.03
C7 NAG D . -14.63 -28.18 5.95
C8 NAG D . -15.92 -27.69 5.40
N2 NAG D . -13.53 -27.91 5.23
O3 NAG D . -10.84 -30.16 4.82
O4 NAG D . -13.24 -30.48 7.54
O5 NAG D . -10.62 -28.46 7.42
O6 NAG D . -9.79 -31.60 8.96
O7 NAG D . -14.59 -28.80 7.02
C1 NAG E . 20.54 2.73 5.27
C2 NAG E . 21.84 1.94 5.17
C3 NAG E . 22.38 1.64 6.57
C4 NAG E . 22.49 2.90 7.40
C5 NAG E . 21.17 3.67 7.37
C6 NAG E . 21.25 5.02 8.06
C7 NAG E . 22.30 0.44 3.28
C8 NAG E . 23.28 1.48 2.82
N2 NAG E . 21.65 0.72 4.42
O3 NAG E . 23.65 1.01 6.46
O4 NAG E . 22.79 2.55 8.75
O5 NAG E . 20.76 3.92 6.02
O6 NAG E . 22.30 5.81 7.51
O7 NAG E . 22.13 -0.60 2.66
C1 NAG E . 24.07 3.06 9.15
C2 NAG E . 24.26 2.67 10.62
C3 NAG E . 25.51 1.82 10.81
C4 NAG E . 26.73 2.47 10.19
C5 NAG E . 26.42 3.00 8.79
C6 NAG E . 27.41 2.54 7.74
C7 NAG E . 23.37 4.18 12.35
C8 NAG E . 22.21 3.24 12.44
N2 NAG E . 24.32 3.86 11.46
O3 NAG E . 25.29 0.54 10.22
O4 NAG E . 27.16 3.56 11.01
O5 NAG E . 25.13 2.51 8.38
O6 NAG E . 27.21 1.17 7.41
O7 NAG E . 23.44 5.19 13.05
C1 NAG E . 28.57 3.47 11.34
C2 NAG E . 28.84 2.15 12.07
C3 NAG E . 30.32 1.76 11.98
C4 NAG E . 31.23 2.96 11.66
C5 NAG E . 30.74 3.79 10.47
C6 NAG E . 31.52 3.50 9.20
C7 NAG E . 28.79 3.04 14.37
C8 NAG E . 28.17 2.87 15.74
N2 NAG E . 28.37 2.17 13.45
O3 NAG E . 30.49 0.75 11.00
O4 NAG E . 31.37 3.79 12.80
O5 NAG E . 29.37 3.54 10.18
O6 NAG E . 32.76 4.18 9.19
O7 NAG E . 29.62 3.91 14.15
C1 NAG F . -1.52 1.29 -21.29
C2 NAG F . -0.78 0.76 -22.51
C3 NAG F . -0.18 1.92 -23.30
C4 NAG F . -1.25 2.96 -23.64
C5 NAG F . -2.01 3.37 -22.38
C6 NAG F . -3.18 4.27 -22.66
C7 NAG F . 0.30 -1.45 -22.50
C8 NAG F . -0.82 -1.88 -23.40
N2 NAG F . 0.27 -0.17 -22.11
O3 NAG F . 0.40 1.42 -24.50
O4 NAG F . -0.63 4.11 -24.19
O5 NAG F . -2.53 2.20 -21.71
O6 NAG F . -4.07 3.69 -23.61
O7 NAG F . 1.18 -2.21 -22.15
C1 NAG F . -1.03 4.32 -25.55
C2 NAG F . -0.35 5.62 -26.01
C3 NAG F . 0.53 5.36 -27.24
C4 NAG F . -0.24 4.65 -28.34
C5 NAG F . -1.05 3.48 -27.76
C6 NAG F . -0.81 2.18 -28.50
C7 NAG F . -1.47 7.76 -25.57
C8 NAG F . -0.52 7.90 -24.41
N2 NAG F . -1.34 6.65 -26.30
O3 NAG F . 1.65 4.58 -26.85
O4 NAG F . -1.13 5.55 -28.98
O5 NAG F . -0.66 3.26 -26.40
O6 NAG F . 0.45 1.62 -28.18
O7 NAG F . -2.30 8.62 -25.83
C1 NAG F . -0.96 5.56 -30.42
C2 NAG F . 0.48 5.92 -30.76
C3 NAG F . 0.83 5.46 -32.18
C4 NAG F . -0.39 5.21 -33.06
C5 NAG F . -1.45 4.33 -32.38
C6 NAG F . -1.44 2.90 -32.86
C7 NAG F . 0.09 8.33 -31.23
C8 NAG F . 0.53 9.72 -30.90
N2 NAG F . 0.74 7.35 -30.60
O3 NAG F . 1.62 4.27 -32.09
O4 NAG F . -0.97 6.44 -33.46
O5 NAG F . -1.27 4.29 -30.95
O6 NAG F . -2.10 2.77 -34.12
O7 NAG F . -0.82 8.11 -32.03
C1 NAG G . -25.60 -9.41 -35.57
C2 NAG G . -26.18 -10.63 -34.86
C3 NAG G . -26.05 -11.87 -35.74
C4 NAG G . -26.66 -11.62 -37.11
C5 NAG G . -26.06 -10.36 -37.73
C6 NAG G . -26.69 -9.98 -39.05
C7 NAG G . -26.21 -11.03 -32.43
C8 NAG G . -27.70 -11.01 -32.54
N2 NAG G . -25.54 -10.85 -33.58
O3 NAG G . -26.71 -12.97 -35.11
O4 NAG G . -26.40 -12.73 -37.97
O5 NAG G . -26.25 -9.25 -36.84
O6 NAG G . -27.25 -8.67 -39.00
O7 NAG G . -25.64 -11.21 -31.37
C1 NAG H . -31.84 -8.88 14.20
C2 NAG H . -32.92 -8.52 15.23
C3 NAG H . -34.19 -9.31 14.96
C4 NAG H . -34.64 -9.12 13.51
C5 NAG H . -33.51 -9.47 12.56
C6 NAG H . -33.85 -9.19 11.11
C7 NAG H . -32.56 -7.85 17.56
C8 NAG H . -33.22 -6.55 17.19
N2 NAG H . -32.45 -8.75 16.58
O3 NAG H . -35.22 -8.87 15.84
O4 NAG H . -35.77 -9.96 13.24
O5 NAG H . -32.35 -8.67 12.87
O6 NAG H . -34.57 -10.27 10.53
O7 NAG H . -32.16 -8.07 18.70
C1 NAG I . -35.89 4.71 -15.99
C2 NAG I . -36.98 5.17 -16.95
C3 NAG I . -37.59 6.48 -16.48
C4 NAG I . -38.07 6.36 -15.04
C5 NAG I . -36.94 5.85 -14.15
C6 NAG I . -37.38 5.58 -12.73
C7 NAG I . -36.58 4.36 -19.24
C8 NAG I . -35.98 4.67 -20.58
N2 NAG I . -36.45 5.31 -18.31
O3 NAG I . -38.68 6.84 -17.32
O4 NAG I . -38.51 7.62 -14.57
O5 NAG I . -36.43 4.61 -14.67
O6 NAG I . -36.68 6.38 -11.80
O7 NAG I . -37.14 3.30 -19.01
C1 NAG J . 1.73 -30.55 32.76
C2 NAG J . 3.07 -29.99 33.24
C3 NAG J . 4.11 -31.11 33.35
C4 NAG J . 3.57 -32.24 34.21
C5 NAG J . 2.21 -32.71 33.70
C6 NAG J . 1.56 -33.75 34.57
C7 NAG J . 3.97 -27.75 32.78
C8 NAG J . 3.92 -27.54 34.26
N2 NAG J . 3.56 -28.94 32.34
O3 NAG J . 5.30 -30.60 33.91
O4 NAG J . 4.47 -33.35 34.19
O5 NAG J . 1.30 -31.60 33.64
O6 NAG J . 0.29 -33.33 35.04
O7 NAG J . 4.37 -26.88 32.01
C1 NAG K . 11.58 18.46 28.64
C2 NAG K . 11.45 19.74 29.46
C3 NAG K . 12.16 19.59 30.80
C4 NAG K . 11.67 18.35 31.52
C5 NAG K . 11.81 17.12 30.63
C6 NAG K . 11.24 15.87 31.24
C7 NAG K . 11.28 22.04 28.60
C8 NAG K . 9.93 22.09 29.26
N2 NAG K . 11.96 20.90 28.73
O3 NAG K . 11.92 20.75 31.59
O4 NAG K . 12.44 18.15 32.71
O5 NAG K . 11.11 17.35 29.40
O6 NAG K . 12.17 15.25 32.11
O7 NAG K . 11.74 23.00 27.98
C1 NAG L . -8.02 -6.79 38.15
C2 NAG L . -8.67 -7.40 39.40
C3 NAG L . -9.86 -6.54 39.83
C4 NAG L . -9.43 -5.08 40.01
C5 NAG L . -8.75 -4.58 38.75
C6 NAG L . -8.18 -3.18 38.91
C7 NAG L . -8.35 -9.82 39.51
C8 NAG L . -8.93 -11.16 39.18
N2 NAG L . -9.09 -8.77 39.16
O3 NAG L . -10.38 -7.06 41.06
O4 NAG L . -10.57 -4.28 40.29
O5 NAG L . -7.65 -5.43 38.41
O6 NAG L . -8.78 -2.27 37.99
O7 NAG L . -7.26 -9.71 40.07
C1 NAG M . 36.71 24.76 -6.99
C2 NAG M . 36.27 25.04 -8.43
C3 NAG M . 37.39 24.71 -9.41
C4 NAG M . 38.67 25.42 -9.01
C5 NAG M . 39.02 25.11 -7.56
C6 NAG M . 40.22 25.87 -7.06
C7 NAG M . 33.98 24.88 -9.32
C8 NAG M . 34.08 26.35 -9.59
N2 NAG M . 35.05 24.31 -8.77
O3 NAG M . 37.00 25.10 -10.72
O4 NAG M . 39.75 24.98 -9.84
O5 NAG M . 37.91 25.48 -6.71
O6 NAG M . 39.90 26.67 -5.93
O7 NAG M . 32.97 24.23 -9.60
C1 NAG N . -12.06 28.71 -18.04
C2 NAG N . -13.14 29.79 -18.13
C3 NAG N . -12.72 30.89 -19.10
C4 NAG N . -11.35 31.44 -18.72
C5 NAG N . -10.34 30.30 -18.61
C6 NAG N . -8.99 30.75 -18.12
C7 NAG N . -15.57 29.47 -17.90
C8 NAG N . -15.49 30.39 -16.72
N2 NAG N . -14.43 29.22 -18.53
O3 NAG N . -13.69 31.94 -19.07
O4 NAG N . -10.90 32.37 -19.69
O5 NAG N . -10.82 29.31 -17.68
O6 NAG N . -8.19 31.27 -19.17
O7 NAG N . -16.63 28.98 -18.27
C1 NAG O . 14.57 36.80 0.34
C2 NAG O . 15.42 38.00 0.75
C3 NAG O . 14.67 38.84 1.78
C4 NAG O . 13.29 39.22 1.27
C5 NAG O . 12.53 37.97 0.83
C6 NAG O . 11.19 38.28 0.18
C7 NAG O . 17.82 37.54 0.52
C8 NAG O . 19.06 37.08 1.23
N2 NAG O . 16.71 37.58 1.27
O3 NAG O . 15.42 40.01 2.07
O4 NAG O . 12.55 39.88 2.28
O5 NAG O . 13.29 37.24 -0.14
O6 NAG O . 10.12 37.72 0.92
O7 NAG O . 17.82 37.87 -0.66
#